data_5ZL6
#
_entry.id   5ZL6
#
_cell.length_a   68.048
_cell.length_b   142.468
_cell.length_c   78.701
_cell.angle_alpha   90.00
_cell.angle_beta   99.30
_cell.angle_gamma   90.00
#
_symmetry.space_group_name_H-M   'P 1 21 1'
#
loop_
_entity.id
_entity.type
_entity.pdbx_description
1 polymer 'Histidine racemase'
2 non-polymer "PYRIDOXAL-5'-PHOSPHATE"
3 water water
#
_entity_poly.entity_id   1
_entity_poly.type   'polypeptide(L)'
_entity_poly.pdbx_seq_one_letter_code
;MNYNAPHRHAVIELSQSAVVHNLKVIKENTHAKEIMAVLKANAFSHGLPEMASLSITAGATRFGMAMLDEALTLRDLGYI
QPIDVLGLTDPRYARLAAERNITLAFSTKESIKAAAEQLAGTGLTLKVSLPVDTGLNRIGFKSREDLVAAIQEVSAQDTL
IFQSMWTHFATADTPNVDYVDFQISEWQRLTHDLPVEPNEKHFANTGIATWYPEKINTDIVRLGIGLFGINGSVPIMSMP
FELIPALSLKAKVVNSKPLKKGDAVGYGAEYHAPNDGYLITIPIGHSDGYPFNGSGMRALVADGQIGHIVGGVAMDQSMI
FVTNPVAVGTTVTLIGRVGDQSITMQDLAEHTQSSIVALMNDFAPRLQRIIVSLEHHHHHH
;
_entity_poly.pdbx_strand_id   A,B,C,D
#
loop_
_chem_comp.id
_chem_comp.type
_chem_comp.name
_chem_comp.formula
PLP non-polymer PYRIDOXAL-5'-PHOSPHATE 'C8 H10 N O6 P'
#
# COMPACT_ATOMS: atom_id res chain seq x y z
N ASN A 2 -4.10 1.62 2.10
CA ASN A 2 -4.31 3.01 2.47
C ASN A 2 -5.50 3.65 1.76
N TYR A 3 -6.38 2.80 1.22
CA TYR A 3 -7.65 3.28 0.68
C TYR A 3 -8.78 3.01 1.65
N ASN A 4 -8.76 1.83 2.27
CA ASN A 4 -9.84 1.44 3.17
C ASN A 4 -9.83 2.30 4.43
N ALA A 5 -11.00 2.45 5.04
CA ALA A 5 -11.10 3.25 6.26
C ALA A 5 -11.59 2.38 7.41
N PRO A 6 -10.67 1.70 8.10
CA PRO A 6 -10.98 0.77 9.19
C PRO A 6 -11.58 1.44 10.42
N HIS A 7 -11.37 2.74 10.59
CA HIS A 7 -11.88 3.42 11.77
C HIS A 7 -13.27 3.99 11.56
N ARG A 8 -13.75 3.93 10.31
CA ARG A 8 -15.12 4.32 10.00
C ARG A 8 -16.04 3.11 10.09
N HIS A 9 -17.13 3.22 10.86
CA HIS A 9 -18.01 2.08 11.02
C HIS A 9 -18.96 1.96 9.83
N ALA A 10 -18.35 1.70 8.67
CA ALA A 10 -19.03 1.33 7.43
C ALA A 10 -18.30 0.14 6.84
N VAL A 11 -19.03 -0.94 6.54
CA VAL A 11 -18.37 -2.15 6.04
C VAL A 11 -19.10 -2.82 4.89
N ILE A 12 -18.33 -3.59 4.13
CA ILE A 12 -18.84 -4.58 3.20
C ILE A 12 -18.65 -5.95 3.81
N GLU A 13 -19.71 -6.72 3.96
CA GLU A 13 -19.54 -8.07 4.49
C GLU A 13 -19.56 -9.06 3.33
N LEU A 14 -18.61 -9.99 3.36
CA LEU A 14 -18.49 -11.00 2.32
C LEU A 14 -18.64 -12.38 2.95
N SER A 15 -19.75 -13.04 2.61
CA SER A 15 -20.09 -14.33 3.18
C SER A 15 -19.24 -15.45 2.57
N GLN A 16 -18.46 -16.13 3.40
CA GLN A 16 -17.70 -17.28 2.94
C GLN A 16 -18.62 -18.41 2.49
N SER A 17 -19.64 -18.71 3.29
CA SER A 17 -20.56 -19.80 2.98
C SER A 17 -21.29 -19.56 1.65
N ALA A 18 -21.58 -18.29 1.34
CA ALA A 18 -22.22 -17.95 0.08
C ALA A 18 -21.33 -18.33 -1.11
N VAL A 19 -20.12 -17.79 -1.12
CA VAL A 19 -19.19 -18.05 -2.22
C VAL A 19 -18.98 -19.55 -2.39
N VAL A 20 -18.84 -20.26 -1.27
CA VAL A 20 -18.66 -21.70 -1.30
C VAL A 20 -19.82 -22.35 -2.05
N HIS A 21 -21.03 -21.97 -1.70
CA HIS A 21 -22.22 -22.52 -2.34
C HIS A 21 -22.29 -22.19 -3.83
N ASN A 22 -21.94 -20.96 -4.18
CA ASN A 22 -22.06 -20.49 -5.56
C ASN A 22 -21.15 -21.26 -6.51
N LEU A 23 -19.91 -21.50 -6.09
CA LEU A 23 -18.98 -22.27 -6.92
C LEU A 23 -19.42 -23.71 -6.99
N LYS A 24 -19.88 -24.25 -5.86
CA LYS A 24 -20.30 -25.65 -5.83
C LYS A 24 -21.39 -25.89 -6.85
N VAL A 25 -22.37 -25.01 -6.84
CA VAL A 25 -23.60 -25.20 -7.57
C VAL A 25 -23.39 -24.96 -9.07
N ILE A 26 -22.50 -24.04 -9.40
CA ILE A 26 -22.18 -23.77 -10.78
C ILE A 26 -21.26 -24.87 -11.32
N LYS A 27 -20.30 -25.28 -10.49
CA LYS A 27 -19.43 -26.39 -10.86
C LYS A 27 -20.23 -27.68 -11.03
N GLU A 28 -21.17 -27.93 -10.12
CA GLU A 28 -22.05 -29.10 -10.23
C GLU A 28 -22.80 -29.10 -11.55
N ASN A 29 -23.32 -27.94 -11.93
CA ASN A 29 -24.18 -27.83 -13.10
C ASN A 29 -23.46 -28.19 -14.40
N THR A 30 -22.14 -28.09 -14.37
CA THR A 30 -21.35 -28.20 -15.57
C THR A 30 -20.35 -29.34 -15.51
N HIS A 31 -20.37 -30.06 -14.39
CA HIS A 31 -19.36 -31.08 -14.12
C HIS A 31 -17.99 -30.60 -14.58
N ALA A 32 -17.63 -29.39 -14.16
CA ALA A 32 -16.31 -28.84 -14.46
C ALA A 32 -15.26 -29.62 -13.68
N LYS A 33 -14.04 -29.62 -14.20
CA LYS A 33 -12.93 -30.24 -13.50
C LYS A 33 -12.11 -29.15 -12.80
N GLU A 34 -11.94 -28.02 -13.48
CA GLU A 34 -11.25 -26.88 -12.89
C GLU A 34 -12.15 -25.66 -12.85
N ILE A 35 -12.14 -24.94 -11.73
CA ILE A 35 -12.78 -23.63 -11.68
C ILE A 35 -11.74 -22.51 -11.63
N MET A 36 -11.78 -21.67 -12.66
CA MET A 36 -10.95 -20.46 -12.70
C MET A 36 -11.74 -19.28 -12.15
N ALA A 37 -11.31 -18.76 -11.01
CA ALA A 37 -11.97 -17.61 -10.42
C ALA A 37 -11.51 -16.34 -11.14
N VAL A 38 -12.45 -15.68 -11.79
CA VAL A 38 -12.17 -14.41 -12.47
C VAL A 38 -12.42 -13.27 -11.51
N LEU A 39 -11.34 -12.71 -10.99
CA LEU A 39 -11.44 -11.68 -9.96
C LEU A 39 -10.89 -10.35 -10.45
N LYS A 40 -11.14 -10.06 -11.73
CA LYS A 40 -10.72 -8.79 -12.31
C LYS A 40 -11.46 -7.62 -11.66
N ALA A 41 -10.87 -6.43 -11.77
CA ALA A 41 -11.49 -5.22 -11.25
C ALA A 41 -11.71 -5.31 -9.74
N ASN A 42 -10.63 -5.58 -9.00
CA ASN A 42 -10.69 -5.76 -7.56
C ASN A 42 -11.77 -6.76 -7.18
N ALA A 43 -11.89 -7.85 -7.93
CA ALA A 43 -12.88 -8.87 -7.66
C ALA A 43 -14.31 -8.33 -7.86
N PHE A 44 -14.58 -7.80 -9.05
CA PHE A 44 -15.87 -7.18 -9.34
C PHE A 44 -16.24 -6.15 -8.27
N SER A 45 -15.21 -5.46 -7.75
CA SER A 45 -15.35 -4.38 -6.76
C SER A 45 -15.71 -4.88 -5.37
N HIS A 46 -15.69 -6.21 -5.18
CA HIS A 46 -16.02 -6.80 -3.89
C HIS A 46 -14.84 -6.83 -2.92
N GLY A 47 -13.62 -6.68 -3.43
CA GLY A 47 -12.44 -6.73 -2.59
C GLY A 47 -11.59 -7.96 -2.89
N LEU A 48 -10.45 -7.74 -3.53
CA LEU A 48 -9.65 -8.85 -4.05
C LEU A 48 -9.01 -9.77 -2.99
N PRO A 49 -8.34 -9.21 -1.97
CA PRO A 49 -7.73 -10.16 -1.02
C PRO A 49 -8.75 -11.11 -0.41
N GLU A 50 -9.93 -10.59 -0.11
CA GLU A 50 -10.99 -11.38 0.49
C GLU A 50 -11.59 -12.39 -0.49
N MET A 51 -11.87 -11.94 -1.72
CA MET A 51 -12.50 -12.83 -2.69
C MET A 51 -11.55 -13.91 -3.17
N ALA A 52 -10.27 -13.58 -3.31
CA ALA A 52 -9.26 -14.55 -3.72
C ALA A 52 -9.20 -15.67 -2.70
N SER A 53 -9.16 -15.28 -1.44
CA SER A 53 -9.14 -16.23 -0.35
C SER A 53 -10.41 -17.08 -0.35
N LEU A 54 -11.56 -16.42 -0.44
CA LEU A 54 -12.82 -17.14 -0.44
C LEU A 54 -12.90 -18.08 -1.64
N SER A 55 -12.43 -17.63 -2.80
CA SER A 55 -12.43 -18.45 -4.01
C SER A 55 -11.66 -19.76 -3.82
N ILE A 56 -10.46 -19.66 -3.28
CA ILE A 56 -9.68 -20.86 -3.00
C ILE A 56 -10.40 -21.74 -1.97
N THR A 57 -10.91 -21.12 -0.91
CA THR A 57 -11.72 -21.87 0.05
C THR A 57 -12.89 -22.57 -0.64
N ALA A 58 -13.55 -21.85 -1.54
CA ALA A 58 -14.70 -22.37 -2.30
C ALA A 58 -14.30 -23.50 -3.25
N GLY A 59 -13.01 -23.59 -3.56
CA GLY A 59 -12.52 -24.68 -4.36
C GLY A 59 -11.99 -24.32 -5.73
N ALA A 60 -11.94 -23.02 -6.04
CA ALA A 60 -11.27 -22.57 -7.25
C ALA A 60 -9.83 -23.03 -7.18
N THR A 61 -9.20 -23.28 -8.32
CA THR A 61 -7.82 -23.76 -8.33
C THR A 61 -6.91 -22.88 -9.19
N ARG A 62 -7.50 -21.90 -9.87
CA ARG A 62 -6.72 -20.95 -10.65
C ARG A 62 -7.43 -19.60 -10.75
N PHE A 63 -6.77 -18.63 -11.35
CA PHE A 63 -7.29 -17.28 -11.43
C PHE A 63 -7.30 -16.72 -12.86
N GLY A 64 -8.28 -15.87 -13.13
CA GLY A 64 -8.29 -15.07 -14.34
C GLY A 64 -8.38 -13.61 -13.96
N MET A 65 -7.51 -12.79 -14.54
CA MET A 65 -7.54 -11.35 -14.29
C MET A 65 -7.53 -10.61 -15.62
N ALA A 66 -7.86 -9.32 -15.58
CA ALA A 66 -7.99 -8.54 -16.81
C ALA A 66 -6.65 -8.07 -17.36
N MET A 67 -5.64 -7.95 -16.49
CA MET A 67 -4.36 -7.37 -16.88
C MET A 67 -3.20 -7.85 -16.01
N LEU A 68 -1.98 -7.56 -16.46
CA LEU A 68 -0.77 -8.02 -15.77
C LEU A 68 -0.66 -7.53 -14.34
N ASP A 69 -0.95 -6.26 -14.11
CA ASP A 69 -0.82 -5.66 -12.78
C ASP A 69 -1.77 -6.31 -11.76
N GLU A 70 -2.94 -6.72 -12.22
CA GLU A 70 -3.86 -7.44 -11.35
C GLU A 70 -3.29 -8.81 -11.03
N ALA A 71 -2.65 -9.42 -12.01
CA ALA A 71 -1.95 -10.69 -11.82
C ALA A 71 -0.80 -10.55 -10.84
N LEU A 72 -0.04 -9.46 -10.96
CA LEU A 72 1.05 -9.21 -10.04
C LEU A 72 0.53 -9.19 -8.63
N THR A 73 -0.58 -8.47 -8.42
CA THR A 73 -1.15 -8.31 -7.10
C THR A 73 -1.43 -9.65 -6.45
N LEU A 74 -2.05 -10.58 -7.17
CA LEU A 74 -2.29 -11.91 -6.63
C LEU A 74 -0.99 -12.58 -6.17
N ARG A 75 0.01 -12.61 -7.05
CA ARG A 75 1.31 -13.16 -6.66
C ARG A 75 1.82 -12.50 -5.38
N ASP A 76 1.71 -11.18 -5.32
CA ASP A 76 2.12 -10.42 -4.15
C ASP A 76 1.27 -10.74 -2.93
N LEU A 77 0.10 -11.32 -3.16
CA LEU A 77 -0.79 -11.73 -2.07
C LEU A 77 -0.41 -13.08 -1.50
N GLY A 78 0.45 -13.81 -2.22
CA GLY A 78 0.95 -15.08 -1.75
C GLY A 78 0.42 -16.29 -2.49
N TYR A 79 -0.36 -16.06 -3.54
CA TYR A 79 -0.92 -17.16 -4.31
C TYR A 79 0.11 -17.70 -5.30
N ILE A 80 0.13 -19.02 -5.45
CA ILE A 80 1.07 -19.68 -6.36
C ILE A 80 0.31 -20.36 -7.51
N GLN A 81 -1.01 -20.38 -7.41
CA GLN A 81 -1.86 -21.01 -8.42
C GLN A 81 -1.72 -20.39 -9.82
N PRO A 82 -2.03 -21.16 -10.88
CA PRO A 82 -2.00 -20.57 -12.22
C PRO A 82 -2.80 -19.27 -12.29
N ILE A 83 -2.30 -18.30 -13.05
CA ILE A 83 -3.02 -17.04 -13.25
C ILE A 83 -3.02 -16.66 -14.73
N ASP A 84 -4.21 -16.53 -15.31
CA ASP A 84 -4.33 -16.11 -16.69
C ASP A 84 -4.69 -14.64 -16.79
N VAL A 85 -3.91 -13.90 -17.57
CA VAL A 85 -4.29 -12.55 -17.95
C VAL A 85 -5.15 -12.68 -19.21
N LEU A 86 -6.40 -12.22 -19.12
CA LEU A 86 -7.36 -12.45 -20.18
C LEU A 86 -7.51 -11.21 -21.06
N GLY A 87 -6.78 -10.16 -20.72
CA GLY A 87 -6.66 -9.00 -21.58
C GLY A 87 -5.31 -9.02 -22.27
N LEU A 88 -4.95 -7.93 -22.94
CA LEU A 88 -3.70 -7.87 -23.68
C LEU A 88 -2.63 -7.08 -22.94
N THR A 89 -1.36 -7.39 -23.21
CA THR A 89 -0.22 -6.84 -22.46
C THR A 89 0.90 -6.33 -23.38
N ASP A 90 1.45 -5.16 -23.06
CA ASP A 90 2.64 -4.64 -23.73
C ASP A 90 3.77 -5.65 -23.59
N PRO A 91 4.34 -6.12 -24.73
CA PRO A 91 5.36 -7.17 -24.75
C PRO A 91 6.61 -6.76 -23.99
N ARG A 92 6.83 -5.45 -23.89
CA ARG A 92 7.97 -4.94 -23.13
C ARG A 92 7.93 -5.44 -21.70
N TYR A 93 6.73 -5.74 -21.22
CA TYR A 93 6.52 -6.14 -19.84
C TYR A 93 6.33 -7.65 -19.72
N ALA A 94 6.52 -8.36 -20.82
CA ALA A 94 6.39 -9.82 -20.81
C ALA A 94 7.30 -10.43 -19.73
N ARG A 95 8.46 -9.81 -19.51
CA ARG A 95 9.44 -10.35 -18.57
C ARG A 95 8.86 -10.56 -17.17
N LEU A 96 8.05 -9.61 -16.72
CA LEU A 96 7.41 -9.70 -15.40
C LEU A 96 6.50 -10.93 -15.29
N ALA A 97 5.68 -11.15 -16.30
CA ALA A 97 4.83 -12.35 -16.33
C ALA A 97 5.67 -13.62 -16.33
N ALA A 98 6.71 -13.62 -17.17
CA ALA A 98 7.63 -14.76 -17.26
C ALA A 98 8.28 -15.08 -15.90
N GLU A 99 8.67 -14.05 -15.16
CA GLU A 99 9.33 -14.22 -13.86
C GLU A 99 8.39 -14.70 -12.74
N ARG A 100 7.08 -14.42 -12.87
CA ARG A 100 6.12 -14.78 -11.83
C ARG A 100 5.07 -15.80 -12.29
N ASN A 101 5.42 -16.61 -13.29
CA ASN A 101 4.55 -17.67 -13.78
C ASN A 101 3.15 -17.19 -14.12
N ILE A 102 3.05 -16.09 -14.86
CA ILE A 102 1.77 -15.55 -15.26
C ILE A 102 1.53 -15.76 -16.76
N THR A 103 0.39 -16.38 -17.08
CA THR A 103 0.03 -16.70 -18.46
C THR A 103 -0.55 -15.47 -19.15
N LEU A 104 0.01 -15.11 -20.30
CA LEU A 104 -0.34 -13.89 -21.01
C LEU A 104 -1.08 -14.16 -22.32
N ALA A 105 -2.15 -13.43 -22.56
CA ALA A 105 -2.88 -13.51 -23.83
C ALA A 105 -2.26 -12.58 -24.87
N PHE A 106 -2.22 -13.06 -26.12
CA PHE A 106 -1.77 -12.24 -27.26
C PHE A 106 -2.74 -12.43 -28.41
N SER A 107 -2.94 -11.38 -29.21
CA SER A 107 -3.92 -11.45 -30.29
C SER A 107 -3.29 -11.22 -31.66
N THR A 108 -1.96 -11.20 -31.70
CA THR A 108 -1.26 -10.78 -32.91
C THR A 108 0.09 -11.50 -33.04
N LYS A 109 0.37 -12.04 -34.22
CA LYS A 109 1.63 -12.74 -34.46
C LYS A 109 2.83 -11.85 -34.13
N GLU A 110 2.76 -10.59 -34.54
CA GLU A 110 3.87 -9.69 -34.32
C GLU A 110 4.08 -9.38 -32.84
N SER A 111 3.02 -9.41 -32.04
CA SER A 111 3.16 -9.14 -30.61
C SER A 111 3.76 -10.35 -29.94
N ILE A 112 3.34 -11.54 -30.37
CA ILE A 112 3.94 -12.78 -29.91
C ILE A 112 5.44 -12.77 -30.19
N LYS A 113 5.80 -12.45 -31.42
CA LYS A 113 7.21 -12.36 -31.79
C LYS A 113 7.92 -11.39 -30.85
N ALA A 114 7.31 -10.22 -30.65
CA ALA A 114 7.91 -9.20 -29.80
C ALA A 114 8.18 -9.72 -28.39
N ALA A 115 7.18 -10.36 -27.79
CA ALA A 115 7.32 -10.83 -26.41
C ALA A 115 8.42 -11.87 -26.28
N ALA A 116 8.58 -12.70 -27.30
CA ALA A 116 9.62 -13.72 -27.31
C ALA A 116 11.01 -13.11 -27.36
N GLU A 117 11.16 -12.06 -28.16
CA GLU A 117 12.45 -11.41 -28.32
C GLU A 117 12.85 -10.65 -27.06
N GLN A 118 11.85 -10.22 -26.29
CA GLN A 118 12.09 -9.62 -24.99
C GLN A 118 12.79 -10.61 -24.06
N LEU A 119 12.45 -11.89 -24.22
CA LEU A 119 12.95 -12.92 -23.31
C LEU A 119 14.23 -13.56 -23.83
N ALA A 120 14.47 -13.46 -25.13
CA ALA A 120 15.67 -14.03 -25.72
C ALA A 120 16.88 -13.81 -24.82
N GLY A 121 17.48 -14.91 -24.36
CA GLY A 121 18.73 -14.85 -23.63
C GLY A 121 18.63 -14.60 -22.13
N THR A 122 17.41 -14.51 -21.61
CA THR A 122 17.20 -14.25 -20.19
C THR A 122 17.09 -15.54 -19.38
N GLY A 123 16.94 -16.66 -20.08
CA GLY A 123 16.71 -17.93 -19.43
C GLY A 123 15.27 -18.05 -18.93
N LEU A 124 14.44 -17.09 -19.27
CA LEU A 124 13.05 -17.10 -18.84
C LEU A 124 12.13 -17.75 -19.88
N THR A 125 10.93 -18.09 -19.44
CA THR A 125 9.95 -18.74 -20.27
C THR A 125 8.56 -18.16 -20.02
N LEU A 126 7.81 -17.94 -21.10
CA LEU A 126 6.50 -17.31 -20.99
C LEU A 126 5.37 -18.21 -21.48
N LYS A 127 4.39 -18.46 -20.61
CA LYS A 127 3.19 -19.15 -21.04
C LYS A 127 2.30 -18.18 -21.80
N VAL A 128 1.82 -18.62 -22.95
CA VAL A 128 1.08 -17.78 -23.87
C VAL A 128 -0.31 -18.37 -24.13
N SER A 129 -1.33 -17.50 -24.21
CA SER A 129 -2.65 -17.93 -24.64
C SER A 129 -3.09 -17.13 -25.86
N LEU A 130 -3.88 -17.76 -26.72
CA LEU A 130 -4.35 -17.11 -27.94
C LEU A 130 -5.87 -17.09 -27.97
N PRO A 131 -6.46 -15.96 -27.55
CA PRO A 131 -7.91 -15.86 -27.70
C PRO A 131 -8.31 -15.90 -29.18
N VAL A 132 -9.40 -16.59 -29.47
CA VAL A 132 -10.00 -16.56 -30.80
C VAL A 132 -11.28 -15.76 -30.72
N ASP A 133 -11.40 -14.74 -31.57
CA ASP A 133 -12.63 -13.96 -31.60
C ASP A 133 -13.70 -14.69 -32.42
N THR A 134 -14.79 -15.06 -31.76
CA THR A 134 -15.84 -15.85 -32.40
C THR A 134 -17.15 -15.09 -32.58
N GLY A 135 -17.16 -13.82 -32.20
CA GLY A 135 -18.38 -13.03 -32.28
C GLY A 135 -18.52 -11.90 -31.29
N LEU A 136 -17.74 -11.92 -30.21
CA LEU A 136 -17.74 -10.83 -29.25
C LEU A 136 -17.10 -9.61 -29.89
N ASN A 137 -16.11 -9.86 -30.74
CA ASN A 137 -15.35 -8.81 -31.40
C ASN A 137 -14.71 -7.77 -30.49
N ARG A 138 -14.19 -8.20 -29.34
CA ARG A 138 -13.37 -7.30 -28.54
C ARG A 138 -11.88 -7.56 -28.79
N ILE A 139 -11.45 -8.82 -28.64
CA ILE A 139 -10.07 -9.20 -28.93
C ILE A 139 -9.97 -10.63 -29.43
N GLY A 140 -8.85 -10.95 -30.08
CA GLY A 140 -8.58 -12.30 -30.51
C GLY A 140 -8.37 -12.42 -31.99
N PHE A 141 -7.93 -13.60 -32.42
CA PHE A 141 -7.68 -13.83 -33.83
C PHE A 141 -8.99 -13.94 -34.62
N LYS A 142 -9.00 -13.39 -35.82
CA LYS A 142 -10.23 -13.25 -36.60
C LYS A 142 -10.24 -14.14 -37.84
N SER A 143 -9.16 -14.88 -38.06
CA SER A 143 -9.10 -15.81 -39.19
C SER A 143 -8.25 -17.04 -38.85
N ARG A 144 -8.67 -18.19 -39.35
CA ARG A 144 -7.87 -19.40 -39.15
C ARG A 144 -6.43 -19.13 -39.54
N GLU A 145 -6.24 -18.60 -40.74
CA GLU A 145 -4.93 -18.27 -41.26
C GLU A 145 -4.08 -17.47 -40.27
N ASP A 146 -4.64 -16.38 -39.75
CA ASP A 146 -3.92 -15.58 -38.75
C ASP A 146 -3.58 -16.42 -37.55
N LEU A 147 -4.56 -17.21 -37.08
CA LEU A 147 -4.36 -18.06 -35.92
C LEU A 147 -3.23 -19.06 -36.15
N VAL A 148 -3.28 -19.74 -37.29
CA VAL A 148 -2.29 -20.77 -37.62
C VAL A 148 -0.88 -20.20 -37.75
N ALA A 149 -0.77 -19.00 -38.31
CA ALA A 149 0.51 -18.31 -38.42
C ALA A 149 1.08 -18.01 -37.03
N ALA A 150 0.22 -17.50 -36.15
CA ALA A 150 0.60 -17.14 -34.79
C ALA A 150 1.07 -18.34 -34.00
N ILE A 151 0.37 -19.46 -34.18
CA ILE A 151 0.77 -20.71 -33.54
C ILE A 151 2.14 -21.12 -34.07
N GLN A 152 2.32 -20.99 -35.38
CA GLN A 152 3.62 -21.25 -35.99
C GLN A 152 4.73 -20.46 -35.32
N GLU A 153 4.45 -19.19 -35.02
CA GLU A 153 5.45 -18.32 -34.42
C GLU A 153 5.83 -18.80 -33.02
N VAL A 154 4.83 -19.14 -32.20
CA VAL A 154 5.14 -19.55 -30.83
C VAL A 154 5.88 -20.88 -30.81
N SER A 155 5.65 -21.73 -31.81
CA SER A 155 6.38 -22.99 -31.91
C SER A 155 7.84 -22.78 -32.29
N ALA A 156 8.12 -21.65 -32.94
CA ALA A 156 9.50 -21.34 -33.35
C ALA A 156 10.24 -20.51 -32.30
N GLN A 157 9.55 -20.15 -31.23
CA GLN A 157 10.15 -19.38 -30.14
C GLN A 157 10.35 -20.26 -28.91
N ASP A 158 11.60 -20.52 -28.56
CA ASP A 158 11.93 -21.46 -27.49
C ASP A 158 11.65 -20.90 -26.11
N THR A 159 11.32 -19.62 -26.03
CA THR A 159 11.02 -19.00 -24.74
C THR A 159 9.52 -18.99 -24.47
N LEU A 160 8.75 -19.52 -25.42
CA LEU A 160 7.29 -19.50 -25.29
C LEU A 160 6.71 -20.90 -25.13
N ILE A 161 5.63 -20.98 -24.35
CA ILE A 161 4.85 -22.20 -24.23
C ILE A 161 3.45 -21.93 -24.79
N PHE A 162 2.97 -22.82 -25.65
CA PHE A 162 1.62 -22.73 -26.17
C PHE A 162 0.65 -23.21 -25.10
N GLN A 163 0.28 -22.33 -24.19
CA GLN A 163 -0.49 -22.75 -23.03
C GLN A 163 -1.94 -23.06 -23.37
N SER A 164 -2.61 -22.16 -24.06
CA SER A 164 -4.02 -22.36 -24.33
C SER A 164 -4.56 -21.62 -25.55
N MET A 165 -5.76 -22.03 -25.94
CA MET A 165 -6.60 -21.25 -26.82
C MET A 165 -7.95 -21.13 -26.15
N TRP A 166 -8.64 -20.02 -26.36
CA TRP A 166 -9.93 -19.80 -25.72
C TRP A 166 -10.77 -18.79 -26.48
N THR A 167 -12.08 -18.77 -26.21
CA THR A 167 -12.94 -17.72 -26.73
C THR A 167 -13.99 -17.34 -25.68
N HIS A 168 -14.64 -16.20 -25.89
CA HIS A 168 -15.57 -15.65 -24.90
C HIS A 168 -16.93 -15.35 -25.54
N PHE A 169 -18.00 -15.66 -24.83
CA PHE A 169 -19.36 -15.52 -25.39
C PHE A 169 -20.00 -14.16 -25.12
N ALA A 170 -20.80 -13.71 -26.07
CA ALA A 170 -21.51 -12.43 -25.97
C ALA A 170 -22.92 -12.55 -25.39
N THR A 171 -23.54 -13.72 -25.55
CA THR A 171 -24.97 -13.84 -25.22
C THR A 171 -25.30 -15.09 -24.40
N ALA A 172 -24.29 -15.73 -23.82
CA ALA A 172 -24.49 -16.90 -22.96
C ALA A 172 -25.29 -16.51 -21.72
N ASP A 173 -25.59 -15.22 -21.68
CA ASP A 173 -26.15 -14.50 -20.58
C ASP A 173 -27.64 -14.28 -20.77
N THR A 174 -28.21 -15.01 -21.72
CA THR A 174 -29.24 -14.40 -22.53
C THR A 174 -30.05 -15.46 -23.33
N PRO A 175 -31.30 -15.15 -23.70
CA PRO A 175 -32.11 -16.12 -24.47
C PRO A 175 -31.61 -16.32 -25.90
N ASN A 176 -30.65 -15.51 -26.31
CA ASN A 176 -30.10 -15.58 -27.66
C ASN A 176 -29.20 -16.79 -27.87
N VAL A 177 -29.79 -17.98 -27.80
CA VAL A 177 -29.15 -19.15 -28.36
C VAL A 177 -28.96 -18.83 -29.84
N ASP A 178 -28.06 -19.56 -30.49
CA ASP A 178 -27.81 -19.40 -31.92
C ASP A 178 -27.04 -18.11 -32.26
N TYR A 179 -26.84 -17.23 -31.27
CA TYR A 179 -25.61 -16.44 -31.34
C TYR A 179 -24.58 -17.23 -30.55
N VAL A 180 -25.06 -17.93 -29.53
CA VAL A 180 -24.23 -18.90 -28.84
C VAL A 180 -23.82 -19.97 -29.86
N ASP A 181 -24.80 -20.52 -30.57
CA ASP A 181 -24.52 -21.56 -31.59
C ASP A 181 -23.65 -21.02 -32.72
N PHE A 182 -23.83 -19.74 -33.05
CA PHE A 182 -23.03 -19.08 -34.07
C PHE A 182 -21.56 -19.06 -33.66
N GLN A 183 -21.28 -18.50 -32.48
CA GLN A 183 -19.91 -18.42 -32.00
C GLN A 183 -19.27 -19.81 -31.94
N ILE A 184 -20.08 -20.83 -31.70
CA ILE A 184 -19.56 -22.19 -31.62
C ILE A 184 -19.19 -22.75 -33.00
N SER A 185 -20.00 -22.45 -34.02
CA SER A 185 -19.62 -22.84 -35.37
C SER A 185 -18.47 -21.96 -35.87
N GLU A 186 -18.43 -20.71 -35.44
CA GLU A 186 -17.31 -19.82 -35.74
C GLU A 186 -16.01 -20.39 -35.17
N TRP A 187 -16.09 -20.99 -34.00
CA TRP A 187 -14.94 -21.66 -33.39
C TRP A 187 -14.47 -22.81 -34.26
N GLN A 188 -15.42 -23.64 -34.67
CA GLN A 188 -15.12 -24.78 -35.54
C GLN A 188 -14.45 -24.29 -36.82
N ARG A 189 -14.97 -23.20 -37.37
CA ARG A 189 -14.44 -22.62 -38.59
C ARG A 189 -13.02 -22.11 -38.41
N LEU A 190 -12.83 -21.30 -37.37
CA LEU A 190 -11.57 -20.59 -37.16
C LEU A 190 -10.47 -21.46 -36.58
N THR A 191 -10.83 -22.65 -36.11
CA THR A 191 -9.95 -23.42 -35.23
C THR A 191 -9.74 -24.87 -35.63
N HIS A 192 -10.45 -25.36 -36.64
CA HIS A 192 -10.36 -26.78 -36.98
C HIS A 192 -8.92 -27.21 -37.34
N ASP A 193 -8.60 -28.45 -36.99
CA ASP A 193 -7.23 -29.00 -36.94
C ASP A 193 -6.09 -28.01 -37.17
N LEU A 194 -5.46 -27.66 -36.07
CA LEU A 194 -4.29 -26.80 -36.03
C LEU A 194 -3.05 -27.63 -36.28
N PRO A 195 -1.93 -26.97 -36.62
CA PRO A 195 -0.72 -27.78 -36.82
C PRO A 195 -0.22 -28.37 -35.51
N VAL A 196 -0.62 -27.78 -34.38
CA VAL A 196 -0.32 -28.34 -33.05
C VAL A 196 -1.36 -27.89 -32.03
N GLU A 197 -1.54 -28.69 -30.97
CA GLU A 197 -2.49 -28.38 -29.91
C GLU A 197 -1.86 -27.61 -28.76
N PRO A 198 -2.62 -26.72 -28.12
CA PRO A 198 -2.13 -26.12 -26.88
C PRO A 198 -2.35 -27.07 -25.71
N ASN A 199 -1.78 -26.74 -24.55
CA ASN A 199 -1.97 -27.54 -23.36
C ASN A 199 -3.45 -27.61 -22.93
N GLU A 200 -4.19 -26.54 -23.18
CA GLU A 200 -5.60 -26.49 -22.76
C GLU A 200 -6.43 -25.55 -23.64
N LYS A 201 -7.75 -25.73 -23.59
CA LYS A 201 -8.69 -24.82 -24.22
C LYS A 201 -9.85 -24.58 -23.25
N HIS A 202 -10.36 -23.35 -23.22
CA HIS A 202 -11.50 -23.08 -22.36
C HIS A 202 -12.43 -22.01 -22.93
N PHE A 203 -13.71 -22.13 -22.60
CA PHE A 203 -14.76 -21.43 -23.30
C PHE A 203 -15.76 -20.75 -22.38
N ALA A 204 -16.09 -21.42 -21.29
CA ALA A 204 -17.30 -21.11 -20.52
C ALA A 204 -17.13 -19.98 -19.50
N ASN A 205 -18.05 -19.02 -19.56
CA ASN A 205 -18.24 -18.05 -18.48
C ASN A 205 -19.44 -18.47 -17.63
N THR A 206 -19.85 -17.60 -16.71
CA THR A 206 -20.96 -17.91 -15.83
C THR A 206 -22.19 -18.30 -16.62
N GLY A 207 -22.50 -17.50 -17.64
CA GLY A 207 -23.68 -17.74 -18.47
C GLY A 207 -23.70 -19.13 -19.07
N ILE A 208 -22.60 -19.48 -19.76
CA ILE A 208 -22.48 -20.80 -20.36
C ILE A 208 -22.71 -21.89 -19.33
N ALA A 209 -22.06 -21.74 -18.18
CA ALA A 209 -22.10 -22.75 -17.14
C ALA A 209 -23.50 -22.86 -16.53
N THR A 210 -24.22 -21.74 -16.52
CA THR A 210 -25.55 -21.70 -15.93
C THR A 210 -26.60 -22.18 -16.91
N TRP A 211 -26.73 -21.47 -18.04
CA TRP A 211 -27.85 -21.67 -18.95
C TRP A 211 -27.55 -22.50 -20.18
N TYR A 212 -26.28 -22.73 -20.48
CA TYR A 212 -25.91 -23.50 -21.66
C TYR A 212 -24.81 -24.52 -21.42
N PRO A 213 -24.92 -25.33 -20.35
CA PRO A 213 -23.77 -26.16 -19.96
C PRO A 213 -23.38 -27.21 -21.00
N GLU A 214 -24.32 -27.57 -21.87
CA GLU A 214 -24.10 -28.67 -22.80
C GLU A 214 -23.68 -28.21 -24.19
N LYS A 215 -23.59 -26.89 -24.40
CA LYS A 215 -23.28 -26.36 -25.72
C LYS A 215 -21.82 -26.58 -26.09
N ILE A 216 -20.96 -26.70 -25.08
CA ILE A 216 -19.52 -26.70 -25.33
C ILE A 216 -18.75 -27.23 -24.14
N ASN A 217 -17.49 -27.59 -24.36
CA ASN A 217 -16.64 -28.12 -23.30
C ASN A 217 -16.60 -27.20 -22.08
N THR A 218 -16.93 -27.76 -20.91
CA THR A 218 -16.89 -26.99 -19.66
C THR A 218 -15.95 -27.61 -18.62
N ASP A 219 -14.91 -28.29 -19.07
CA ASP A 219 -13.94 -28.86 -18.13
C ASP A 219 -13.25 -27.74 -17.36
N ILE A 220 -12.92 -26.65 -18.07
CA ILE A 220 -12.43 -25.43 -17.43
C ILE A 220 -13.49 -24.33 -17.54
N VAL A 221 -13.95 -23.83 -16.39
CA VAL A 221 -14.92 -22.75 -16.36
C VAL A 221 -14.32 -21.43 -15.85
N ARG A 222 -14.44 -20.38 -16.65
CA ARG A 222 -13.98 -19.06 -16.24
C ARG A 222 -15.09 -18.34 -15.50
N LEU A 223 -15.11 -18.51 -14.18
CA LEU A 223 -16.24 -18.07 -13.35
C LEU A 223 -16.03 -16.69 -12.74
N GLY A 224 -16.75 -15.72 -13.28
CA GLY A 224 -16.75 -14.38 -12.71
C GLY A 224 -17.97 -14.10 -11.85
N ILE A 225 -19.01 -13.57 -12.48
CA ILE A 225 -20.14 -12.99 -11.76
C ILE A 225 -20.93 -13.98 -10.89
N GLY A 226 -21.05 -15.23 -11.33
CA GLY A 226 -21.80 -16.23 -10.60
C GLY A 226 -21.21 -16.48 -9.22
N LEU A 227 -19.90 -16.31 -9.14
CA LEU A 227 -19.18 -16.45 -7.89
C LEU A 227 -19.78 -15.53 -6.83
N PHE A 228 -20.12 -14.32 -7.25
CA PHE A 228 -20.57 -13.26 -6.35
C PHE A 228 -22.06 -13.37 -6.05
N GLY A 229 -22.68 -14.42 -6.60
CA GLY A 229 -24.05 -14.74 -6.30
C GLY A 229 -25.05 -13.83 -7.00
N ILE A 230 -24.62 -13.22 -8.09
CA ILE A 230 -25.47 -12.31 -8.83
C ILE A 230 -25.98 -12.94 -10.12
N ASN A 231 -27.28 -12.82 -10.35
CA ASN A 231 -27.88 -13.18 -11.63
C ASN A 231 -27.87 -11.98 -12.56
N GLY A 232 -26.96 -11.99 -13.53
CA GLY A 232 -26.76 -10.84 -14.41
C GLY A 232 -27.47 -10.92 -15.76
N SER A 233 -28.22 -11.99 -15.97
CA SER A 233 -28.87 -12.23 -17.26
C SER A 233 -29.76 -11.08 -17.73
N VAL A 234 -29.94 -10.97 -19.04
CA VAL A 234 -30.82 -9.96 -19.61
C VAL A 234 -31.72 -10.58 -20.70
N PRO A 235 -33.04 -10.65 -20.45
CA PRO A 235 -33.74 -10.33 -19.19
C PRO A 235 -33.35 -11.31 -18.09
N ILE A 236 -33.78 -11.06 -16.87
CA ILE A 236 -33.46 -11.99 -15.79
C ILE A 236 -34.01 -13.38 -16.15
N MET A 237 -33.12 -14.34 -16.34
CA MET A 237 -33.52 -15.71 -16.62
C MET A 237 -33.44 -16.57 -15.36
N SER A 238 -34.41 -17.45 -15.18
CA SER A 238 -34.40 -18.36 -14.05
C SER A 238 -33.24 -19.34 -14.20
N MET A 239 -32.67 -19.77 -13.07
CA MET A 239 -31.49 -20.62 -13.10
C MET A 239 -31.77 -22.02 -12.56
N PRO A 240 -30.99 -23.02 -13.00
CA PRO A 240 -31.09 -24.41 -12.55
C PRO A 240 -30.67 -24.63 -11.10
N PHE A 241 -30.42 -23.54 -10.39
CA PHE A 241 -29.97 -23.63 -9.02
C PHE A 241 -30.14 -22.29 -8.34
N GLU A 242 -29.63 -22.19 -7.11
CA GLU A 242 -29.69 -20.97 -6.36
C GLU A 242 -28.34 -20.29 -6.31
N LEU A 243 -28.34 -18.99 -6.51
CA LEU A 243 -27.19 -18.17 -6.16
C LEU A 243 -27.54 -17.46 -4.87
N ILE A 244 -26.57 -17.34 -3.96
CA ILE A 244 -26.75 -16.50 -2.80
C ILE A 244 -25.68 -15.42 -2.85
N PRO A 245 -26.10 -14.15 -2.88
CA PRO A 245 -25.20 -13.02 -3.03
C PRO A 245 -24.13 -12.98 -1.94
N ALA A 246 -22.91 -12.65 -2.33
CA ALA A 246 -21.78 -12.68 -1.42
C ALA A 246 -21.72 -11.44 -0.52
N LEU A 247 -22.05 -10.28 -1.09
CA LEU A 247 -21.85 -9.02 -0.39
C LEU A 247 -23.12 -8.48 0.27
N SER A 248 -22.96 -8.04 1.52
CA SER A 248 -23.94 -7.16 2.14
C SER A 248 -23.23 -5.89 2.59
N LEU A 249 -24.01 -4.83 2.79
CA LEU A 249 -23.48 -3.50 3.03
C LEU A 249 -24.11 -2.88 4.26
N LYS A 250 -23.28 -2.56 5.25
CA LYS A 250 -23.77 -2.06 6.53
C LYS A 250 -22.97 -0.87 7.04
N ALA A 251 -23.61 -0.06 7.88
CA ALA A 251 -22.90 1.00 8.61
C ALA A 251 -23.62 1.33 9.91
N LYS A 252 -22.95 2.07 10.78
CA LYS A 252 -23.53 2.45 12.06
C LYS A 252 -23.84 3.93 12.10
N VAL A 253 -25.01 4.27 12.62
CA VAL A 253 -25.47 5.66 12.67
C VAL A 253 -24.45 6.57 13.35
N VAL A 254 -24.13 7.70 12.73
CA VAL A 254 -23.18 8.64 13.34
C VAL A 254 -23.87 9.89 13.86
N ASN A 255 -25.07 10.19 13.34
CA ASN A 255 -25.82 11.33 13.81
C ASN A 255 -27.31 10.97 13.86
N SER A 256 -27.98 11.39 14.93
CA SER A 256 -29.36 11.00 15.15
C SER A 256 -30.15 12.16 15.74
N LYS A 257 -31.29 12.47 15.11
CA LYS A 257 -32.07 13.64 15.51
C LYS A 257 -33.51 13.54 15.04
N PRO A 258 -34.43 14.08 15.85
CA PRO A 258 -35.80 14.23 15.36
C PRO A 258 -35.80 15.29 14.27
N LEU A 259 -36.74 15.23 13.34
CA LEU A 259 -36.95 16.38 12.49
C LEU A 259 -38.45 16.60 12.34
N LYS A 260 -38.83 17.85 12.15
CA LYS A 260 -40.23 18.21 12.15
C LYS A 260 -40.80 18.18 10.74
N LYS A 261 -42.09 17.88 10.63
CA LYS A 261 -42.80 17.95 9.37
C LYS A 261 -42.36 19.20 8.62
N GLY A 262 -42.08 19.05 7.33
CA GLY A 262 -41.71 20.17 6.50
C GLY A 262 -40.22 20.47 6.45
N ASP A 263 -39.44 19.96 7.40
CA ASP A 263 -38.00 20.18 7.38
C ASP A 263 -37.36 19.63 6.11
N ALA A 264 -36.54 20.44 5.45
CA ALA A 264 -35.84 20.02 4.25
C ALA A 264 -34.57 19.23 4.58
N VAL A 265 -34.30 18.20 3.76
CA VAL A 265 -33.11 17.37 3.93
C VAL A 265 -32.31 17.25 2.63
N GLY A 266 -30.99 17.36 2.73
CA GLY A 266 -30.13 17.08 1.60
C GLY A 266 -29.87 18.25 0.68
N TYR A 267 -28.90 18.09 -0.22
CA TYR A 267 -28.58 19.13 -1.19
C TYR A 267 -29.81 19.41 -2.04
N GLY A 268 -30.02 20.68 -2.34
CA GLY A 268 -31.16 21.10 -3.12
C GLY A 268 -32.37 21.40 -2.26
N ALA A 269 -32.36 20.93 -1.01
CA ALA A 269 -33.50 21.12 -0.12
C ALA A 269 -34.80 20.74 -0.80
N GLU A 270 -34.85 19.53 -1.36
CA GLU A 270 -36.01 19.12 -2.14
C GLU A 270 -36.87 18.10 -1.43
N TYR A 271 -36.26 17.26 -0.59
CA TYR A 271 -37.05 16.41 0.28
C TYR A 271 -37.49 17.22 1.48
N HIS A 272 -38.80 17.18 1.77
CA HIS A 272 -39.31 17.76 3.00
C HIS A 272 -40.02 16.67 3.78
N ALA A 273 -39.68 16.52 5.06
CA ALA A 273 -40.31 15.49 5.87
C ALA A 273 -41.81 15.61 5.76
N PRO A 274 -42.49 14.48 5.49
CA PRO A 274 -43.95 14.55 5.28
C PRO A 274 -44.72 14.49 6.61
N ASN A 275 -44.00 14.34 7.70
CA ASN A 275 -44.58 14.31 9.04
C ASN A 275 -43.47 14.25 10.08
N ASP A 276 -43.82 14.40 11.36
CA ASP A 276 -42.81 14.35 12.41
C ASP A 276 -42.13 13.00 12.46
N GLY A 277 -40.83 13.01 12.68
CA GLY A 277 -40.11 11.76 12.83
C GLY A 277 -38.66 11.94 13.20
N TYR A 278 -37.85 10.99 12.78
CA TYR A 278 -36.45 10.97 13.15
C TYR A 278 -35.60 10.76 11.91
N LEU A 279 -34.49 11.47 11.86
CA LEU A 279 -33.59 11.40 10.73
C LEU A 279 -32.24 10.85 11.16
N ILE A 280 -31.81 9.85 10.40
CA ILE A 280 -30.70 9.00 10.76
C ILE A 280 -29.59 9.08 9.72
N THR A 281 -28.40 9.51 10.14
CA THR A 281 -27.29 9.73 9.22
C THR A 281 -26.22 8.63 9.34
N ILE A 282 -25.92 7.98 8.22
CA ILE A 282 -24.93 6.90 8.20
C ILE A 282 -23.73 7.27 7.33
N PRO A 283 -22.58 6.67 7.61
CA PRO A 283 -21.37 7.17 6.93
C PRO A 283 -20.99 6.40 5.67
N ILE A 284 -21.94 6.17 4.78
CA ILE A 284 -21.62 5.75 3.43
C ILE A 284 -22.42 6.58 2.41
N GLY A 285 -21.78 6.89 1.29
CA GLY A 285 -22.41 7.66 0.23
C GLY A 285 -22.09 7.09 -1.14
N HIS A 286 -22.25 7.90 -2.19
CA HIS A 286 -22.08 7.39 -3.54
C HIS A 286 -20.60 7.31 -3.93
N SER A 287 -19.73 7.87 -3.12
CA SER A 287 -18.29 7.71 -3.32
C SER A 287 -17.83 6.35 -2.79
N ASP A 288 -18.65 5.74 -1.95
CA ASP A 288 -18.35 4.37 -1.50
C ASP A 288 -18.90 3.34 -2.49
N GLY A 289 -19.76 3.78 -3.39
CA GLY A 289 -20.31 2.90 -4.41
C GLY A 289 -21.82 2.80 -4.38
N TYR A 290 -22.44 3.30 -3.31
CA TYR A 290 -23.89 3.24 -3.20
C TYR A 290 -24.51 4.18 -4.22
N PRO A 291 -25.53 3.70 -4.94
CA PRO A 291 -26.12 4.43 -6.06
C PRO A 291 -26.39 5.90 -5.77
N PHE A 292 -25.88 6.77 -6.64
CA PHE A 292 -26.13 8.20 -6.52
C PHE A 292 -27.63 8.50 -6.36
N ASN A 293 -28.47 7.72 -7.02
CA ASN A 293 -29.90 7.92 -6.88
C ASN A 293 -30.59 6.77 -6.14
N GLY A 294 -29.98 6.34 -5.04
CA GLY A 294 -30.56 5.30 -4.22
C GLY A 294 -31.56 5.84 -3.22
N SER A 295 -31.75 7.16 -3.24
CA SER A 295 -32.70 7.82 -2.37
C SER A 295 -34.12 7.28 -2.64
N GLY A 296 -34.83 6.93 -1.57
CA GLY A 296 -36.10 6.26 -1.71
C GLY A 296 -35.98 4.77 -1.45
N MET A 297 -34.75 4.26 -1.48
CA MET A 297 -34.50 2.86 -1.09
C MET A 297 -34.89 2.63 0.36
N ARG A 298 -35.37 1.42 0.65
CA ARG A 298 -35.50 0.98 2.03
C ARG A 298 -34.12 0.91 2.68
N ALA A 299 -34.09 0.90 4.01
CA ALA A 299 -32.87 0.68 4.76
C ALA A 299 -33.24 0.03 6.08
N LEU A 300 -32.69 -1.15 6.35
CA LEU A 300 -33.12 -1.93 7.51
C LEU A 300 -32.32 -1.60 8.77
N VAL A 301 -32.95 -0.87 9.68
CA VAL A 301 -32.34 -0.52 10.95
C VAL A 301 -32.24 -1.77 11.82
N ALA A 302 -31.19 -1.85 12.63
CA ALA A 302 -30.96 -3.02 13.48
C ALA A 302 -32.09 -3.29 14.47
N ASP A 303 -32.88 -2.27 14.80
CA ASP A 303 -33.96 -2.45 15.76
C ASP A 303 -35.21 -3.02 15.09
N GLY A 304 -35.12 -3.28 13.79
CA GLY A 304 -36.23 -3.89 13.08
C GLY A 304 -37.09 -2.90 12.32
N GLN A 305 -36.76 -1.61 12.44
CA GLN A 305 -37.46 -0.59 11.68
C GLN A 305 -37.09 -0.63 10.20
N ILE A 306 -38.02 -0.21 9.35
CA ILE A 306 -37.73 -0.03 7.94
C ILE A 306 -37.71 1.47 7.62
N GLY A 307 -36.51 2.01 7.43
CA GLY A 307 -36.38 3.41 7.08
C GLY A 307 -36.27 3.57 5.58
N HIS A 308 -36.11 4.83 5.14
CA HIS A 308 -35.91 5.11 3.73
C HIS A 308 -34.88 6.22 3.56
N ILE A 309 -33.96 6.03 2.61
CA ILE A 309 -32.99 7.07 2.30
C ILE A 309 -33.74 8.29 1.78
N VAL A 310 -33.36 9.47 2.25
CA VAL A 310 -34.04 10.69 1.81
C VAL A 310 -33.05 11.83 1.63
N GLY A 311 -33.43 12.82 0.83
CA GLY A 311 -32.53 13.89 0.45
C GLY A 311 -31.61 13.33 -0.61
N GLY A 312 -30.51 13.99 -0.90
CA GLY A 312 -29.56 13.39 -1.80
C GLY A 312 -28.91 12.19 -1.13
N VAL A 313 -28.35 11.28 -1.93
CA VAL A 313 -27.28 10.44 -1.41
C VAL A 313 -26.03 11.28 -1.62
N ALA A 314 -25.37 11.64 -0.54
CA ALA A 314 -24.18 12.48 -0.66
C ALA A 314 -22.95 11.63 -0.93
N MET A 315 -21.81 12.28 -1.13
CA MET A 315 -20.59 11.53 -1.42
C MET A 315 -20.22 10.54 -0.32
N ASP A 316 -20.35 10.97 0.93
CA ASP A 316 -19.80 10.22 2.04
C ASP A 316 -20.82 9.82 3.09
N GLN A 317 -22.04 10.32 2.92
CA GLN A 317 -23.06 10.19 3.95
C GLN A 317 -24.45 10.02 3.35
N SER A 318 -25.29 9.24 4.03
CA SER A 318 -26.68 9.10 3.62
C SER A 318 -27.59 9.39 4.81
N MET A 319 -28.74 9.97 4.54
CA MET A 319 -29.69 10.28 5.61
C MET A 319 -30.96 9.45 5.46
N ILE A 320 -31.42 8.89 6.57
CA ILE A 320 -32.54 7.97 6.55
C ILE A 320 -33.67 8.43 7.47
N PHE A 321 -34.89 8.44 6.94
CA PHE A 321 -36.06 8.84 7.71
C PHE A 321 -36.68 7.62 8.37
N VAL A 322 -36.90 7.70 9.69
CA VAL A 322 -37.54 6.63 10.44
C VAL A 322 -38.59 7.18 11.38
N THR A 323 -39.57 6.34 11.72
CA THR A 323 -40.69 6.77 12.56
C THR A 323 -40.34 6.81 14.05
N ASN A 324 -39.39 5.98 14.46
CA ASN A 324 -39.05 5.83 15.87
C ASN A 324 -37.58 6.14 16.12
N PRO A 325 -37.26 6.68 17.31
CA PRO A 325 -35.90 7.13 17.64
C PRO A 325 -34.88 6.03 17.44
N VAL A 326 -33.68 6.42 17.03
CA VAL A 326 -32.59 5.49 16.82
C VAL A 326 -31.31 6.06 17.42
N ALA A 327 -30.64 5.27 18.26
CA ALA A 327 -29.42 5.72 18.92
C ALA A 327 -28.23 5.69 17.97
N VAL A 328 -27.32 6.64 18.17
CA VAL A 328 -26.04 6.60 17.47
C VAL A 328 -25.39 5.26 17.78
N GLY A 329 -24.78 4.64 16.77
CA GLY A 329 -24.13 3.35 16.95
C GLY A 329 -24.94 2.20 16.40
N THR A 330 -26.23 2.43 16.19
CA THR A 330 -27.12 1.40 15.67
C THR A 330 -26.74 1.10 14.23
N THR A 331 -26.54 -0.17 13.91
CA THR A 331 -26.16 -0.49 12.54
C THR A 331 -27.39 -0.46 11.65
N VAL A 332 -27.16 -0.04 10.40
CA VAL A 332 -28.19 0.00 9.39
C VAL A 332 -27.67 -0.81 8.21
N THR A 333 -28.48 -1.74 7.73
CA THR A 333 -28.08 -2.57 6.61
C THR A 333 -28.65 -2.01 5.31
N LEU A 334 -27.76 -1.65 4.40
CA LEU A 334 -28.16 -1.15 3.10
C LEU A 334 -28.39 -2.30 2.13
N ILE A 335 -27.56 -3.32 2.23
CA ILE A 335 -27.72 -4.55 1.45
C ILE A 335 -27.50 -5.75 2.34
N GLY A 336 -28.44 -6.69 2.31
CA GLY A 336 -28.37 -7.85 3.16
C GLY A 336 -29.67 -8.10 3.92
N ARG A 337 -29.59 -8.91 4.95
CA ARG A 337 -30.78 -9.40 5.65
C ARG A 337 -30.85 -8.89 7.09
N VAL A 338 -32.05 -8.48 7.50
CA VAL A 338 -32.32 -8.18 8.91
C VAL A 338 -33.66 -8.80 9.30
N GLY A 339 -33.60 -9.91 10.03
CA GLY A 339 -34.80 -10.62 10.40
C GLY A 339 -35.36 -11.36 9.21
N ASP A 340 -36.59 -11.02 8.83
CA ASP A 340 -37.18 -11.61 7.64
C ASP A 340 -37.32 -10.57 6.54
N GLN A 341 -36.70 -9.41 6.75
CA GLN A 341 -36.57 -8.41 5.71
C GLN A 341 -35.22 -8.53 5.04
N SER A 342 -35.17 -8.23 3.74
CA SER A 342 -33.90 -8.21 3.03
C SER A 342 -33.93 -7.18 1.91
N ILE A 343 -32.77 -6.62 1.61
CA ILE A 343 -32.55 -5.72 0.48
C ILE A 343 -31.46 -6.31 -0.39
N THR A 344 -31.74 -6.52 -1.67
CA THR A 344 -30.74 -7.12 -2.56
C THR A 344 -30.20 -6.13 -3.59
N MET A 345 -29.10 -6.52 -4.23
CA MET A 345 -28.56 -5.77 -5.34
C MET A 345 -29.63 -5.62 -6.41
N GLN A 346 -30.45 -6.64 -6.57
CA GLN A 346 -31.53 -6.63 -7.56
C GLN A 346 -32.59 -5.59 -7.21
N ASP A 347 -32.98 -5.50 -5.94
CA ASP A 347 -33.89 -4.45 -5.50
C ASP A 347 -33.28 -3.09 -5.86
N LEU A 348 -31.97 -3.00 -5.65
CA LEU A 348 -31.24 -1.77 -5.90
C LEU A 348 -31.28 -1.42 -7.39
N ALA A 349 -31.02 -2.42 -8.23
CA ALA A 349 -31.05 -2.24 -9.67
C ALA A 349 -32.43 -1.78 -10.11
N GLU A 350 -33.47 -2.49 -9.63
CA GLU A 350 -34.86 -2.14 -9.92
C GLU A 350 -35.16 -0.69 -9.55
N HIS A 351 -34.83 -0.31 -8.32
CA HIS A 351 -35.09 1.03 -7.82
C HIS A 351 -34.43 2.12 -8.64
N THR A 352 -33.15 1.93 -8.97
CA THR A 352 -32.38 2.95 -9.67
C THR A 352 -32.54 2.90 -11.18
N GLN A 353 -33.24 1.88 -11.69
CA GLN A 353 -33.33 1.66 -13.12
C GLN A 353 -31.93 1.56 -13.70
N SER A 354 -31.10 0.76 -13.04
CA SER A 354 -29.69 0.66 -13.36
C SER A 354 -29.26 -0.80 -13.48
N SER A 355 -28.37 -1.09 -14.41
CA SER A 355 -27.89 -2.45 -14.60
C SER A 355 -27.25 -3.04 -13.34
N ILE A 356 -27.63 -4.28 -13.01
CA ILE A 356 -27.10 -4.90 -11.81
C ILE A 356 -25.60 -5.18 -11.94
N VAL A 357 -25.14 -5.40 -13.16
CA VAL A 357 -23.72 -5.67 -13.40
C VAL A 357 -22.92 -4.41 -13.09
N ALA A 358 -23.46 -3.27 -13.48
CA ALA A 358 -22.84 -1.98 -13.19
C ALA A 358 -22.88 -1.66 -11.70
N LEU A 359 -23.98 -2.00 -11.03
CA LEU A 359 -24.12 -1.71 -9.60
C LEU A 359 -23.22 -2.58 -8.73
N MET A 360 -23.15 -3.87 -9.07
CA MET A 360 -22.34 -4.79 -8.30
C MET A 360 -20.87 -4.41 -8.40
N ASN A 361 -20.55 -3.54 -9.36
CA ASN A 361 -19.19 -3.18 -9.70
C ASN A 361 -18.74 -1.78 -9.28
N ASP A 362 -19.57 -1.08 -8.51
CA ASP A 362 -19.29 0.31 -8.17
C ASP A 362 -18.65 0.52 -6.81
N PHE A 363 -18.54 -0.53 -6.00
CA PHE A 363 -18.04 -0.37 -4.63
C PHE A 363 -16.56 0.01 -4.61
N ALA A 364 -16.26 1.14 -3.98
CA ALA A 364 -14.89 1.64 -3.83
C ALA A 364 -14.12 0.91 -2.74
N PRO A 365 -12.78 0.96 -2.79
CA PRO A 365 -11.97 0.38 -1.72
C PRO A 365 -12.04 1.14 -0.38
N ARG A 366 -12.73 2.27 -0.32
CA ARG A 366 -12.73 3.04 0.93
C ARG A 366 -13.49 2.32 2.02
N LEU A 367 -14.44 1.47 1.62
CA LEU A 367 -15.18 0.62 2.55
C LEU A 367 -14.33 -0.51 3.11
N GLN A 368 -14.36 -0.69 4.43
CA GLN A 368 -13.64 -1.78 5.06
C GLN A 368 -14.35 -3.11 4.80
N ARG A 369 -13.59 -4.12 4.38
CA ARG A 369 -14.15 -5.45 4.11
C ARG A 369 -14.03 -6.40 5.30
N ILE A 370 -15.03 -7.27 5.46
CA ILE A 370 -15.00 -8.32 6.48
C ILE A 370 -15.59 -9.61 5.94
N ILE A 371 -14.88 -10.71 6.14
CA ILE A 371 -15.40 -12.03 5.79
C ILE A 371 -16.25 -12.58 6.94
N VAL A 372 -17.38 -13.18 6.61
CA VAL A 372 -18.26 -13.77 7.62
C VAL A 372 -18.67 -15.19 7.24
N SER A 373 -19.47 -15.83 8.10
CA SER A 373 -19.86 -17.23 7.91
C SER A 373 -19.30 -17.80 6.63
N ASN B 2 -1.00 -0.96 -4.65
CA ASN B 2 -1.42 -2.22 -5.27
C ASN B 2 -2.82 -2.13 -5.87
N TYR B 3 -3.25 -0.92 -6.21
CA TYR B 3 -4.51 -0.75 -6.94
C TYR B 3 -4.26 -0.26 -8.38
N ASN B 4 -3.36 0.71 -8.53
CA ASN B 4 -3.11 1.30 -9.84
C ASN B 4 -2.44 0.32 -10.80
N ALA B 5 -2.70 0.51 -12.10
CA ALA B 5 -2.17 -0.40 -13.11
C ALA B 5 -1.12 0.27 -14.01
N PRO B 6 0.11 0.41 -13.50
CA PRO B 6 1.16 1.17 -14.19
C PRO B 6 1.59 0.56 -15.53
N HIS B 7 1.41 -0.74 -15.69
CA HIS B 7 1.87 -1.40 -16.90
C HIS B 7 0.81 -1.41 -17.99
N ARG B 8 -0.41 -1.01 -17.63
CA ARG B 8 -1.50 -0.87 -18.60
C ARG B 8 -1.53 0.55 -19.13
N HIS B 9 -1.67 0.70 -20.43
CA HIS B 9 -1.62 2.03 -21.04
C HIS B 9 -3.01 2.67 -21.07
N ALA B 10 -3.48 2.97 -19.87
CA ALA B 10 -4.69 3.74 -19.63
C ALA B 10 -4.44 4.65 -18.44
N VAL B 11 -4.57 5.95 -18.64
CA VAL B 11 -4.23 6.90 -17.59
C VAL B 11 -5.31 7.94 -17.32
N ILE B 12 -5.25 8.48 -16.11
CA ILE B 12 -5.91 9.73 -15.82
C ILE B 12 -4.82 10.80 -15.77
N GLU B 13 -4.95 11.81 -16.63
CA GLU B 13 -4.02 12.93 -16.58
C GLU B 13 -4.66 14.06 -15.79
N LEU B 14 -3.87 14.67 -14.91
CA LEU B 14 -4.37 15.75 -14.06
C LEU B 14 -3.60 17.03 -14.31
N SER B 15 -4.29 18.04 -14.84
CA SER B 15 -3.67 19.28 -15.28
C SER B 15 -3.31 20.25 -14.15
N GLN B 16 -2.02 20.42 -13.90
CA GLN B 16 -1.57 21.36 -12.86
C GLN B 16 -2.11 22.77 -13.13
N SER B 17 -1.98 23.22 -14.37
CA SER B 17 -2.36 24.58 -14.72
C SER B 17 -3.85 24.82 -14.52
N ALA B 18 -4.64 23.78 -14.71
CA ALA B 18 -6.08 23.83 -14.45
C ALA B 18 -6.40 24.10 -12.98
N VAL B 19 -5.88 23.25 -12.10
CA VAL B 19 -6.15 23.38 -10.68
C VAL B 19 -5.68 24.74 -10.16
N VAL B 20 -4.49 25.15 -10.57
CA VAL B 20 -3.98 26.47 -10.21
C VAL B 20 -4.95 27.57 -10.64
N HIS B 21 -5.37 27.56 -11.91
CA HIS B 21 -6.30 28.58 -12.40
C HIS B 21 -7.61 28.58 -11.62
N ASN B 22 -8.13 27.38 -11.35
CA ASN B 22 -9.41 27.23 -10.66
C ASN B 22 -9.39 27.85 -9.27
N LEU B 23 -8.43 27.45 -8.43
CA LEU B 23 -8.30 27.99 -7.09
C LEU B 23 -8.12 29.51 -7.14
N LYS B 24 -7.23 29.96 -8.00
CA LYS B 24 -6.93 31.37 -8.12
C LYS B 24 -8.20 32.17 -8.37
N VAL B 25 -8.94 31.70 -9.35
CA VAL B 25 -10.14 32.36 -9.84
C VAL B 25 -11.23 32.35 -8.76
N ILE B 26 -11.31 31.26 -8.01
CA ILE B 26 -12.31 31.13 -6.96
C ILE B 26 -11.93 31.99 -5.76
N LYS B 27 -10.67 31.88 -5.35
CA LYS B 27 -10.12 32.73 -4.30
C LYS B 27 -10.36 34.20 -4.61
N GLU B 28 -10.11 34.59 -5.85
CA GLU B 28 -10.24 36.00 -6.25
C GLU B 28 -11.67 36.50 -6.20
N ASN B 29 -12.61 35.68 -6.66
CA ASN B 29 -14.00 36.09 -6.70
C ASN B 29 -14.59 36.33 -5.32
N THR B 30 -13.91 35.80 -4.30
CA THR B 30 -14.45 35.78 -2.96
C THR B 30 -13.51 36.50 -1.99
N HIS B 31 -12.29 36.76 -2.46
CA HIS B 31 -11.29 37.43 -1.66
C HIS B 31 -10.96 36.64 -0.39
N ALA B 32 -10.97 35.31 -0.51
CA ALA B 32 -10.65 34.47 0.63
C ALA B 32 -9.23 34.72 1.10
N LYS B 33 -9.01 34.57 2.40
CA LYS B 33 -7.68 34.68 2.97
C LYS B 33 -7.01 33.30 3.01
N GLU B 34 -7.79 32.29 3.35
CA GLU B 34 -7.34 30.90 3.30
C GLU B 34 -8.22 30.08 2.36
N ILE B 35 -7.61 29.11 1.67
CA ILE B 35 -8.36 28.12 0.92
C ILE B 35 -8.09 26.73 1.49
N MET B 36 -9.16 26.04 1.86
CA MET B 36 -9.10 24.66 2.34
C MET B 36 -9.50 23.70 1.23
N ALA B 37 -8.53 22.94 0.72
CA ALA B 37 -8.83 21.95 -0.30
C ALA B 37 -9.62 20.80 0.31
N VAL B 38 -10.84 20.60 -0.15
CA VAL B 38 -11.64 19.47 0.32
C VAL B 38 -11.45 18.31 -0.65
N LEU B 39 -10.70 17.32 -0.19
CA LEU B 39 -10.21 16.25 -1.05
C LEU B 39 -10.69 14.88 -0.60
N LYS B 40 -11.89 14.86 -0.02
CA LYS B 40 -12.53 13.63 0.41
C LYS B 40 -12.75 12.69 -0.77
N ALA B 41 -12.85 11.40 -0.48
CA ALA B 41 -13.16 10.40 -1.48
C ALA B 41 -12.06 10.30 -2.53
N ASN B 42 -10.83 10.02 -2.08
CA ASN B 42 -9.69 9.98 -2.98
C ASN B 42 -9.72 11.20 -3.89
N ALA B 43 -9.96 12.37 -3.30
CA ALA B 43 -10.04 13.62 -4.04
C ALA B 43 -11.07 13.55 -5.17
N PHE B 44 -12.32 13.31 -4.81
CA PHE B 44 -13.39 13.20 -5.80
C PHE B 44 -13.03 12.18 -6.87
N SER B 45 -12.41 11.08 -6.43
CA SER B 45 -12.00 9.99 -7.32
C SER B 45 -10.87 10.38 -8.30
N HIS B 46 -10.43 11.63 -8.26
CA HIS B 46 -9.38 12.09 -9.17
C HIS B 46 -8.00 11.53 -8.84
N GLY B 47 -7.72 11.31 -7.55
CA GLY B 47 -6.43 10.80 -7.13
C GLY B 47 -5.77 11.69 -6.09
N LEU B 48 -5.81 11.23 -4.84
CA LEU B 48 -5.41 12.07 -3.71
C LEU B 48 -3.95 12.52 -3.74
N PRO B 49 -2.99 11.59 -3.88
CA PRO B 49 -1.62 12.09 -3.81
C PRO B 49 -1.36 13.20 -4.83
N GLU B 50 -1.96 13.10 -6.00
CA GLU B 50 -1.73 14.09 -7.03
C GLU B 50 -2.52 15.37 -6.75
N MET B 51 -3.79 15.22 -6.38
CA MET B 51 -4.63 16.38 -6.15
C MET B 51 -4.15 17.18 -4.93
N ALA B 52 -3.71 16.50 -3.88
CA ALA B 52 -3.16 17.18 -2.72
C ALA B 52 -1.97 18.03 -3.11
N SER B 53 -1.05 17.43 -3.86
CA SER B 53 0.14 18.11 -4.33
C SER B 53 -0.21 19.29 -5.24
N LEU B 54 -1.14 19.06 -6.18
CA LEU B 54 -1.61 20.15 -7.03
C LEU B 54 -2.36 21.23 -6.23
N SER B 55 -3.10 20.81 -5.20
CA SER B 55 -3.82 21.75 -4.36
C SER B 55 -2.88 22.74 -3.67
N ILE B 56 -1.83 22.21 -3.05
CA ILE B 56 -0.85 23.06 -2.37
C ILE B 56 -0.12 23.97 -3.36
N THR B 57 0.38 23.40 -4.45
CA THR B 57 0.98 24.21 -5.52
C THR B 57 0.05 25.36 -5.92
N ALA B 58 -1.25 25.07 -5.99
CA ALA B 58 -2.25 26.05 -6.40
C ALA B 58 -2.50 27.13 -5.34
N GLY B 59 -2.10 26.87 -4.11
CA GLY B 59 -2.22 27.87 -3.06
C GLY B 59 -3.13 27.50 -1.91
N ALA B 60 -3.57 26.25 -1.88
CA ALA B 60 -4.34 25.77 -0.74
C ALA B 60 -3.38 25.64 0.45
N THR B 61 -3.84 25.96 1.65
CA THR B 61 -2.96 25.94 2.81
C THR B 61 -3.49 25.02 3.92
N ARG B 62 -4.54 24.28 3.62
CA ARG B 62 -5.12 23.35 4.57
C ARG B 62 -6.03 22.38 3.84
N PHE B 63 -6.38 21.28 4.49
CA PHE B 63 -7.20 20.27 3.86
C PHE B 63 -8.48 19.99 4.63
N GLY B 64 -9.51 19.58 3.90
CA GLY B 64 -10.72 19.05 4.50
C GLY B 64 -11.00 17.67 3.94
N MET B 65 -11.37 16.74 4.80
CA MET B 65 -11.69 15.37 4.40
C MET B 65 -12.97 14.91 5.08
N ALA B 66 -13.46 13.73 4.70
CA ALA B 66 -14.73 13.25 5.21
C ALA B 66 -14.59 12.46 6.50
N MET B 67 -13.41 11.91 6.74
CA MET B 67 -13.22 10.97 7.84
C MET B 67 -11.77 10.88 8.32
N LEU B 68 -11.59 10.41 9.55
CA LEU B 68 -10.28 10.25 10.17
C LEU B 68 -9.24 9.55 9.30
N ASP B 69 -9.65 8.46 8.67
CA ASP B 69 -8.69 7.64 7.92
C ASP B 69 -8.11 8.37 6.72
N GLU B 70 -8.95 9.17 6.06
CA GLU B 70 -8.49 10.03 4.98
C GLU B 70 -7.48 11.06 5.49
N ALA B 71 -7.74 11.62 6.66
CA ALA B 71 -6.82 12.56 7.27
C ALA B 71 -5.49 11.89 7.56
N LEU B 72 -5.56 10.67 8.07
CA LEU B 72 -4.40 9.85 8.36
C LEU B 72 -3.55 9.64 7.10
N THR B 73 -4.20 9.34 5.98
CA THR B 73 -3.50 9.12 4.72
C THR B 73 -2.76 10.37 4.29
N LEU B 74 -3.41 11.53 4.42
CA LEU B 74 -2.77 12.80 4.11
C LEU B 74 -1.50 12.97 4.91
N ARG B 75 -1.60 12.79 6.22
CA ARG B 75 -0.42 12.85 7.08
C ARG B 75 0.66 11.89 6.58
N ASP B 76 0.27 10.67 6.24
CA ASP B 76 1.22 9.67 5.80
C ASP B 76 1.78 9.95 4.40
N LEU B 77 1.22 10.95 3.71
CA LEU B 77 1.78 11.42 2.46
C LEU B 77 2.84 12.49 2.73
N GLY B 78 3.01 12.85 4.00
CA GLY B 78 4.05 13.78 4.40
C GLY B 78 3.61 15.23 4.55
N TYR B 79 2.30 15.46 4.51
CA TYR B 79 1.75 16.81 4.65
C TYR B 79 1.65 17.24 6.10
N ILE B 80 1.93 18.51 6.34
CA ILE B 80 1.99 19.03 7.70
C ILE B 80 0.92 20.13 7.94
N GLN B 81 0.28 20.57 6.85
CA GLN B 81 -0.77 21.60 6.91
C GLN B 81 -1.98 21.19 7.75
N PRO B 82 -2.75 22.17 8.26
CA PRO B 82 -3.90 21.77 9.06
C PRO B 82 -4.84 20.86 8.28
N ILE B 83 -5.46 19.89 8.96
CA ILE B 83 -6.41 19.00 8.33
C ILE B 83 -7.71 18.95 9.13
N ASP B 84 -8.82 19.33 8.49
CA ASP B 84 -10.12 19.28 9.15
C ASP B 84 -10.91 18.05 8.69
N VAL B 85 -11.35 17.25 9.65
CA VAL B 85 -12.26 16.15 9.37
C VAL B 85 -13.69 16.66 9.51
N LEU B 86 -14.46 16.55 8.42
CA LEU B 86 -15.77 17.19 8.34
C LEU B 86 -16.91 16.20 8.58
N GLY B 87 -16.56 14.93 8.66
CA GLY B 87 -17.50 13.91 9.07
C GLY B 87 -17.38 13.71 10.56
N LEU B 88 -18.14 12.75 11.09
CA LEU B 88 -18.09 12.45 12.51
C LEU B 88 -17.16 11.26 12.76
N THR B 89 -16.64 11.16 13.97
CA THR B 89 -15.67 10.12 14.30
C THR B 89 -15.97 9.45 15.64
N ASP B 90 -15.75 8.13 15.69
CA ASP B 90 -15.80 7.39 16.93
C ASP B 90 -14.78 7.97 17.92
N PRO B 91 -15.27 8.43 19.08
CA PRO B 91 -14.44 9.02 20.15
C PRO B 91 -13.28 8.14 20.61
N ARG B 92 -13.40 6.82 20.44
CA ARG B 92 -12.32 5.88 20.81
C ARG B 92 -11.06 6.10 19.98
N TYR B 93 -11.23 6.73 18.83
CA TYR B 93 -10.11 6.91 17.91
C TYR B 93 -9.62 8.35 17.92
N ALA B 94 -10.11 9.14 18.88
CA ALA B 94 -9.71 10.53 19.00
C ALA B 94 -8.20 10.68 19.18
N ARG B 95 -7.58 9.70 19.84
CA ARG B 95 -6.15 9.75 20.10
C ARG B 95 -5.33 9.83 18.81
N LEU B 96 -5.75 9.07 17.80
CA LEU B 96 -5.06 9.07 16.53
C LEU B 96 -5.03 10.47 15.93
N ALA B 97 -6.16 11.16 16.00
CA ALA B 97 -6.22 12.53 15.51
C ALA B 97 -5.35 13.46 16.36
N ALA B 98 -5.39 13.25 17.67
CA ALA B 98 -4.70 14.12 18.61
C ALA B 98 -3.19 13.99 18.43
N GLU B 99 -2.74 12.79 18.11
CA GLU B 99 -1.33 12.52 17.88
C GLU B 99 -0.83 13.15 16.57
N ARG B 100 -1.71 13.30 15.59
CA ARG B 100 -1.28 13.74 14.27
C ARG B 100 -1.78 15.15 13.89
N ASN B 101 -2.15 15.95 14.88
CA ASN B 101 -2.65 17.30 14.62
C ASN B 101 -3.80 17.33 13.62
N ILE B 102 -4.79 16.47 13.84
CA ILE B 102 -5.97 16.41 12.98
C ILE B 102 -7.21 16.96 13.70
N THR B 103 -7.85 17.95 13.10
CA THR B 103 -9.05 18.57 13.68
C THR B 103 -10.29 17.71 13.41
N LEU B 104 -11.09 17.51 14.46
CA LEU B 104 -12.18 16.55 14.44
C LEU B 104 -13.53 17.19 14.75
N ALA B 105 -14.52 16.91 13.92
CA ALA B 105 -15.87 17.41 14.15
C ALA B 105 -16.64 16.56 15.16
N PHE B 106 -17.50 17.20 15.93
CA PHE B 106 -18.38 16.52 16.88
C PHE B 106 -19.76 17.17 16.83
N SER B 107 -20.82 16.36 16.89
CA SER B 107 -22.16 16.90 16.79
C SER B 107 -22.96 16.71 18.08
N THR B 108 -22.25 16.56 19.20
CA THR B 108 -22.92 16.10 20.39
C THR B 108 -22.06 16.31 21.65
N LYS B 109 -22.69 16.66 22.77
CA LYS B 109 -21.95 16.89 24.02
C LYS B 109 -21.36 15.60 24.59
N GLU B 110 -22.11 14.51 24.52
CA GLU B 110 -21.62 13.27 25.11
C GLU B 110 -20.44 12.69 24.31
N SER B 111 -20.34 13.04 23.02
CA SER B 111 -19.23 12.56 22.18
C SER B 111 -17.97 13.39 22.44
N ILE B 112 -18.18 14.68 22.70
CA ILE B 112 -17.11 15.58 23.08
C ILE B 112 -16.51 15.19 24.42
N LYS B 113 -17.37 14.70 25.32
CA LYS B 113 -16.97 14.32 26.66
C LYS B 113 -16.28 12.96 26.62
N ALA B 114 -16.82 12.05 25.82
CA ALA B 114 -16.23 10.74 25.67
C ALA B 114 -14.83 10.85 25.05
N ALA B 115 -14.65 11.81 24.15
CA ALA B 115 -13.37 12.01 23.46
C ALA B 115 -12.32 12.61 24.40
N ALA B 116 -12.75 13.54 25.24
CA ALA B 116 -11.87 14.16 26.22
C ALA B 116 -11.35 13.15 27.22
N GLU B 117 -12.23 12.22 27.61
CA GLU B 117 -11.87 11.22 28.59
C GLU B 117 -10.91 10.20 28.01
N GLN B 118 -11.00 9.98 26.71
CA GLN B 118 -10.04 9.14 25.99
C GLN B 118 -8.62 9.71 26.12
N LEU B 119 -8.54 11.02 26.22
CA LEU B 119 -7.24 11.71 26.21
C LEU B 119 -6.68 11.98 27.60
N ALA B 120 -7.53 12.05 28.62
CA ALA B 120 -7.07 12.41 29.96
C ALA B 120 -5.88 11.57 30.38
N GLY B 121 -4.80 12.23 30.78
CA GLY B 121 -3.64 11.54 31.30
C GLY B 121 -2.67 11.04 30.24
N THR B 122 -3.04 11.19 28.96
CA THR B 122 -2.17 10.83 27.86
C THR B 122 -1.21 11.96 27.54
N GLY B 123 -1.56 13.16 27.98
CA GLY B 123 -0.79 14.35 27.67
C GLY B 123 -1.07 14.93 26.31
N LEU B 124 -2.05 14.36 25.59
CA LEU B 124 -2.36 14.84 24.24
C LEU B 124 -3.46 15.90 24.25
N THR B 125 -3.50 16.68 23.19
CA THR B 125 -4.52 17.71 23.00
C THR B 125 -5.24 17.50 21.67
N LEU B 126 -6.57 17.65 21.65
CA LEU B 126 -7.34 17.48 20.41
C LEU B 126 -8.04 18.77 19.99
N LYS B 127 -7.88 19.13 18.73
CA LYS B 127 -8.62 20.25 18.15
C LYS B 127 -10.00 19.80 17.68
N VAL B 128 -11.03 20.45 18.20
CA VAL B 128 -12.41 20.04 17.97
C VAL B 128 -13.19 21.10 17.18
N SER B 129 -13.98 20.67 16.22
CA SER B 129 -14.87 21.58 15.51
C SER B 129 -16.32 21.22 15.79
N LEU B 130 -17.19 22.23 15.79
CA LEU B 130 -18.60 22.02 16.10
C LEU B 130 -19.48 22.42 14.93
N PRO B 131 -19.86 21.44 14.09
CA PRO B 131 -20.78 21.71 12.98
C PRO B 131 -22.18 22.07 13.46
N VAL B 132 -22.69 23.19 12.97
CA VAL B 132 -24.05 23.61 13.27
C VAL B 132 -24.96 23.31 12.08
N ASP B 133 -26.01 22.54 12.32
CA ASP B 133 -26.96 22.22 11.27
C ASP B 133 -27.93 23.38 11.07
N THR B 134 -27.73 24.14 9.98
CA THR B 134 -28.59 25.28 9.69
C THR B 134 -29.61 24.98 8.60
N GLY B 135 -29.69 23.73 8.16
CA GLY B 135 -30.73 23.36 7.21
C GLY B 135 -30.38 22.31 6.18
N LEU B 136 -29.17 21.77 6.21
CA LEU B 136 -28.80 20.65 5.36
C LEU B 136 -29.35 19.39 5.99
N ASN B 137 -29.35 19.38 7.31
CA ASN B 137 -29.85 18.27 8.11
C ASN B 137 -29.11 16.95 7.89
N ARG B 138 -27.79 17.05 7.69
CA ARG B 138 -26.94 15.85 7.67
C ARG B 138 -26.34 15.57 9.06
N ILE B 139 -25.56 16.51 9.58
CA ILE B 139 -25.00 16.40 10.92
C ILE B 139 -24.92 17.79 11.52
N GLY B 140 -24.62 17.86 12.81
CA GLY B 140 -24.42 19.14 13.45
C GLY B 140 -25.48 19.45 14.48
N PHE B 141 -25.22 20.46 15.29
CA PHE B 141 -26.12 20.82 16.37
C PHE B 141 -27.40 21.44 15.84
N LYS B 142 -28.50 21.15 16.52
CA LYS B 142 -29.82 21.55 16.06
C LYS B 142 -30.47 22.62 16.91
N SER B 143 -29.88 22.91 18.07
CA SER B 143 -30.39 23.99 18.92
C SER B 143 -29.26 24.77 19.58
N ARG B 144 -29.51 26.04 19.87
CA ARG B 144 -28.53 26.87 20.57
C ARG B 144 -28.23 26.26 21.93
N GLU B 145 -29.28 25.75 22.57
CA GLU B 145 -29.16 25.08 23.86
C GLU B 145 -28.15 23.93 23.82
N ASP B 146 -28.28 23.08 22.80
CA ASP B 146 -27.36 21.96 22.67
C ASP B 146 -25.96 22.43 22.29
N LEU B 147 -25.89 23.46 21.45
CA LEU B 147 -24.61 24.01 21.05
C LEU B 147 -23.86 24.53 22.27
N VAL B 148 -24.52 25.38 23.05
CA VAL B 148 -23.86 26.01 24.18
C VAL B 148 -23.43 24.98 25.23
N ALA B 149 -24.29 24.00 25.51
CA ALA B 149 -23.91 22.94 26.44
C ALA B 149 -22.64 22.22 25.96
N ALA B 150 -22.45 22.14 24.65
CA ALA B 150 -21.29 21.48 24.06
C ALA B 150 -20.05 22.37 24.10
N ILE B 151 -20.25 23.66 23.84
CA ILE B 151 -19.17 24.63 23.93
C ILE B 151 -18.63 24.70 25.35
N GLN B 152 -19.53 24.58 26.32
CA GLN B 152 -19.14 24.58 27.73
C GLN B 152 -18.31 23.34 28.06
N GLU B 153 -18.72 22.20 27.49
CA GLU B 153 -18.03 20.94 27.73
C GLU B 153 -16.58 20.98 27.21
N VAL B 154 -16.37 21.44 25.98
CA VAL B 154 -15.00 21.51 25.48
C VAL B 154 -14.22 22.55 26.30
N SER B 155 -14.91 23.58 26.79
CA SER B 155 -14.26 24.58 27.66
C SER B 155 -13.81 23.96 28.97
N ALA B 156 -14.60 23.02 29.49
CA ALA B 156 -14.31 22.39 30.76
C ALA B 156 -13.21 21.32 30.64
N GLN B 157 -12.89 20.93 29.40
CA GLN B 157 -11.95 19.84 29.15
C GLN B 157 -10.61 20.37 28.63
N ASP B 158 -9.56 20.26 29.43
CA ASP B 158 -8.28 20.84 29.02
C ASP B 158 -7.54 20.02 27.96
N THR B 159 -8.02 18.82 27.66
CA THR B 159 -7.45 18.04 26.55
C THR B 159 -8.01 18.46 25.19
N LEU B 160 -8.94 19.39 25.18
CA LEU B 160 -9.60 19.79 23.93
C LEU B 160 -9.40 21.28 23.63
N ILE B 161 -9.28 21.60 22.34
CA ILE B 161 -9.21 22.99 21.89
C ILE B 161 -10.47 23.32 21.08
N PHE B 162 -11.07 24.47 21.35
CA PHE B 162 -12.26 24.92 20.62
C PHE B 162 -11.84 25.52 19.28
N GLN B 163 -11.51 24.65 18.33
CA GLN B 163 -10.92 25.12 17.08
C GLN B 163 -11.90 25.90 16.21
N SER B 164 -13.10 25.37 16.01
CA SER B 164 -14.01 26.04 15.09
C SER B 164 -15.48 25.69 15.28
N MET B 165 -16.31 26.58 14.75
CA MET B 165 -17.71 26.27 14.46
C MET B 165 -17.90 26.47 12.96
N TRP B 166 -18.74 25.64 12.35
CA TRP B 166 -19.00 25.78 10.92
C TRP B 166 -20.38 25.27 10.53
N THR B 167 -20.80 25.59 9.31
CA THR B 167 -22.04 25.06 8.77
C THR B 167 -21.89 24.89 7.27
N HIS B 168 -22.77 24.10 6.68
CA HIS B 168 -22.68 23.75 5.27
C HIS B 168 -24.01 24.03 4.59
N PHE B 169 -23.97 24.61 3.39
CA PHE B 169 -25.19 25.01 2.69
C PHE B 169 -25.75 23.90 1.79
N ALA B 170 -27.07 23.88 1.66
CA ALA B 170 -27.75 22.86 0.87
C ALA B 170 -28.06 23.31 -0.56
N THR B 171 -28.06 24.62 -0.80
CA THR B 171 -28.55 25.13 -2.08
C THR B 171 -27.68 26.24 -2.69
N ALA B 172 -26.47 26.43 -2.18
CA ALA B 172 -25.56 27.45 -2.73
C ALA B 172 -25.16 27.07 -4.16
N ASP B 173 -25.56 25.85 -4.52
CA ASP B 173 -25.31 25.18 -5.77
C ASP B 173 -26.30 25.52 -6.87
N THR B 174 -27.08 26.57 -6.65
CA THR B 174 -28.46 26.54 -7.09
C THR B 174 -29.06 27.96 -7.14
N PRO B 175 -30.15 28.17 -7.89
CA PRO B 175 -30.75 29.52 -7.88
C PRO B 175 -31.67 29.80 -6.67
N ASN B 176 -31.86 28.80 -5.82
CA ASN B 176 -32.66 28.95 -4.60
C ASN B 176 -31.93 29.81 -3.57
N VAL B 177 -31.66 31.05 -3.92
CA VAL B 177 -31.20 31.99 -2.92
C VAL B 177 -32.18 31.77 -1.79
N ASP B 178 -31.92 32.37 -0.65
CA ASP B 178 -33.02 32.53 0.28
C ASP B 178 -33.46 31.24 1.00
N TYR B 179 -33.10 30.06 0.48
CA TYR B 179 -32.89 28.95 1.40
C TYR B 179 -31.49 29.20 1.93
N VAL B 180 -30.65 29.77 1.06
CA VAL B 180 -29.35 30.29 1.46
C VAL B 180 -29.55 31.30 2.59
N ASP B 181 -30.46 32.26 2.38
CA ASP B 181 -30.77 33.26 3.39
C ASP B 181 -31.39 32.60 4.62
N PHE B 182 -32.15 31.53 4.40
CA PHE B 182 -32.75 30.80 5.49
C PHE B 182 -31.65 30.25 6.41
N GLN B 183 -30.71 29.53 5.81
CA GLN B 183 -29.63 28.92 6.60
C GLN B 183 -28.84 29.99 7.36
N ILE B 184 -28.70 31.17 6.76
CA ILE B 184 -27.91 32.24 7.36
C ILE B 184 -28.60 32.86 8.57
N SER B 185 -29.93 33.02 8.50
CA SER B 185 -30.68 33.49 9.66
C SER B 185 -30.70 32.41 10.72
N GLU B 186 -30.90 31.16 10.30
CA GLU B 186 -30.80 30.02 11.20
C GLU B 186 -29.46 30.01 11.94
N TRP B 187 -28.37 30.28 11.22
CA TRP B 187 -27.08 30.39 11.88
C TRP B 187 -27.19 31.38 13.03
N GLN B 188 -27.61 32.60 12.70
CA GLN B 188 -27.81 33.64 13.71
C GLN B 188 -28.65 33.12 14.87
N ARG B 189 -29.73 32.40 14.54
CA ARG B 189 -30.64 31.90 15.56
C ARG B 189 -29.96 30.96 16.56
N LEU B 190 -29.16 30.04 16.06
CA LEU B 190 -28.59 28.97 16.89
C LEU B 190 -27.30 29.39 17.59
N THR B 191 -26.79 30.56 17.24
CA THR B 191 -25.38 30.84 17.44
C THR B 191 -25.09 32.15 18.18
N HIS B 192 -26.13 32.95 18.42
CA HIS B 192 -25.91 34.29 18.96
C HIS B 192 -25.35 34.27 20.39
N ASP B 193 -24.67 35.36 20.72
CA ASP B 193 -23.71 35.45 21.82
C ASP B 193 -23.40 34.14 22.55
N LEU B 194 -22.26 33.58 22.16
CA LEU B 194 -21.69 32.40 22.79
C LEU B 194 -20.95 32.79 24.06
N PRO B 195 -20.85 31.87 25.02
CA PRO B 195 -20.04 32.15 26.22
C PRO B 195 -18.57 32.33 25.87
N VAL B 196 -18.09 31.65 24.84
CA VAL B 196 -16.72 31.79 24.35
C VAL B 196 -16.65 31.52 22.84
N GLU B 197 -15.81 32.27 22.13
CA GLU B 197 -15.66 32.10 20.68
C GLU B 197 -14.63 31.04 20.30
N PRO B 198 -14.87 30.35 19.16
CA PRO B 198 -13.85 29.42 18.66
C PRO B 198 -12.67 30.17 18.07
N ASN B 199 -11.60 29.45 17.78
CA ASN B 199 -10.48 30.05 17.08
C ASN B 199 -10.89 30.60 15.71
N GLU B 200 -11.74 29.85 15.01
CA GLU B 200 -12.14 30.20 13.65
C GLU B 200 -13.57 29.77 13.35
N LYS B 201 -14.17 30.37 12.32
CA LYS B 201 -15.44 29.89 11.78
C LYS B 201 -15.35 29.86 10.26
N HIS B 202 -16.05 28.92 9.63
CA HIS B 202 -16.09 28.89 8.17
C HIS B 202 -17.41 28.33 7.64
N PHE B 203 -17.80 28.79 6.46
CA PHE B 203 -19.15 28.58 5.95
C PHE B 203 -19.19 28.15 4.49
N ALA B 204 -18.30 28.71 3.68
CA ALA B 204 -18.41 28.66 2.22
C ALA B 204 -17.89 27.37 1.57
N ASN B 205 -18.70 26.82 0.68
CA ASN B 205 -18.27 25.77 -0.25
C ASN B 205 -18.02 26.40 -1.63
N THR B 206 -17.84 25.58 -2.66
CA THR B 206 -17.67 26.13 -4.00
C THR B 206 -18.87 26.98 -4.40
N GLY B 207 -20.07 26.47 -4.14
CA GLY B 207 -21.29 27.18 -4.48
C GLY B 207 -21.35 28.59 -3.91
N ILE B 208 -21.20 28.71 -2.59
CA ILE B 208 -21.16 30.03 -1.95
C ILE B 208 -20.10 30.91 -2.59
N ALA B 209 -18.91 30.36 -2.77
CA ALA B 209 -17.78 31.10 -3.28
C ALA B 209 -17.99 31.57 -4.72
N THR B 210 -18.82 30.85 -5.46
CA THR B 210 -19.04 31.15 -6.86
C THR B 210 -20.27 32.04 -7.09
N TRP B 211 -21.40 31.65 -6.51
CA TRP B 211 -22.65 32.34 -6.80
C TRP B 211 -23.15 33.23 -5.66
N TYR B 212 -22.72 32.99 -4.42
CA TYR B 212 -23.12 33.86 -3.33
C TYR B 212 -21.98 34.35 -2.42
N PRO B 213 -20.91 34.91 -3.01
CA PRO B 213 -19.74 35.33 -2.20
C PRO B 213 -20.03 36.40 -1.16
N GLU B 214 -21.10 37.17 -1.34
CA GLU B 214 -21.36 38.34 -0.50
C GLU B 214 -22.30 38.04 0.67
N LYS B 215 -22.94 36.87 0.63
CA LYS B 215 -23.94 36.51 1.63
C LYS B 215 -23.38 36.30 3.02
N ILE B 216 -22.08 36.03 3.12
CA ILE B 216 -21.51 35.58 4.37
C ILE B 216 -19.99 35.49 4.27
N ASN B 217 -19.32 35.48 5.43
CA ASN B 217 -17.86 35.52 5.48
C ASN B 217 -17.19 34.40 4.67
N THR B 218 -16.28 34.79 3.80
CA THR B 218 -15.59 33.86 2.92
C THR B 218 -14.08 33.91 3.09
N ASP B 219 -13.62 34.28 4.28
CA ASP B 219 -12.20 34.33 4.57
C ASP B 219 -11.58 32.96 4.40
N ILE B 220 -12.28 31.95 4.88
CA ILE B 220 -11.90 30.56 4.68
C ILE B 220 -12.92 29.87 3.79
N VAL B 221 -12.47 29.31 2.67
CA VAL B 221 -13.35 28.60 1.76
C VAL B 221 -13.05 27.12 1.76
N ARG B 222 -14.10 26.31 1.93
CA ARG B 222 -13.96 24.88 1.88
C ARG B 222 -14.24 24.43 0.45
N LEU B 223 -13.17 24.42 -0.35
CA LEU B 223 -13.26 24.27 -1.80
C LEU B 223 -13.16 22.82 -2.25
N GLY B 224 -14.29 22.28 -2.70
CA GLY B 224 -14.34 20.94 -3.25
C GLY B 224 -14.45 20.95 -4.76
N ILE B 225 -15.66 20.73 -5.27
CA ILE B 225 -15.88 20.52 -6.70
C ILE B 225 -15.20 21.54 -7.63
N GLY B 226 -15.17 22.80 -7.24
CA GLY B 226 -14.62 23.84 -8.08
C GLY B 226 -13.15 23.67 -8.37
N LEU B 227 -12.44 23.04 -7.43
CA LEU B 227 -11.02 22.81 -7.58
C LEU B 227 -10.76 21.99 -8.85
N PHE B 228 -11.67 21.06 -9.13
CA PHE B 228 -11.51 20.12 -10.23
C PHE B 228 -12.06 20.69 -11.53
N GLY B 229 -12.48 21.95 -11.50
CA GLY B 229 -12.94 22.63 -12.68
C GLY B 229 -14.29 22.13 -13.21
N ILE B 230 -15.12 21.62 -12.30
CA ILE B 230 -16.44 21.14 -12.69
C ILE B 230 -17.53 22.05 -12.16
N ASN B 231 -18.42 22.48 -13.04
CA ASN B 231 -19.61 23.23 -12.65
C ASN B 231 -20.76 22.27 -12.35
N GLY B 232 -21.03 22.05 -11.07
CA GLY B 232 -22.01 21.06 -10.68
C GLY B 232 -23.38 21.62 -10.39
N SER B 233 -23.57 22.92 -10.65
CA SER B 233 -24.81 23.59 -10.28
C SER B 233 -26.05 22.99 -10.93
N VAL B 234 -27.19 23.12 -10.24
CA VAL B 234 -28.46 22.62 -10.73
C VAL B 234 -29.53 23.72 -10.68
N PRO B 235 -30.05 24.13 -11.85
CA PRO B 235 -29.60 23.72 -13.19
C PRO B 235 -28.28 24.40 -13.55
N ILE B 236 -27.63 23.99 -14.63
CA ILE B 236 -26.33 24.56 -14.93
C ILE B 236 -26.42 26.08 -14.94
N MET B 237 -25.71 26.70 -14.01
CA MET B 237 -25.68 28.15 -13.88
C MET B 237 -24.37 28.72 -14.40
N SER B 238 -24.43 29.90 -15.00
CA SER B 238 -23.23 30.59 -15.44
C SER B 238 -22.48 31.15 -14.26
N MET B 239 -21.16 31.26 -14.41
CA MET B 239 -20.30 31.69 -13.31
C MET B 239 -19.58 32.99 -13.67
N PRO B 240 -19.10 33.72 -12.66
CA PRO B 240 -18.38 34.96 -13.01
C PRO B 240 -16.94 34.70 -13.46
N PHE B 241 -16.61 33.44 -13.74
CA PHE B 241 -15.28 33.10 -14.20
C PHE B 241 -15.30 31.81 -15.01
N GLU B 242 -14.14 31.43 -15.52
CA GLU B 242 -14.01 30.16 -16.21
C GLU B 242 -13.45 29.10 -15.27
N LEU B 243 -14.05 27.92 -15.33
CA LEU B 243 -13.46 26.75 -14.73
C LEU B 243 -12.84 25.94 -15.85
N ILE B 244 -11.66 25.39 -15.64
CA ILE B 244 -11.10 24.51 -16.64
C ILE B 244 -10.90 23.16 -15.99
N PRO B 245 -11.56 22.14 -16.53
CA PRO B 245 -11.58 20.81 -15.89
C PRO B 245 -10.19 20.21 -15.75
N ALA B 246 -9.96 19.55 -14.63
CA ALA B 246 -8.64 19.08 -14.25
C ALA B 246 -8.29 17.73 -14.87
N LEU B 247 -9.28 16.86 -14.98
CA LEU B 247 -9.09 15.47 -15.41
C LEU B 247 -9.30 15.27 -16.90
N SER B 248 -8.39 14.53 -17.54
CA SER B 248 -8.72 13.91 -18.82
C SER B 248 -8.37 12.43 -18.74
N LEU B 249 -8.90 11.67 -19.71
CA LEU B 249 -8.85 10.22 -19.67
C LEU B 249 -8.42 9.67 -21.03
N LYS B 250 -7.27 8.99 -21.05
CA LYS B 250 -6.70 8.47 -22.29
C LYS B 250 -6.31 7.00 -22.15
N ALA B 251 -6.17 6.31 -23.28
CA ALA B 251 -5.68 4.94 -23.30
C ALA B 251 -5.24 4.54 -24.70
N LYS B 252 -4.29 3.62 -24.78
CA LYS B 252 -3.78 3.19 -26.06
C LYS B 252 -4.45 1.92 -26.57
N VAL B 253 -4.73 1.92 -27.87
CA VAL B 253 -5.31 0.78 -28.56
C VAL B 253 -4.51 -0.49 -28.31
N VAL B 254 -5.19 -1.56 -27.90
CA VAL B 254 -4.51 -2.84 -27.67
C VAL B 254 -4.84 -3.87 -28.74
N ASN B 255 -6.01 -3.73 -29.36
CA ASN B 255 -6.45 -4.64 -30.41
C ASN B 255 -7.08 -3.84 -31.55
N SER B 256 -6.73 -4.16 -32.79
CA SER B 256 -7.24 -3.41 -33.93
C SER B 256 -7.48 -4.30 -35.16
N LYS B 257 -8.69 -4.22 -35.70
CA LYS B 257 -9.12 -5.10 -36.76
C LYS B 257 -10.14 -4.41 -37.67
N PRO B 258 -10.27 -4.90 -38.90
CA PRO B 258 -11.45 -4.47 -39.65
C PRO B 258 -12.66 -5.21 -39.10
N LEU B 259 -13.84 -4.69 -39.31
CA LEU B 259 -15.03 -5.51 -39.13
C LEU B 259 -15.97 -5.14 -40.27
N LYS B 260 -16.84 -6.07 -40.62
CA LYS B 260 -17.61 -5.94 -41.83
C LYS B 260 -19.07 -5.60 -41.53
N LYS B 261 -19.69 -4.83 -42.41
CA LYS B 261 -21.08 -4.42 -42.24
C LYS B 261 -21.91 -5.55 -41.64
N GLY B 262 -22.70 -5.21 -40.63
CA GLY B 262 -23.58 -6.18 -40.00
C GLY B 262 -22.93 -7.04 -38.92
N ASP B 263 -21.61 -6.91 -38.76
CA ASP B 263 -20.94 -7.61 -37.67
C ASP B 263 -21.48 -7.10 -36.33
N ALA B 264 -21.68 -8.00 -35.39
CA ALA B 264 -22.14 -7.60 -34.05
C ALA B 264 -20.96 -7.44 -33.10
N VAL B 265 -21.07 -6.47 -32.20
CA VAL B 265 -20.03 -6.15 -31.23
C VAL B 265 -20.60 -6.06 -29.82
N GLY B 266 -19.87 -6.60 -28.84
CA GLY B 266 -20.20 -6.39 -27.45
C GLY B 266 -21.18 -7.39 -26.87
N TYR B 267 -21.28 -7.37 -25.54
CA TYR B 267 -22.25 -8.21 -24.83
C TYR B 267 -23.66 -7.96 -25.32
N GLY B 268 -24.38 -9.05 -25.61
CA GLY B 268 -25.73 -8.95 -26.14
C GLY B 268 -25.75 -9.00 -27.66
N ALA B 269 -24.61 -8.74 -28.28
CA ALA B 269 -24.54 -8.73 -29.74
C ALA B 269 -25.63 -7.84 -30.33
N GLU B 270 -25.78 -6.64 -29.76
CA GLU B 270 -26.88 -5.77 -30.12
C GLU B 270 -26.48 -4.62 -31.03
N TYR B 271 -25.20 -4.31 -31.05
CA TYR B 271 -24.67 -3.36 -32.03
C TYR B 271 -24.29 -4.10 -33.33
N HIS B 272 -24.76 -3.58 -34.45
CA HIS B 272 -24.35 -4.09 -35.75
C HIS B 272 -23.64 -2.99 -36.53
N ALA B 273 -22.45 -3.29 -37.04
CA ALA B 273 -21.71 -2.32 -37.84
C ALA B 273 -22.57 -1.85 -39.01
N PRO B 274 -22.68 -0.52 -39.17
CA PRO B 274 -23.52 0.03 -40.24
C PRO B 274 -22.87 -0.09 -41.61
N ASN B 275 -21.53 -0.13 -41.64
CA ASN B 275 -20.79 -0.33 -42.88
C ASN B 275 -19.45 -0.99 -42.60
N ASP B 276 -18.70 -1.30 -43.65
CA ASP B 276 -17.34 -1.80 -43.48
C ASP B 276 -16.51 -0.73 -42.77
N GLY B 277 -15.74 -1.16 -41.78
CA GLY B 277 -14.95 -0.21 -41.01
C GLY B 277 -13.88 -0.90 -40.21
N TYR B 278 -13.49 -0.26 -39.12
CA TYR B 278 -12.41 -0.78 -38.28
C TYR B 278 -12.81 -0.67 -36.82
N LEU B 279 -12.44 -1.67 -36.03
CA LEU B 279 -12.82 -1.69 -34.63
C LEU B 279 -11.59 -1.62 -33.73
N ILE B 280 -11.61 -0.61 -32.87
CA ILE B 280 -10.48 -0.23 -32.04
C ILE B 280 -10.78 -0.55 -30.59
N THR B 281 -10.06 -1.50 -29.99
CA THR B 281 -10.30 -1.89 -28.60
C THR B 281 -9.30 -1.26 -27.62
N ILE B 282 -9.81 -0.59 -26.59
CA ILE B 282 -8.96 0.07 -25.60
C ILE B 282 -9.13 -0.52 -24.21
N PRO B 283 -8.07 -0.47 -23.37
CA PRO B 283 -8.13 -1.10 -22.05
C PRO B 283 -8.69 -0.20 -20.97
N ILE B 284 -9.90 0.34 -21.16
CA ILE B 284 -10.64 0.86 -20.04
C ILE B 284 -12.12 0.51 -20.19
N GLY B 285 -12.76 0.19 -19.07
CA GLY B 285 -14.16 -0.18 -19.04
C GLY B 285 -14.84 0.52 -17.89
N HIS B 286 -16.06 0.12 -17.55
CA HIS B 286 -16.81 0.82 -16.51
C HIS B 286 -16.24 0.52 -15.12
N SER B 287 -15.52 -0.59 -14.98
CA SER B 287 -14.85 -0.88 -13.71
C SER B 287 -13.78 0.16 -13.41
N ASP B 288 -13.32 0.88 -14.43
CA ASP B 288 -12.39 1.98 -14.22
C ASP B 288 -13.13 3.27 -13.90
N GLY B 289 -14.42 3.30 -14.18
CA GLY B 289 -15.20 4.50 -13.92
C GLY B 289 -15.79 5.18 -15.14
N TYR B 290 -15.40 4.75 -16.34
CA TYR B 290 -16.04 5.27 -17.55
C TYR B 290 -17.50 4.83 -17.54
N PRO B 291 -18.42 5.75 -17.90
CA PRO B 291 -19.84 5.43 -17.76
C PRO B 291 -20.26 4.10 -18.39
N PHE B 292 -21.06 3.34 -17.65
CA PHE B 292 -21.51 2.02 -18.09
C PHE B 292 -22.33 2.08 -19.35
N ASN B 293 -23.13 3.13 -19.48
CA ASN B 293 -23.93 3.34 -20.68
C ASN B 293 -23.32 4.45 -21.52
N GLY B 294 -21.99 4.45 -21.60
CA GLY B 294 -21.27 5.47 -22.34
C GLY B 294 -21.21 5.16 -23.82
N SER B 295 -21.72 4.00 -24.21
CA SER B 295 -21.79 3.64 -25.63
C SER B 295 -22.45 4.74 -26.45
N GLY B 296 -21.86 5.05 -27.60
CA GLY B 296 -22.39 6.10 -28.43
C GLY B 296 -21.62 7.39 -28.26
N MET B 297 -20.87 7.51 -27.17
CA MET B 297 -19.97 8.64 -26.99
C MET B 297 -19.02 8.78 -28.17
N ARG B 298 -18.60 10.01 -28.45
CA ARG B 298 -17.44 10.23 -29.29
C ARG B 298 -16.21 9.73 -28.54
N ALA B 299 -15.20 9.34 -29.30
CA ALA B 299 -13.89 9.05 -28.73
C ALA B 299 -12.85 9.61 -29.69
N LEU B 300 -11.93 10.42 -29.18
CA LEU B 300 -11.02 11.16 -30.04
C LEU B 300 -9.68 10.44 -30.22
N VAL B 301 -9.53 9.76 -31.35
CA VAL B 301 -8.30 9.05 -31.65
C VAL B 301 -7.18 10.04 -31.96
N ALA B 302 -5.94 9.65 -31.65
CA ALA B 302 -4.79 10.53 -31.82
C ALA B 302 -4.50 10.92 -33.27
N ASP B 303 -5.03 10.17 -34.24
CA ASP B 303 -4.77 10.47 -35.64
C ASP B 303 -5.76 11.49 -36.20
N GLY B 304 -6.65 11.98 -35.34
CA GLY B 304 -7.60 12.99 -35.75
C GLY B 304 -8.98 12.43 -35.99
N GLN B 305 -9.08 11.11 -36.02
CA GLN B 305 -10.37 10.45 -36.23
C GLN B 305 -11.28 10.62 -35.03
N ILE B 306 -12.58 10.79 -35.31
CA ILE B 306 -13.60 10.78 -34.27
C ILE B 306 -14.32 9.46 -34.37
N GLY B 307 -14.09 8.60 -33.38
CA GLY B 307 -14.73 7.30 -33.35
C GLY B 307 -15.93 7.28 -32.42
N HIS B 308 -16.54 6.13 -32.28
CA HIS B 308 -17.67 5.98 -31.37
C HIS B 308 -17.57 4.66 -30.63
N ILE B 309 -17.89 4.70 -29.35
CA ILE B 309 -17.96 3.50 -28.54
C ILE B 309 -19.20 2.72 -28.93
N VAL B 310 -18.99 1.43 -29.21
CA VAL B 310 -20.04 0.57 -29.75
C VAL B 310 -20.05 -0.76 -29.00
N GLY B 311 -21.20 -1.44 -29.00
CA GLY B 311 -21.37 -2.62 -28.18
C GLY B 311 -21.44 -2.19 -26.72
N GLY B 312 -21.02 -3.06 -25.81
CA GLY B 312 -21.02 -2.66 -24.42
C GLY B 312 -19.79 -1.84 -24.07
N VAL B 313 -19.91 -1.02 -23.03
CA VAL B 313 -18.72 -0.66 -22.26
C VAL B 313 -18.55 -1.83 -21.31
N ALA B 314 -17.54 -2.65 -21.56
CA ALA B 314 -17.32 -3.81 -20.70
C ALA B 314 -16.66 -3.34 -19.41
N MET B 315 -16.34 -4.29 -18.53
CA MET B 315 -15.73 -3.93 -17.25
C MET B 315 -14.37 -3.27 -17.43
N ASP B 316 -13.54 -3.87 -18.26
CA ASP B 316 -12.14 -3.47 -18.39
C ASP B 316 -11.77 -2.97 -19.79
N GLN B 317 -12.68 -3.13 -20.76
CA GLN B 317 -12.38 -2.78 -22.14
C GLN B 317 -13.55 -2.08 -22.82
N SER B 318 -13.23 -1.31 -23.85
CA SER B 318 -14.24 -0.64 -24.67
C SER B 318 -13.86 -0.75 -26.15
N MET B 319 -14.85 -0.96 -27.00
CA MET B 319 -14.60 -1.04 -28.44
C MET B 319 -15.11 0.20 -29.16
N ILE B 320 -14.33 0.65 -30.14
CA ILE B 320 -14.58 1.92 -30.79
C ILE B 320 -14.56 1.78 -32.31
N PHE B 321 -15.66 2.16 -32.96
CA PHE B 321 -15.77 2.05 -34.41
C PHE B 321 -15.24 3.31 -35.10
N VAL B 322 -14.39 3.10 -36.11
CA VAL B 322 -13.83 4.21 -36.90
C VAL B 322 -13.83 3.86 -38.39
N THR B 323 -13.89 4.87 -39.24
CA THR B 323 -13.95 4.66 -40.68
C THR B 323 -12.62 4.16 -41.25
N ASN B 324 -11.52 4.67 -40.70
CA ASN B 324 -10.20 4.39 -41.24
C ASN B 324 -9.33 3.58 -40.28
N PRO B 325 -8.43 2.74 -40.82
CA PRO B 325 -7.64 1.83 -39.97
C PRO B 325 -6.74 2.56 -38.98
N VAL B 326 -6.49 1.94 -37.83
CA VAL B 326 -5.70 2.56 -36.77
C VAL B 326 -4.72 1.57 -36.14
N ALA B 327 -3.46 2.00 -36.00
CA ALA B 327 -2.43 1.14 -35.43
C ALA B 327 -2.62 0.90 -33.94
N VAL B 328 -2.32 -0.32 -33.53
CA VAL B 328 -2.12 -0.67 -32.14
C VAL B 328 -1.12 0.30 -31.50
N GLY B 329 -1.44 0.77 -30.29
CA GLY B 329 -0.55 1.70 -29.59
C GLY B 329 -0.96 3.15 -29.74
N THR B 330 -1.91 3.40 -30.64
CA THR B 330 -2.45 4.74 -30.83
C THR B 330 -3.29 5.13 -29.63
N THR B 331 -3.09 6.33 -29.10
CA THR B 331 -3.90 6.75 -27.96
C THR B 331 -5.28 7.25 -28.41
N VAL B 332 -6.26 7.00 -27.55
CA VAL B 332 -7.62 7.46 -27.73
C VAL B 332 -7.93 8.34 -26.52
N THR B 333 -8.55 9.50 -26.75
CA THR B 333 -8.95 10.33 -25.64
C THR B 333 -10.44 10.20 -25.40
N LEU B 334 -10.81 9.79 -24.19
CA LEU B 334 -12.21 9.63 -23.82
C LEU B 334 -12.76 10.92 -23.23
N ILE B 335 -11.95 11.53 -22.36
CA ILE B 335 -12.25 12.85 -21.81
C ILE B 335 -11.04 13.72 -22.03
N GLY B 336 -11.23 14.86 -22.69
CA GLY B 336 -10.13 15.75 -22.98
C GLY B 336 -10.19 16.35 -24.36
N ARG B 337 -9.03 16.77 -24.86
CA ARG B 337 -8.95 17.56 -26.08
C ARG B 337 -7.96 16.97 -27.09
N VAL B 338 -8.36 16.95 -28.36
CA VAL B 338 -7.47 16.54 -29.43
C VAL B 338 -7.71 17.47 -30.62
N GLY B 339 -6.69 18.25 -30.97
CA GLY B 339 -6.86 19.29 -31.96
C GLY B 339 -7.93 20.27 -31.51
N ASP B 340 -8.90 20.51 -32.38
CA ASP B 340 -9.99 21.43 -32.06
C ASP B 340 -11.23 20.68 -31.62
N GLN B 341 -11.05 19.45 -31.13
CA GLN B 341 -12.15 18.64 -30.63
C GLN B 341 -11.96 18.34 -29.15
N SER B 342 -13.03 18.51 -28.38
CA SER B 342 -12.97 18.26 -26.94
C SER B 342 -14.17 17.47 -26.45
N ILE B 343 -13.91 16.55 -25.54
CA ILE B 343 -14.98 15.84 -24.83
C ILE B 343 -14.83 16.10 -23.35
N THR B 344 -15.90 16.59 -22.75
CA THR B 344 -15.86 17.02 -21.36
C THR B 344 -16.74 16.14 -20.49
N MET B 345 -16.59 16.28 -19.18
CA MET B 345 -17.39 15.51 -18.24
C MET B 345 -18.87 15.85 -18.46
N GLN B 346 -19.13 17.10 -18.82
CA GLN B 346 -20.48 17.57 -19.07
C GLN B 346 -21.10 16.88 -20.29
N ASP B 347 -20.35 16.78 -21.39
CA ASP B 347 -20.79 16.00 -22.55
C ASP B 347 -21.24 14.60 -22.12
N LEU B 348 -20.48 14.04 -21.18
CA LEU B 348 -20.70 12.70 -20.68
C LEU B 348 -21.99 12.60 -19.85
N ALA B 349 -22.28 13.64 -19.08
CA ALA B 349 -23.47 13.67 -18.25
C ALA B 349 -24.71 13.84 -19.11
N GLU B 350 -24.60 14.72 -20.08
CA GLU B 350 -25.63 14.96 -21.07
C GLU B 350 -25.96 13.67 -21.82
N HIS B 351 -24.94 12.98 -22.28
CA HIS B 351 -25.12 11.76 -23.07
C HIS B 351 -25.64 10.59 -22.25
N THR B 352 -25.20 10.48 -21.01
CA THR B 352 -25.60 9.35 -20.18
C THR B 352 -26.82 9.66 -19.31
N GLN B 353 -27.27 10.91 -19.36
CA GLN B 353 -28.34 11.35 -18.48
C GLN B 353 -28.03 11.00 -17.04
N SER B 354 -26.79 11.30 -16.67
CA SER B 354 -26.27 10.97 -15.35
C SER B 354 -25.69 12.24 -14.74
N SER B 355 -25.97 12.48 -13.47
CA SER B 355 -25.41 13.64 -12.77
C SER B 355 -23.91 13.76 -12.97
N ILE B 356 -23.44 14.98 -13.22
CA ILE B 356 -22.01 15.18 -13.45
C ILE B 356 -21.23 15.08 -12.14
N VAL B 357 -21.90 15.32 -11.02
CA VAL B 357 -21.27 15.17 -9.71
C VAL B 357 -21.02 13.69 -9.42
N ALA B 358 -21.95 12.85 -9.88
CA ALA B 358 -21.80 11.41 -9.76
C ALA B 358 -20.70 10.89 -10.67
N LEU B 359 -20.70 11.36 -11.91
CA LEU B 359 -19.74 10.90 -12.92
C LEU B 359 -18.31 11.30 -12.56
N MET B 360 -18.14 12.53 -12.07
CA MET B 360 -16.81 13.02 -11.73
C MET B 360 -16.23 12.24 -10.54
N ASN B 361 -17.09 11.54 -9.83
CA ASN B 361 -16.69 10.76 -8.65
C ASN B 361 -16.58 9.25 -8.91
N ASP B 362 -16.61 8.83 -10.17
CA ASP B 362 -16.69 7.39 -10.47
C ASP B 362 -15.37 6.69 -10.75
N PHE B 363 -14.26 7.43 -10.82
CA PHE B 363 -13.01 6.85 -11.31
C PHE B 363 -12.32 5.95 -10.28
N ALA B 364 -12.00 4.73 -10.70
CA ALA B 364 -11.34 3.76 -9.84
C ALA B 364 -9.84 4.03 -9.74
N PRO B 365 -9.21 3.62 -8.64
CA PRO B 365 -7.75 3.78 -8.51
C PRO B 365 -6.96 2.86 -9.44
N ARG B 366 -7.64 1.96 -10.16
CA ARG B 366 -6.94 1.07 -11.08
C ARG B 366 -6.27 1.86 -12.19
N LEU B 367 -6.83 3.01 -12.56
CA LEU B 367 -6.23 3.88 -13.56
C LEU B 367 -4.98 4.57 -13.04
N GLN B 368 -3.92 4.57 -13.85
CA GLN B 368 -2.69 5.27 -13.51
C GLN B 368 -2.89 6.78 -13.58
N ARG B 369 -2.49 7.49 -12.54
CA ARG B 369 -2.51 8.95 -12.57
C ARG B 369 -1.17 9.53 -13.02
N ILE B 370 -1.26 10.64 -13.75
CA ILE B 370 -0.08 11.35 -14.22
C ILE B 370 -0.38 12.84 -14.20
N ILE B 371 0.53 13.63 -13.65
CA ILE B 371 0.37 15.07 -13.61
C ILE B 371 0.99 15.72 -14.86
N VAL B 372 0.22 16.60 -15.50
CA VAL B 372 0.69 17.33 -16.69
C VAL B 372 0.67 18.84 -16.49
N SER B 373 1.09 19.57 -17.52
CA SER B 373 1.12 21.04 -17.48
C SER B 373 0.69 21.59 -16.12
N ASN C 2 4.25 -0.47 -1.35
CA ASN C 2 5.03 0.47 -2.13
C ASN C 2 6.50 0.52 -1.69
N TYR C 3 7.02 -0.63 -1.25
CA TYR C 3 8.42 -0.74 -0.86
C TYR C 3 9.21 -1.66 -1.78
N ASN C 4 8.56 -2.70 -2.30
CA ASN C 4 9.24 -3.70 -3.11
C ASN C 4 9.61 -3.14 -4.49
N ALA C 5 10.67 -3.70 -5.06
CA ALA C 5 11.19 -3.23 -6.33
C ALA C 5 11.15 -4.35 -7.36
N PRO C 6 9.98 -4.57 -7.96
CA PRO C 6 9.80 -5.72 -8.85
C PRO C 6 10.57 -5.57 -10.17
N HIS C 7 10.94 -4.35 -10.52
CA HIS C 7 11.66 -4.11 -11.77
C HIS C 7 13.17 -4.30 -11.60
N ARG C 8 13.64 -4.23 -10.35
CA ARG C 8 15.02 -4.55 -10.03
C ARG C 8 15.19 -6.04 -9.92
N HIS C 9 16.24 -6.59 -10.53
CA HIS C 9 16.47 -8.02 -10.53
C HIS C 9 17.26 -8.44 -9.30
N ALA C 10 16.66 -8.20 -8.14
CA ALA C 10 17.16 -8.67 -6.87
C ALA C 10 16.00 -9.28 -6.12
N VAL C 11 16.10 -10.56 -5.76
CA VAL C 11 14.98 -11.20 -5.09
C VAL C 11 15.36 -11.91 -3.80
N ILE C 12 14.36 -12.06 -2.95
CA ILE C 12 14.36 -13.06 -1.91
C ILE C 12 13.48 -14.21 -2.39
N GLU C 13 14.04 -15.42 -2.43
CA GLU C 13 13.26 -16.61 -2.77
C GLU C 13 12.91 -17.35 -1.50
N LEU C 14 11.65 -17.76 -1.38
CA LEU C 14 11.19 -18.52 -0.22
C LEU C 14 10.70 -19.91 -0.65
N SER C 15 11.21 -20.94 0.01
CA SER C 15 10.93 -22.31 -0.42
C SER C 15 9.71 -22.92 0.28
N GLN C 16 8.65 -23.17 -0.48
CA GLN C 16 7.45 -23.77 0.09
C GLN C 16 7.78 -25.13 0.70
N SER C 17 8.57 -25.93 0.00
CA SER C 17 8.90 -27.27 0.48
C SER C 17 9.74 -27.22 1.75
N ALA C 18 10.48 -26.11 1.94
CA ALA C 18 11.25 -25.91 3.16
C ALA C 18 10.35 -25.71 4.37
N VAL C 19 9.49 -24.70 4.27
CA VAL C 19 8.58 -24.36 5.34
C VAL C 19 7.63 -25.51 5.65
N VAL C 20 7.21 -26.23 4.61
CA VAL C 20 6.38 -27.41 4.80
C VAL C 20 7.13 -28.43 5.66
N HIS C 21 8.38 -28.67 5.32
CA HIS C 21 9.20 -29.64 6.04
C HIS C 21 9.45 -29.21 7.48
N ASN C 22 9.83 -27.95 7.66
CA ASN C 22 10.21 -27.45 8.97
C ASN C 22 9.08 -27.55 9.99
N LEU C 23 7.87 -27.24 9.55
CA LEU C 23 6.72 -27.35 10.42
C LEU C 23 6.40 -28.82 10.68
N LYS C 24 6.41 -29.62 9.61
CA LYS C 24 6.11 -31.04 9.72
C LYS C 24 6.97 -31.70 10.78
N VAL C 25 8.23 -31.30 10.84
CA VAL C 25 9.19 -32.01 11.64
C VAL C 25 9.18 -31.49 13.09
N ILE C 26 8.85 -30.22 13.27
CA ILE C 26 8.68 -29.66 14.62
C ILE C 26 7.44 -30.22 15.28
N LYS C 27 6.32 -30.18 14.56
CA LYS C 27 5.06 -30.72 15.06
C LYS C 27 5.27 -32.16 15.51
N GLU C 28 6.07 -32.87 14.73
CA GLU C 28 6.35 -34.28 14.96
C GLU C 28 7.12 -34.52 16.26
N ASN C 29 8.15 -33.70 16.50
CA ASN C 29 9.03 -33.89 17.64
C ASN C 29 8.38 -33.56 18.97
N THR C 30 7.11 -33.21 18.91
CA THR C 30 6.43 -32.60 20.04
C THR C 30 4.96 -33.04 20.05
N HIS C 31 4.61 -33.83 19.03
CA HIS C 31 3.22 -34.15 18.70
C HIS C 31 2.28 -33.03 19.12
N ALA C 32 2.49 -31.84 18.58
CA ALA C 32 1.58 -30.73 18.77
C ALA C 32 0.23 -31.06 18.14
N LYS C 33 -0.83 -30.52 18.72
CA LYS C 33 -2.15 -30.63 18.12
C LYS C 33 -2.36 -29.47 17.14
N GLU C 34 -1.99 -28.26 17.58
CA GLU C 34 -2.05 -27.08 16.74
C GLU C 34 -0.68 -26.44 16.61
N ILE C 35 -0.35 -25.95 15.42
CA ILE C 35 0.83 -25.10 15.26
C ILE C 35 0.40 -23.66 15.03
N MET C 36 0.87 -22.78 15.90
CA MET C 36 0.66 -21.35 15.72
C MET C 36 1.88 -20.76 15.00
N ALA C 37 1.68 -20.36 13.76
CA ALA C 37 2.78 -19.74 13.02
C ALA C 37 3.01 -18.34 13.56
N VAL C 38 4.14 -18.12 14.21
CA VAL C 38 4.46 -16.79 14.72
C VAL C 38 5.21 -15.99 13.66
N LEU C 39 4.56 -14.96 13.13
CA LEU C 39 5.06 -14.27 11.94
C LEU C 39 5.26 -12.77 12.15
N LYS C 40 5.56 -12.40 13.38
CA LYS C 40 5.83 -11.01 13.72
C LYS C 40 7.02 -10.44 12.94
N ALA C 41 7.08 -9.12 12.83
CA ALA C 41 8.18 -8.43 12.18
C ALA C 41 8.26 -8.77 10.70
N ASN C 42 7.15 -8.61 9.99
CA ASN C 42 7.10 -8.98 8.59
C ASN C 42 7.62 -10.41 8.43
N ALA C 43 7.07 -11.31 9.24
CA ALA C 43 7.48 -12.72 9.23
C ALA C 43 8.99 -12.87 9.35
N PHE C 44 9.56 -12.31 10.41
CA PHE C 44 11.00 -12.40 10.66
C PHE C 44 11.76 -11.77 9.47
N SER C 45 11.13 -10.78 8.87
CA SER C 45 11.71 -9.99 7.79
C SER C 45 11.79 -10.75 6.47
N HIS C 46 11.21 -11.94 6.43
CA HIS C 46 11.20 -12.77 5.22
C HIS C 46 10.17 -12.30 4.20
N GLY C 47 9.08 -11.71 4.68
CA GLY C 47 7.99 -11.30 3.83
C GLY C 47 6.68 -11.94 4.27
N LEU C 48 5.85 -11.16 4.92
CA LEU C 48 4.62 -11.70 5.52
C LEU C 48 3.66 -12.38 4.53
N PRO C 49 3.32 -11.72 3.41
CA PRO C 49 2.28 -12.39 2.60
C PRO C 49 2.70 -13.78 2.14
N GLU C 50 3.95 -13.91 1.71
CA GLU C 50 4.46 -15.20 1.26
C GLU C 50 4.56 -16.21 2.40
N MET C 51 5.11 -15.78 3.53
CA MET C 51 5.27 -16.67 4.68
C MET C 51 3.93 -17.05 5.30
N ALA C 52 2.99 -16.12 5.36
CA ALA C 52 1.65 -16.44 5.83
C ALA C 52 1.07 -17.57 4.98
N SER C 53 1.12 -17.40 3.66
CA SER C 53 0.60 -18.40 2.74
C SER C 53 1.34 -19.74 2.90
N LEU C 54 2.66 -19.67 2.98
CA LEU C 54 3.45 -20.90 3.15
C LEU C 54 3.11 -21.60 4.46
N SER C 55 2.89 -20.82 5.52
CA SER C 55 2.57 -21.36 6.83
C SER C 55 1.27 -22.17 6.80
N ILE C 56 0.23 -21.56 6.26
CA ILE C 56 -1.06 -22.24 6.17
C ILE C 56 -0.92 -23.49 5.29
N THR C 57 -0.19 -23.36 4.18
CA THR C 57 0.05 -24.52 3.33
C THR C 57 0.74 -25.63 4.10
N ALA C 58 1.70 -25.23 4.95
CA ALA C 58 2.49 -26.17 5.73
C ALA C 58 1.66 -26.85 6.83
N GLY C 59 0.55 -26.24 7.21
CA GLY C 59 -0.34 -26.86 8.16
C GLY C 59 -0.63 -26.06 9.42
N ALA C 60 -0.01 -24.90 9.54
CA ALA C 60 -0.37 -24.00 10.62
C ALA C 60 -1.87 -23.76 10.53
N THR C 61 -2.52 -23.58 11.68
CA THR C 61 -3.96 -23.36 11.68
C THR C 61 -4.31 -22.02 12.31
N ARG C 62 -3.29 -21.31 12.79
CA ARG C 62 -3.49 -20.03 13.44
C ARG C 62 -2.20 -19.22 13.45
N PHE C 63 -2.32 -17.95 13.82
CA PHE C 63 -1.19 -17.03 13.79
C PHE C 63 -0.94 -16.38 15.14
N GLY C 64 0.32 -16.04 15.39
CA GLY C 64 0.69 -15.19 16.49
C GLY C 64 1.46 -14.00 15.96
N MET C 65 1.12 -12.81 16.41
CA MET C 65 1.84 -11.61 15.99
C MET C 65 2.23 -10.78 17.20
N ALA C 66 3.04 -9.75 16.98
CA ALA C 66 3.56 -8.94 18.07
C ALA C 66 2.60 -7.81 18.45
N MET C 67 1.86 -7.30 17.47
CA MET C 67 1.03 -6.12 17.70
C MET C 67 -0.24 -6.14 16.86
N LEU C 68 -1.20 -5.32 17.26
CA LEU C 68 -2.52 -5.28 16.65
C LEU C 68 -2.44 -4.99 15.15
N ASP C 69 -1.62 -4.00 14.80
CA ASP C 69 -1.45 -3.60 13.40
C ASP C 69 -0.97 -4.76 12.53
N GLU C 70 -0.16 -5.64 13.09
CA GLU C 70 0.28 -6.82 12.36
C GLU C 70 -0.89 -7.77 12.17
N ALA C 71 -1.70 -7.89 13.21
CA ALA C 71 -2.91 -8.70 13.16
C ALA C 71 -3.88 -8.16 12.13
N LEU C 72 -4.08 -6.85 12.14
CA LEU C 72 -4.91 -6.16 11.16
C LEU C 72 -4.47 -6.46 9.73
N THR C 73 -3.15 -6.57 9.54
CA THR C 73 -2.60 -6.85 8.21
C THR C 73 -2.95 -8.25 7.73
N LEU C 74 -2.79 -9.26 8.60
CA LEU C 74 -3.22 -10.61 8.27
C LEU C 74 -4.68 -10.59 7.82
N ARG C 75 -5.56 -10.07 8.66
CA ARG C 75 -6.97 -9.98 8.31
C ARG C 75 -7.15 -9.40 6.91
N ASP C 76 -6.46 -8.30 6.62
CA ASP C 76 -6.62 -7.63 5.34
C ASP C 76 -6.00 -8.42 4.18
N LEU C 77 -5.22 -9.46 4.51
CA LEU C 77 -4.69 -10.36 3.49
C LEU C 77 -5.65 -11.53 3.23
N GLY C 78 -6.77 -11.53 3.95
CA GLY C 78 -7.85 -12.48 3.70
C GLY C 78 -7.89 -13.67 4.64
N TYR C 79 -7.01 -13.69 5.63
CA TYR C 79 -6.93 -14.84 6.53
C TYR C 79 -8.04 -14.83 7.58
N ILE C 80 -8.58 -16.02 7.82
CA ILE C 80 -9.75 -16.18 8.69
C ILE C 80 -9.37 -16.88 9.99
N GLN C 81 -8.20 -17.50 10.01
CA GLN C 81 -7.70 -18.25 11.16
C GLN C 81 -7.53 -17.36 12.39
N PRO C 82 -7.54 -17.99 13.60
CA PRO C 82 -7.28 -17.25 14.84
C PRO C 82 -5.98 -16.46 14.79
N ILE C 83 -5.99 -15.25 15.34
CA ILE C 83 -4.76 -14.49 15.51
C ILE C 83 -4.60 -14.00 16.94
N ASP C 84 -3.48 -14.33 17.56
CA ASP C 84 -3.16 -13.81 18.88
C ASP C 84 -2.16 -12.67 18.77
N VAL C 85 -2.46 -11.54 19.40
CA VAL C 85 -1.46 -10.52 19.61
C VAL C 85 -0.72 -10.82 20.92
N LEU C 86 0.58 -11.08 20.82
CA LEU C 86 1.34 -11.52 21.98
C LEU C 86 2.05 -10.36 22.68
N GLY C 87 2.08 -9.21 22.03
CA GLY C 87 2.55 -7.99 22.66
C GLY C 87 1.36 -7.32 23.34
N LEU C 88 1.57 -6.11 23.85
CA LEU C 88 0.52 -5.39 24.56
C LEU C 88 -0.06 -4.30 23.68
N THR C 89 -1.29 -3.89 24.00
CA THR C 89 -2.06 -3.00 23.13
C THR C 89 -2.79 -1.93 23.93
N ASP C 90 -2.81 -0.71 23.40
CA ASP C 90 -3.56 0.38 24.01
C ASP C 90 -5.05 0.06 24.03
N PRO C 91 -5.64 -0.07 25.23
CA PRO C 91 -7.05 -0.46 25.38
C PRO C 91 -8.02 0.36 24.53
N ARG C 92 -7.63 1.57 24.14
CA ARG C 92 -8.48 2.40 23.30
C ARG C 92 -8.72 1.76 21.94
N TYR C 93 -7.81 0.89 21.54
CA TYR C 93 -7.88 0.33 20.19
C TYR C 93 -8.44 -1.09 20.22
N ALA C 94 -8.95 -1.49 21.38
CA ALA C 94 -9.49 -2.83 21.54
C ALA C 94 -10.67 -3.07 20.61
N ARG C 95 -11.41 -2.01 20.29
CA ARG C 95 -12.57 -2.15 19.40
C ARG C 95 -12.19 -2.83 18.09
N LEU C 96 -11.03 -2.46 17.55
CA LEU C 96 -10.57 -3.01 16.28
C LEU C 96 -10.35 -4.52 16.34
N ALA C 97 -9.74 -4.98 17.42
CA ALA C 97 -9.52 -6.40 17.63
C ALA C 97 -10.85 -7.15 17.75
N ALA C 98 -11.78 -6.55 18.48
CA ALA C 98 -13.11 -7.13 18.70
C ALA C 98 -13.87 -7.32 17.38
N GLU C 99 -13.82 -6.29 16.54
CA GLU C 99 -14.50 -6.32 15.24
C GLU C 99 -13.90 -7.34 14.28
N ARG C 100 -12.59 -7.55 14.36
CA ARG C 100 -11.89 -8.42 13.41
C ARG C 100 -11.47 -9.75 14.03
N ASN C 101 -12.06 -10.09 15.17
CA ASN C 101 -11.80 -11.37 15.82
C ASN C 101 -10.32 -11.62 16.11
N ILE C 102 -9.65 -10.63 16.69
CA ILE C 102 -8.25 -10.77 17.07
C ILE C 102 -8.10 -10.86 18.58
N THR C 103 -7.39 -11.89 19.03
CA THR C 103 -7.15 -12.10 20.46
C THR C 103 -6.04 -11.18 20.96
N LEU C 104 -6.30 -10.52 22.09
CA LEU C 104 -5.43 -9.47 22.60
C LEU C 104 -4.86 -9.84 23.97
N ALA C 105 -3.55 -9.67 24.14
CA ALA C 105 -2.92 -9.92 25.44
C ALA C 105 -3.05 -8.72 26.37
N PHE C 106 -3.15 -8.98 27.66
CA PHE C 106 -3.16 -7.95 28.69
C PHE C 106 -2.35 -8.40 29.90
N SER C 107 -1.68 -7.46 30.55
CA SER C 107 -0.81 -7.82 31.67
C SER C 107 -1.22 -7.11 32.94
N THR C 108 -2.44 -6.59 32.97
CA THR C 108 -2.83 -5.71 34.07
C THR C 108 -4.36 -5.64 34.21
N LYS C 109 -4.87 -5.78 35.44
CA LYS C 109 -6.31 -5.72 35.65
C LYS C 109 -6.89 -4.39 35.15
N GLU C 110 -6.13 -3.32 35.38
CA GLU C 110 -6.55 -1.97 35.02
C GLU C 110 -6.82 -1.85 33.52
N SER C 111 -5.97 -2.49 32.71
CA SER C 111 -6.08 -2.41 31.26
C SER C 111 -7.22 -3.31 30.77
N ILE C 112 -7.35 -4.47 31.39
CA ILE C 112 -8.45 -5.38 31.11
C ILE C 112 -9.79 -4.66 31.30
N LYS C 113 -9.89 -3.91 32.38
CA LYS C 113 -11.11 -3.16 32.67
C LYS C 113 -11.33 -2.04 31.65
N ALA C 114 -10.26 -1.31 31.34
CA ALA C 114 -10.34 -0.25 30.35
C ALA C 114 -10.85 -0.82 29.03
N ALA C 115 -10.30 -1.97 28.64
CA ALA C 115 -10.68 -2.62 27.39
C ALA C 115 -12.17 -2.96 27.38
N ALA C 116 -12.66 -3.49 28.51
CA ALA C 116 -14.06 -3.86 28.61
C ALA C 116 -14.96 -2.63 28.51
N GLU C 117 -14.55 -1.54 29.17
CA GLU C 117 -15.34 -0.32 29.15
C GLU C 117 -15.34 0.33 27.77
N GLN C 118 -14.39 -0.02 26.92
CA GLN C 118 -14.39 0.44 25.53
C GLN C 118 -15.48 -0.25 24.72
N LEU C 119 -15.83 -1.47 25.13
CA LEU C 119 -16.76 -2.29 24.36
C LEU C 119 -18.17 -2.28 24.93
N ALA C 120 -18.36 -1.62 26.07
CA ALA C 120 -19.68 -1.54 26.69
C ALA C 120 -20.71 -0.91 25.75
N GLY C 121 -21.90 -1.49 25.69
CA GLY C 121 -23.00 -0.97 24.90
C GLY C 121 -22.69 -0.95 23.41
N THR C 122 -21.65 -1.69 23.04
CA THR C 122 -21.08 -1.59 21.71
C THR C 122 -21.55 -2.76 20.84
N GLY C 123 -21.93 -3.86 21.50
CA GLY C 123 -22.41 -5.04 20.81
C GLY C 123 -21.31 -6.05 20.55
N LEU C 124 -20.08 -5.67 20.89
CA LEU C 124 -18.92 -6.47 20.54
C LEU C 124 -18.39 -7.28 21.69
N THR C 125 -17.48 -8.17 21.34
CA THR C 125 -16.95 -9.17 22.23
C THR C 125 -15.46 -9.33 21.93
N LEU C 126 -14.64 -9.34 22.97
CA LEU C 126 -13.18 -9.43 22.78
C LEU C 126 -12.55 -10.63 23.48
N LYS C 127 -11.75 -11.38 22.74
CA LYS C 127 -10.96 -12.45 23.33
C LYS C 127 -9.68 -11.90 23.94
N VAL C 128 -9.42 -12.32 25.17
CA VAL C 128 -8.30 -11.83 25.96
C VAL C 128 -7.34 -12.97 26.30
N SER C 129 -6.05 -12.68 26.31
CA SER C 129 -5.06 -13.61 26.82
C SER C 129 -4.29 -12.95 27.95
N LEU C 130 -3.85 -13.74 28.92
CA LEU C 130 -3.12 -13.21 30.07
C LEU C 130 -1.74 -13.82 30.16
N PRO C 131 -0.73 -13.13 29.60
CA PRO C 131 0.62 -13.69 29.76
C PRO C 131 1.04 -13.74 31.22
N VAL C 132 1.52 -14.89 31.66
CA VAL C 132 2.12 -14.98 32.98
C VAL C 132 3.64 -14.87 32.83
N ASP C 133 4.24 -14.02 33.64
CA ASP C 133 5.67 -13.79 33.59
C ASP C 133 6.40 -14.73 34.54
N THR C 134 6.97 -15.79 33.97
CA THR C 134 7.59 -16.83 34.76
C THR C 134 9.11 -16.69 34.84
N GLY C 135 9.65 -15.60 34.28
CA GLY C 135 11.09 -15.40 34.32
C GLY C 135 11.76 -14.73 33.13
N LEU C 136 11.05 -14.54 32.04
CA LEU C 136 11.61 -13.74 30.95
C LEU C 136 11.69 -12.31 31.44
N ASN C 137 10.72 -11.95 32.27
CA ASN C 137 10.58 -10.60 32.79
C ASN C 137 10.51 -9.57 31.66
N ARG C 138 9.77 -9.94 30.62
CA ARG C 138 9.44 -9.01 29.57
C ARG C 138 8.08 -8.39 29.89
N ILE C 139 7.02 -9.15 29.67
CA ILE C 139 5.67 -8.73 30.06
C ILE C 139 4.97 -9.83 30.83
N GLY C 140 3.88 -9.49 31.52
CA GLY C 140 3.06 -10.49 32.18
C GLY C 140 2.87 -10.27 33.66
N PHE C 141 1.88 -10.98 34.20
CA PHE C 141 1.58 -10.94 35.62
C PHE C 141 2.72 -11.53 36.44
N LYS C 142 3.06 -10.88 37.55
CA LYS C 142 4.21 -11.29 38.32
C LYS C 142 3.81 -11.90 39.66
N SER C 143 2.52 -11.86 39.97
CA SER C 143 2.04 -12.52 41.18
C SER C 143 0.71 -13.23 40.94
N ARG C 144 0.50 -14.30 41.68
CA ARG C 144 -0.74 -15.05 41.59
C ARG C 144 -1.92 -14.19 42.00
N GLU C 145 -1.70 -13.37 43.02
CA GLU C 145 -2.72 -12.45 43.50
C GLU C 145 -3.19 -11.54 42.35
N ASP C 146 -2.23 -10.95 41.64
CA ASP C 146 -2.54 -10.07 40.52
C ASP C 146 -3.29 -10.81 39.41
N LEU C 147 -2.83 -12.02 39.10
CA LEU C 147 -3.43 -12.81 38.05
C LEU C 147 -4.89 -13.11 38.36
N VAL C 148 -5.11 -13.60 39.58
CA VAL C 148 -6.44 -13.98 40.03
C VAL C 148 -7.40 -12.78 40.01
N ALA C 149 -6.92 -11.62 40.46
CA ALA C 149 -7.72 -10.40 40.38
C ALA C 149 -8.10 -10.11 38.93
N ALA C 150 -7.12 -10.27 38.04
CA ALA C 150 -7.32 -10.04 36.62
C ALA C 150 -8.35 -11.00 36.04
N ILE C 151 -8.19 -12.29 36.33
CA ILE C 151 -9.12 -13.29 35.88
C ILE C 151 -10.52 -12.94 36.34
N GLN C 152 -10.65 -12.56 37.61
CA GLN C 152 -11.96 -12.23 38.15
C GLN C 152 -12.54 -11.00 37.46
N GLU C 153 -11.69 -10.12 36.93
CA GLU C 153 -12.16 -8.94 36.22
C GLU C 153 -12.67 -9.25 34.80
N VAL C 154 -11.99 -10.12 34.07
CA VAL C 154 -12.49 -10.47 32.74
C VAL C 154 -13.75 -11.28 32.92
N SER C 155 -13.72 -12.20 33.88
CA SER C 155 -14.90 -12.99 34.22
C SER C 155 -16.10 -12.08 34.55
N ALA C 156 -15.84 -10.91 35.13
CA ALA C 156 -16.90 -9.99 35.53
C ALA C 156 -17.36 -9.07 34.39
N GLN C 157 -16.62 -9.07 33.29
CA GLN C 157 -16.98 -8.25 32.12
C GLN C 157 -17.42 -9.14 30.96
N ASP C 158 -18.69 -9.12 30.58
CA ASP C 158 -19.14 -10.06 29.56
C ASP C 158 -18.97 -9.58 28.11
N THR C 159 -18.26 -8.48 27.91
CA THR C 159 -17.74 -8.17 26.57
C THR C 159 -16.43 -8.92 26.36
N LEU C 160 -15.97 -9.58 27.42
CA LEU C 160 -14.67 -10.23 27.44
C LEU C 160 -14.76 -11.75 27.54
N ILE C 161 -13.94 -12.41 26.74
CA ILE C 161 -13.80 -13.86 26.79
C ILE C 161 -12.42 -14.21 27.32
N PHE C 162 -12.35 -15.08 28.32
CA PHE C 162 -11.08 -15.54 28.84
C PHE C 162 -10.50 -16.58 27.89
N GLN C 163 -9.85 -16.13 26.83
CA GLN C 163 -9.37 -17.06 25.80
C GLN C 163 -8.23 -17.93 26.27
N SER C 164 -7.19 -17.32 26.84
CA SER C 164 -6.00 -18.08 27.20
C SER C 164 -5.15 -17.51 28.33
N MET C 165 -4.30 -18.38 28.86
CA MET C 165 -3.14 -18.01 29.65
C MET C 165 -1.91 -18.63 29.00
N TRP C 166 -0.77 -17.95 29.12
CA TRP C 166 0.46 -18.47 28.56
C TRP C 166 1.68 -17.81 29.19
N THR C 167 2.85 -18.41 28.97
CA THR C 167 4.11 -17.82 29.38
C THR C 167 5.15 -18.11 28.30
N HIS C 168 6.31 -17.46 28.41
CA HIS C 168 7.36 -17.54 27.39
C HIS C 168 8.73 -17.80 28.02
N PHE C 169 9.44 -18.79 27.49
CA PHE C 169 10.74 -19.20 28.05
C PHE C 169 11.90 -18.35 27.56
N ALA C 170 12.88 -18.13 28.44
CA ALA C 170 14.03 -17.30 28.13
C ALA C 170 15.23 -18.11 27.65
N THR C 171 15.22 -19.41 27.95
CA THR C 171 16.42 -20.21 27.77
C THR C 171 16.14 -21.57 27.11
N ALA C 172 15.06 -21.66 26.37
CA ALA C 172 14.67 -22.92 25.74
C ALA C 172 15.46 -23.23 24.46
N ASP C 173 16.18 -22.25 23.92
CA ASP C 173 17.06 -22.52 22.79
C ASP C 173 18.51 -22.49 23.27
N THR C 174 18.73 -23.16 24.40
CA THR C 174 19.99 -23.06 25.12
C THR C 174 20.15 -24.30 26.02
N PRO C 175 21.38 -24.60 26.48
CA PRO C 175 21.53 -25.77 27.35
C PRO C 175 21.15 -25.51 28.82
N ASN C 176 20.75 -24.28 29.14
CA ASN C 176 20.33 -23.92 30.49
C ASN C 176 18.95 -24.52 30.83
N VAL C 177 18.94 -25.81 31.12
CA VAL C 177 17.72 -26.51 31.51
C VAL C 177 17.26 -26.06 32.89
N ASP C 178 18.21 -25.63 33.71
CA ASP C 178 17.91 -25.14 35.05
C ASP C 178 16.89 -24.02 34.99
N TYR C 179 17.07 -23.10 34.04
CA TYR C 179 16.15 -21.98 33.94
C TYR C 179 14.83 -22.40 33.32
N VAL C 180 14.88 -23.38 32.42
CA VAL C 180 13.65 -23.93 31.88
C VAL C 180 12.80 -24.52 33.00
N ASP C 181 13.45 -25.26 33.90
CA ASP C 181 12.76 -25.87 35.04
C ASP C 181 12.32 -24.82 36.05
N PHE C 182 13.12 -23.78 36.21
CA PHE C 182 12.76 -22.68 37.10
C PHE C 182 11.44 -22.04 36.65
N GLN C 183 11.36 -21.69 35.37
CA GLN C 183 10.17 -21.04 34.84
C GLN C 183 8.95 -21.93 35.03
N ILE C 184 9.15 -23.23 34.90
CA ILE C 184 8.05 -24.20 35.03
C ILE C 184 7.57 -24.30 36.49
N SER C 185 8.49 -24.21 37.45
CA SER C 185 8.09 -24.13 38.86
C SER C 185 7.32 -22.84 39.09
N GLU C 186 7.84 -21.76 38.53
CA GLU C 186 7.24 -20.44 38.67
C GLU C 186 5.81 -20.40 38.12
N TRP C 187 5.54 -21.14 37.05
CA TRP C 187 4.20 -21.22 36.48
C TRP C 187 3.23 -21.87 37.47
N GLN C 188 3.69 -22.95 38.10
CA GLN C 188 2.88 -23.65 39.08
C GLN C 188 2.55 -22.72 40.24
N ARG C 189 3.56 -21.97 40.69
CA ARG C 189 3.43 -21.09 41.85
C ARG C 189 2.46 -19.93 41.60
N LEU C 190 2.54 -19.36 40.40
CA LEU C 190 1.71 -18.21 40.06
C LEU C 190 0.33 -18.61 39.56
N THR C 191 0.18 -19.89 39.24
CA THR C 191 -0.94 -20.35 38.44
C THR C 191 -1.88 -21.30 39.21
N HIS C 192 -1.42 -21.72 40.40
CA HIS C 192 -2.25 -22.42 41.38
C HIS C 192 -3.75 -22.43 41.10
N ASP C 193 -4.35 -23.63 41.15
CA ASP C 193 -5.81 -23.76 41.15
C ASP C 193 -6.54 -22.42 41.09
N LEU C 194 -6.95 -22.04 39.89
CA LEU C 194 -7.56 -20.75 39.61
C LEU C 194 -9.07 -20.72 39.87
N PRO C 195 -9.68 -19.52 39.92
CA PRO C 195 -11.13 -19.50 40.12
C PRO C 195 -11.89 -20.08 38.93
N VAL C 196 -11.43 -19.76 37.72
CA VAL C 196 -12.01 -20.30 36.50
C VAL C 196 -10.88 -20.55 35.50
N GLU C 197 -11.08 -21.53 34.62
CA GLU C 197 -10.08 -21.88 33.62
C GLU C 197 -10.31 -21.13 32.29
N PRO C 198 -9.23 -20.74 31.62
CA PRO C 198 -9.32 -20.11 30.31
C PRO C 198 -9.66 -21.14 29.25
N ASN C 199 -10.03 -20.69 28.05
CA ASN C 199 -10.32 -21.61 26.96
C ASN C 199 -9.11 -22.48 26.60
N GLU C 200 -7.90 -21.96 26.83
CA GLU C 200 -6.70 -22.68 26.44
C GLU C 200 -5.43 -22.17 27.14
N LYS C 201 -4.41 -23.00 27.15
CA LYS C 201 -3.10 -22.63 27.66
C LYS C 201 -2.02 -23.14 26.72
N HIS C 202 -1.04 -22.30 26.40
CA HIS C 202 0.09 -22.72 25.57
C HIS C 202 1.42 -22.16 26.09
N PHE C 203 2.51 -22.80 25.70
CA PHE C 203 3.81 -22.56 26.34
C PHE C 203 4.99 -22.57 25.39
N ALA C 204 4.95 -23.48 24.42
CA ALA C 204 6.11 -23.84 23.63
C ALA C 204 6.44 -22.85 22.52
N ASN C 205 7.69 -22.40 22.50
CA ASN C 205 8.27 -21.79 21.31
C ASN C 205 9.09 -22.84 20.57
N THR C 206 9.82 -22.42 19.54
CA THR C 206 10.65 -23.36 18.77
C THR C 206 11.62 -24.13 19.66
N GLY C 207 12.29 -23.42 20.57
CA GLY C 207 13.25 -24.05 21.47
C GLY C 207 12.66 -25.22 22.25
N ILE C 208 11.57 -24.97 22.95
CA ILE C 208 10.84 -26.02 23.65
C ILE C 208 10.49 -27.19 22.73
N ALA C 209 10.02 -26.88 21.52
CA ALA C 209 9.60 -27.92 20.59
C ALA C 209 10.77 -28.73 20.07
N THR C 210 11.94 -28.10 20.03
CA THR C 210 13.13 -28.72 19.47
C THR C 210 13.93 -29.48 20.52
N TRP C 211 14.18 -28.83 21.65
CA TRP C 211 15.14 -29.34 22.63
C TRP C 211 14.53 -29.76 23.96
N TYR C 212 13.30 -29.34 24.24
CA TYR C 212 12.61 -29.72 25.48
C TYR C 212 11.14 -30.10 25.27
N PRO C 213 10.85 -30.97 24.30
CA PRO C 213 9.44 -31.24 24.00
C PRO C 213 8.68 -31.87 25.18
N GLU C 214 9.42 -32.38 26.15
CA GLU C 214 8.84 -33.20 27.22
C GLU C 214 8.64 -32.45 28.53
N LYS C 215 9.14 -31.22 28.60
CA LYS C 215 9.13 -30.47 29.85
C LYS C 215 7.75 -29.97 30.22
N ILE C 216 6.92 -29.77 29.21
CA ILE C 216 5.68 -29.03 29.38
C ILE C 216 4.72 -29.35 28.25
N ASN C 217 3.45 -28.98 28.42
CA ASN C 217 2.42 -29.24 27.43
C ASN C 217 2.75 -28.59 26.09
N THR C 218 2.73 -29.39 25.03
CA THR C 218 3.03 -28.88 23.70
C THR C 218 1.90 -29.13 22.70
N ASP C 219 0.67 -29.23 23.20
CA ASP C 219 -0.49 -29.35 22.33
C ASP C 219 -0.52 -28.20 21.35
N ILE C 220 -0.32 -27.00 21.87
CA ILE C 220 -0.23 -25.81 21.04
C ILE C 220 1.21 -25.29 21.05
N VAL C 221 1.83 -25.20 19.88
CA VAL C 221 3.18 -24.66 19.78
C VAL C 221 3.19 -23.34 19.05
N ARG C 222 3.81 -22.34 19.67
CA ARG C 222 3.99 -21.04 19.03
C ARG C 222 5.32 -21.07 18.30
N LEU C 223 5.26 -21.41 17.01
CA LEU C 223 6.47 -21.65 16.24
C LEU C 223 6.89 -20.44 15.45
N GLY C 224 8.03 -19.87 15.81
CA GLY C 224 8.59 -18.75 15.09
C GLY C 224 9.79 -19.17 14.27
N ILE C 225 10.96 -19.04 14.87
CA ILE C 225 12.23 -19.17 14.15
C ILE C 225 12.40 -20.52 13.42
N GLY C 226 11.90 -21.60 14.00
CA GLY C 226 12.05 -22.92 13.41
C GLY C 226 11.40 -23.01 12.04
N LEU C 227 10.27 -22.34 11.90
CA LEU C 227 9.56 -22.28 10.63
C LEU C 227 10.50 -21.91 9.47
N PHE C 228 11.39 -20.97 9.73
CA PHE C 228 12.23 -20.40 8.68
C PHE C 228 13.45 -21.27 8.40
N GLY C 229 13.60 -22.34 9.17
CA GLY C 229 14.64 -23.33 8.91
C GLY C 229 15.99 -23.00 9.49
N ILE C 230 16.00 -22.10 10.46
CA ILE C 230 17.25 -21.62 11.03
C ILE C 230 17.40 -22.04 12.49
N ASN C 231 18.59 -22.54 12.84
CA ASN C 231 18.89 -22.92 14.21
C ASN C 231 19.55 -21.77 14.94
N GLY C 232 18.79 -21.11 15.82
CA GLY C 232 19.28 -19.93 16.50
C GLY C 232 19.82 -20.17 17.89
N SER C 233 20.07 -21.42 18.23
CA SER C 233 20.49 -21.78 19.59
C SER C 233 21.87 -21.23 19.95
N VAL C 234 22.03 -20.93 21.24
CA VAL C 234 23.29 -20.44 21.80
C VAL C 234 23.74 -21.34 22.95
N PRO C 235 24.87 -22.06 22.78
CA PRO C 235 25.60 -22.16 21.53
C PRO C 235 24.83 -23.04 20.56
N ILE C 236 25.32 -23.20 19.34
CA ILE C 236 24.63 -24.06 18.40
C ILE C 236 24.47 -25.45 19.02
N MET C 237 23.22 -25.89 19.14
CA MET C 237 22.90 -27.22 19.66
C MET C 237 22.41 -28.09 18.51
N SER C 238 22.76 -29.37 18.53
CA SER C 238 22.26 -30.29 17.51
C SER C 238 20.79 -30.57 17.81
N MET C 239 20.03 -30.84 16.76
CA MET C 239 18.59 -31.02 16.87
C MET C 239 18.20 -32.44 16.49
N PRO C 240 17.03 -32.92 16.98
CA PRO C 240 16.61 -34.29 16.70
C PRO C 240 16.08 -34.43 15.28
N PHE C 241 16.16 -33.34 14.53
CA PHE C 241 15.67 -33.38 13.16
C PHE C 241 16.43 -32.45 12.24
N GLU C 242 15.93 -32.45 11.02
CA GLU C 242 16.46 -31.73 9.89
C GLU C 242 15.74 -30.40 9.71
N LEU C 243 16.48 -29.29 9.72
CA LEU C 243 15.89 -28.01 9.38
C LEU C 243 16.42 -27.58 8.01
N ILE C 244 15.57 -27.01 7.18
CA ILE C 244 16.08 -26.50 5.92
C ILE C 244 15.67 -25.05 5.73
N PRO C 245 16.68 -24.17 5.58
CA PRO C 245 16.51 -22.71 5.47
C PRO C 245 15.51 -22.34 4.38
N ALA C 246 14.64 -21.38 4.68
CA ALA C 246 13.55 -21.01 3.79
C ALA C 246 14.01 -19.96 2.78
N LEU C 247 14.81 -19.02 3.25
CA LEU C 247 15.27 -17.87 2.49
C LEU C 247 16.53 -18.17 1.67
N SER C 248 16.52 -17.78 0.40
CA SER C 248 17.74 -17.65 -0.37
C SER C 248 17.78 -16.24 -0.95
N LEU C 249 18.97 -15.76 -1.31
CA LEU C 249 19.13 -14.38 -1.76
C LEU C 249 19.90 -14.32 -3.08
N LYS C 250 19.30 -13.69 -4.09
CA LYS C 250 19.86 -13.71 -5.44
C LYS C 250 19.76 -12.36 -6.13
N ALA C 251 20.63 -12.12 -7.10
CA ALA C 251 20.54 -10.91 -7.90
C ALA C 251 21.29 -11.09 -9.23
N LYS C 252 20.90 -10.32 -10.24
CA LYS C 252 21.57 -10.36 -11.53
C LYS C 252 22.55 -9.20 -11.70
N VAL C 253 23.70 -9.49 -12.30
CA VAL C 253 24.75 -8.49 -12.50
C VAL C 253 24.22 -7.32 -13.34
N VAL C 254 24.49 -6.10 -12.89
CA VAL C 254 24.07 -4.91 -13.65
C VAL C 254 25.25 -4.23 -14.31
N ASN C 255 26.44 -4.40 -13.74
CA ASN C 255 27.65 -3.87 -14.33
C ASN C 255 28.73 -4.94 -14.34
N SER C 256 29.50 -5.00 -15.43
CA SER C 256 30.56 -5.98 -15.56
C SER C 256 31.76 -5.36 -16.26
N LYS C 257 32.95 -5.55 -15.68
CA LYS C 257 34.14 -4.90 -16.20
C LYS C 257 35.40 -5.64 -15.80
N PRO C 258 36.46 -5.52 -16.62
CA PRO C 258 37.73 -5.99 -16.09
C PRO C 258 38.22 -5.01 -15.05
N LEU C 259 39.07 -5.46 -14.14
CA LEU C 259 39.80 -4.50 -13.31
C LEU C 259 41.23 -5.02 -13.17
N LYS C 260 42.19 -4.10 -13.08
CA LYS C 260 43.57 -4.51 -13.10
C LYS C 260 44.17 -4.54 -11.69
N LYS C 261 45.20 -5.34 -11.52
CA LYS C 261 45.90 -5.43 -10.24
C LYS C 261 46.14 -4.03 -9.72
N GLY C 262 45.78 -3.78 -8.46
CA GLY C 262 46.04 -2.51 -7.83
C GLY C 262 44.92 -1.50 -7.97
N ASP C 263 43.87 -1.86 -8.71
CA ASP C 263 42.68 -1.01 -8.79
C ASP C 263 41.96 -1.01 -7.44
N ALA C 264 41.63 0.18 -6.96
CA ALA C 264 40.86 0.31 -5.72
C ALA C 264 39.37 0.14 -5.99
N VAL C 265 38.67 -0.53 -5.08
CA VAL C 265 37.22 -0.70 -5.21
C VAL C 265 36.51 -0.29 -3.92
N GLY C 266 35.42 0.46 -4.07
CA GLY C 266 34.56 0.76 -2.96
C GLY C 266 34.94 1.99 -2.14
N TYR C 267 34.01 2.41 -1.30
CA TYR C 267 34.21 3.56 -0.43
C TYR C 267 35.47 3.40 0.40
N GLY C 268 36.23 4.49 0.54
CA GLY C 268 37.49 4.44 1.25
C GLY C 268 38.63 3.94 0.37
N ALA C 269 38.30 3.44 -0.81
CA ALA C 269 39.31 2.88 -1.71
C ALA C 269 40.33 2.07 -0.91
N GLU C 270 39.83 1.12 -0.13
CA GLU C 270 40.66 0.35 0.77
C GLU C 270 41.10 -0.95 0.13
N TYR C 271 40.15 -1.58 -0.55
CA TYR C 271 40.44 -2.80 -1.26
C TYR C 271 41.21 -2.45 -2.53
N HIS C 272 42.20 -3.28 -2.85
CA HIS C 272 42.92 -3.17 -4.11
C HIS C 272 42.99 -4.55 -4.75
N ALA C 273 42.76 -4.61 -6.05
CA ALA C 273 42.80 -5.89 -6.76
C ALA C 273 44.17 -6.51 -6.59
N PRO C 274 44.21 -7.75 -6.09
CA PRO C 274 45.46 -8.48 -5.85
C PRO C 274 46.10 -8.96 -7.15
N ASN C 275 45.28 -9.06 -8.19
CA ASN C 275 45.73 -9.49 -9.52
C ASN C 275 44.68 -9.13 -10.55
N ASP C 276 45.04 -9.23 -11.83
CA ASP C 276 44.07 -8.93 -12.88
C ASP C 276 42.86 -9.85 -12.77
N GLY C 277 41.69 -9.29 -13.06
CA GLY C 277 40.47 -10.06 -13.06
C GLY C 277 39.28 -9.26 -13.52
N TYR C 278 38.10 -9.62 -13.04
CA TYR C 278 36.88 -8.93 -13.43
C TYR C 278 36.06 -8.59 -12.21
N LEU C 279 35.27 -7.52 -12.32
CA LEU C 279 34.48 -7.05 -11.20
C LEU C 279 33.01 -6.94 -11.56
N ILE C 280 32.23 -7.74 -10.86
CA ILE C 280 30.81 -7.91 -11.09
C ILE C 280 30.01 -7.07 -10.09
N THR C 281 29.18 -6.16 -10.58
CA THR C 281 28.35 -5.33 -9.70
C THR C 281 26.89 -5.81 -9.67
N ILE C 282 26.40 -6.13 -8.47
CA ILE C 282 25.02 -6.58 -8.29
C ILE C 282 24.20 -5.57 -7.51
N PRO C 283 22.88 -5.50 -7.78
CA PRO C 283 22.07 -4.46 -7.16
C PRO C 283 21.46 -4.85 -5.82
N ILE C 284 22.29 -5.28 -4.88
CA ILE C 284 21.85 -5.32 -3.48
C ILE C 284 22.96 -4.80 -2.55
N GLY C 285 22.55 -4.16 -1.46
CA GLY C 285 23.46 -3.64 -0.46
C GLY C 285 22.88 -3.88 0.94
N HIS C 286 23.42 -3.19 1.94
CA HIS C 286 22.95 -3.45 3.31
C HIS C 286 21.59 -2.80 3.60
N SER C 287 21.17 -1.86 2.77
CA SER C 287 19.82 -1.27 2.91
C SER C 287 18.75 -2.28 2.50
N ASP C 288 19.18 -3.37 1.85
CA ASP C 288 18.29 -4.47 1.55
C ASP C 288 18.34 -5.54 2.64
N GLY C 289 19.37 -5.48 3.47
CA GLY C 289 19.51 -6.42 4.58
C GLY C 289 20.76 -7.26 4.52
N TYR C 290 21.55 -7.11 3.47
CA TYR C 290 22.82 -7.82 3.40
C TYR C 290 23.81 -7.15 4.33
N PRO C 291 24.51 -7.97 5.15
CA PRO C 291 25.38 -7.44 6.20
C PRO C 291 26.33 -6.35 5.71
N PHE C 292 26.37 -5.25 6.44
CA PHE C 292 27.24 -4.13 6.13
C PHE C 292 28.71 -4.56 6.05
N ASN C 293 29.11 -5.52 6.88
CA ASN C 293 30.46 -6.04 6.83
C ASN C 293 30.52 -7.38 6.13
N GLY C 294 29.83 -7.48 5.00
CA GLY C 294 29.80 -8.71 4.22
C GLY C 294 30.98 -8.92 3.29
N SER C 295 31.74 -7.85 3.02
CA SER C 295 32.94 -7.99 2.20
C SER C 295 33.75 -9.19 2.66
N GLY C 296 34.30 -9.94 1.70
CA GLY C 296 35.07 -11.12 2.03
C GLY C 296 34.23 -12.37 1.92
N MET C 297 32.91 -12.19 1.90
CA MET C 297 32.01 -13.31 1.71
C MET C 297 32.18 -13.93 0.34
N ARG C 298 32.05 -15.26 0.29
CA ARG C 298 31.94 -15.96 -0.98
C ARG C 298 30.64 -15.55 -1.64
N ALA C 299 30.61 -15.56 -2.96
CA ALA C 299 29.40 -15.31 -3.72
C ALA C 299 29.34 -16.27 -4.90
N LEU C 300 28.17 -16.90 -5.10
CA LEU C 300 28.04 -17.98 -6.06
C LEU C 300 27.46 -17.53 -7.40
N VAL C 301 28.33 -17.38 -8.40
CA VAL C 301 27.90 -17.00 -9.74
C VAL C 301 27.30 -18.18 -10.50
N ALA C 302 26.26 -17.90 -11.29
CA ALA C 302 25.56 -18.95 -12.02
C ALA C 302 26.49 -19.73 -12.95
N ASP C 303 27.57 -19.11 -13.39
CA ASP C 303 28.52 -19.76 -14.30
C ASP C 303 29.46 -20.71 -13.58
N GLY C 304 29.23 -20.92 -12.28
CA GLY C 304 30.02 -21.87 -11.51
C GLY C 304 31.19 -21.28 -10.75
N GLN C 305 31.52 -20.02 -11.04
CA GLN C 305 32.60 -19.36 -10.33
C GLN C 305 32.23 -19.02 -8.90
N ILE C 306 33.24 -19.01 -8.03
CA ILE C 306 33.11 -18.44 -6.70
C ILE C 306 33.80 -17.09 -6.70
N GLY C 307 33.03 -16.03 -6.49
CA GLY C 307 33.60 -14.72 -6.34
C GLY C 307 33.59 -14.31 -4.88
N HIS C 308 34.19 -13.16 -4.58
CA HIS C 308 34.13 -12.61 -3.23
C HIS C 308 33.76 -11.14 -3.30
N ILE C 309 32.83 -10.75 -2.44
CA ILE C 309 32.48 -9.34 -2.27
C ILE C 309 33.73 -8.59 -1.82
N VAL C 310 33.97 -7.45 -2.45
CA VAL C 310 35.17 -6.68 -2.21
C VAL C 310 34.83 -5.22 -2.17
N GLY C 311 35.58 -4.45 -1.39
CA GLY C 311 35.47 -3.01 -1.39
C GLY C 311 34.38 -2.47 -0.48
N GLY C 312 33.81 -3.36 0.33
CA GLY C 312 32.76 -2.96 1.25
C GLY C 312 31.39 -2.99 0.62
N VAL C 313 30.38 -3.27 1.45
CA VAL C 313 29.01 -3.38 0.97
C VAL C 313 28.33 -2.01 0.99
N ALA C 314 27.95 -1.53 -0.19
CA ALA C 314 27.30 -0.24 -0.33
C ALA C 314 25.83 -0.32 0.06
N MET C 315 25.14 0.81 0.05
CA MET C 315 23.73 0.82 0.45
C MET C 315 22.86 -0.01 -0.48
N ASP C 316 23.10 0.13 -1.77
CA ASP C 316 22.19 -0.39 -2.78
C ASP C 316 22.86 -1.37 -3.72
N GLN C 317 24.18 -1.44 -3.63
CA GLN C 317 24.97 -2.27 -4.54
C GLN C 317 26.16 -2.92 -3.85
N SER C 318 26.65 -4.01 -4.41
CA SER C 318 27.84 -4.69 -3.91
C SER C 318 28.71 -5.13 -5.09
N MET C 319 30.03 -5.10 -4.92
CA MET C 319 30.96 -5.46 -5.99
C MET C 319 31.66 -6.78 -5.71
N ILE C 320 31.79 -7.61 -6.74
CA ILE C 320 32.33 -8.95 -6.56
C ILE C 320 33.51 -9.26 -7.49
N PHE C 321 34.65 -9.63 -6.91
CA PHE C 321 35.84 -9.94 -7.68
C PHE C 321 35.79 -11.38 -8.18
N VAL C 322 36.01 -11.57 -9.47
CA VAL C 322 36.02 -12.91 -10.06
C VAL C 322 37.20 -13.09 -11.02
N THR C 323 37.69 -14.32 -11.10
CA THR C 323 38.85 -14.62 -11.92
C THR C 323 38.55 -14.41 -13.40
N ASN C 324 37.40 -14.92 -13.83
CA ASN C 324 37.06 -14.95 -15.24
C ASN C 324 35.83 -14.10 -15.55
N PRO C 325 35.66 -13.71 -16.83
CA PRO C 325 34.64 -12.70 -17.12
C PRO C 325 33.21 -13.21 -16.94
N VAL C 326 32.30 -12.29 -16.62
CA VAL C 326 30.92 -12.62 -16.35
C VAL C 326 30.02 -11.63 -17.08
N ALA C 327 28.94 -12.14 -17.66
CA ALA C 327 28.04 -11.32 -18.45
C ALA C 327 27.05 -10.54 -17.58
N VAL C 328 26.70 -9.34 -18.03
CA VAL C 328 25.56 -8.63 -17.47
C VAL C 328 24.35 -9.55 -17.56
N GLY C 329 23.51 -9.57 -16.53
CA GLY C 329 22.33 -10.41 -16.53
C GLY C 329 22.52 -11.75 -15.83
N THR C 330 23.77 -12.05 -15.49
CA THR C 330 24.07 -13.30 -14.80
C THR C 330 23.59 -13.20 -13.35
N THR C 331 22.93 -14.25 -12.86
CA THR C 331 22.47 -14.23 -11.48
C THR C 331 23.57 -14.67 -10.52
N VAL C 332 23.63 -13.98 -9.38
CA VAL C 332 24.57 -14.29 -8.32
C VAL C 332 23.78 -14.68 -7.08
N THR C 333 24.08 -15.85 -6.53
CA THR C 333 23.43 -16.28 -5.31
C THR C 333 24.27 -15.86 -4.11
N LEU C 334 23.69 -15.04 -3.25
CA LEU C 334 24.37 -14.57 -2.04
C LEU C 334 24.05 -15.47 -0.85
N ILE C 335 22.83 -16.00 -0.84
CA ILE C 335 22.44 -17.03 0.12
C ILE C 335 21.70 -18.15 -0.60
N GLY C 336 22.22 -19.37 -0.50
CA GLY C 336 21.60 -20.50 -1.14
C GLY C 336 22.58 -21.48 -1.77
N ARG C 337 22.10 -22.22 -2.76
CA ARG C 337 22.86 -23.30 -3.37
C ARG C 337 23.06 -23.06 -4.87
N VAL C 338 24.28 -23.28 -5.34
CA VAL C 338 24.57 -23.33 -6.76
C VAL C 338 25.44 -24.55 -7.03
N GLY C 339 24.85 -25.58 -7.61
CA GLY C 339 25.56 -26.84 -7.78
C GLY C 339 25.82 -27.49 -6.44
N ASP C 340 27.06 -27.87 -6.19
CA ASP C 340 27.43 -28.48 -4.92
C ASP C 340 28.03 -27.44 -3.98
N GLN C 341 27.81 -26.16 -4.29
CA GLN C 341 28.24 -25.08 -3.44
C GLN C 341 27.05 -24.42 -2.78
N SER C 342 27.19 -24.09 -1.50
CA SER C 342 26.10 -23.41 -0.81
C SER C 342 26.61 -22.39 0.21
N ILE C 343 25.81 -21.36 0.42
CA ILE C 343 26.07 -20.34 1.41
C ILE C 343 24.83 -20.19 2.29
N THR C 344 24.98 -20.43 3.58
CA THR C 344 23.84 -20.39 4.49
C THR C 344 23.86 -19.12 5.33
N MET C 345 22.73 -18.83 5.96
CA MET C 345 22.65 -17.72 6.91
C MET C 345 23.71 -17.91 7.99
N GLN C 346 23.97 -19.17 8.34
CA GLN C 346 24.98 -19.48 9.33
C GLN C 346 26.40 -19.14 8.85
N ASP C 347 26.70 -19.40 7.59
CA ASP C 347 28.00 -19.01 7.03
C ASP C 347 28.19 -17.51 7.19
N LEU C 348 27.10 -16.79 6.96
CA LEU C 348 27.06 -15.34 7.06
C LEU C 348 27.29 -14.86 8.49
N ALA C 349 26.69 -15.56 9.45
CA ALA C 349 26.85 -15.21 10.86
C ALA C 349 28.30 -15.42 11.30
N GLU C 350 28.87 -16.56 10.93
CA GLU C 350 30.26 -16.84 11.24
C GLU C 350 31.18 -15.78 10.65
N HIS C 351 30.95 -15.43 9.39
CA HIS C 351 31.79 -14.44 8.73
C HIS C 351 31.74 -13.08 9.43
N THR C 352 30.53 -12.58 9.68
CA THR C 352 30.36 -11.24 10.24
C THR C 352 30.49 -11.19 11.76
N GLN C 353 30.69 -12.33 12.39
CA GLN C 353 30.71 -12.36 13.84
C GLN C 353 29.44 -11.68 14.34
N SER C 354 28.30 -12.13 13.83
CA SER C 354 27.01 -11.53 14.14
C SER C 354 26.00 -12.61 14.49
N SER C 355 25.04 -12.27 15.35
CA SER C 355 23.98 -13.20 15.67
C SER C 355 23.19 -13.55 14.42
N ILE C 356 22.96 -14.84 14.21
CA ILE C 356 22.16 -15.29 13.08
C ILE C 356 20.69 -14.88 13.29
N VAL C 357 20.30 -14.69 14.54
CA VAL C 357 18.94 -14.25 14.85
C VAL C 357 18.75 -12.82 14.38
N ALA C 358 19.77 -12.00 14.57
CA ALA C 358 19.77 -10.62 14.07
C ALA C 358 19.78 -10.58 12.55
N LEU C 359 20.66 -11.37 11.94
CA LEU C 359 20.87 -11.33 10.49
C LEU C 359 19.64 -11.78 9.72
N MET C 360 18.98 -12.82 10.20
CA MET C 360 17.79 -13.34 9.55
C MET C 360 16.65 -12.33 9.59
N ASN C 361 16.78 -11.33 10.47
CA ASN C 361 15.73 -10.34 10.69
C ASN C 361 16.02 -8.99 10.03
N ASP C 362 17.07 -8.92 9.23
CA ASP C 362 17.50 -7.64 8.65
C ASP C 362 16.98 -7.34 7.24
N PHE C 363 16.27 -8.28 6.61
CA PHE C 363 15.85 -8.07 5.22
C PHE C 363 14.71 -7.06 5.07
N ALA C 364 15.00 -5.98 4.36
CA ALA C 364 14.03 -4.92 4.10
C ALA C 364 12.97 -5.38 3.08
N PRO C 365 11.83 -4.66 3.03
CA PRO C 365 10.83 -5.01 2.02
C PRO C 365 11.22 -4.56 0.60
N ARG C 366 12.33 -3.86 0.43
CA ARG C 366 12.70 -3.37 -0.89
C ARG C 366 12.97 -4.53 -1.83
N LEU C 367 13.44 -5.64 -1.28
CA LEU C 367 13.67 -6.86 -2.05
C LEU C 367 12.35 -7.55 -2.42
N GLN C 368 12.18 -7.84 -3.71
CA GLN C 368 10.96 -8.49 -4.16
C GLN C 368 11.00 -9.97 -3.83
N ARG C 369 9.93 -10.47 -3.20
CA ARG C 369 9.84 -11.87 -2.80
C ARG C 369 9.24 -12.75 -3.88
N ILE C 370 9.72 -13.99 -3.95
CA ILE C 370 9.18 -14.99 -4.86
C ILE C 370 9.11 -16.32 -4.13
N ILE C 371 7.96 -16.99 -4.20
CA ILE C 371 7.83 -18.33 -3.64
C ILE C 371 8.28 -19.35 -4.67
N VAL C 372 9.09 -20.33 -4.27
CA VAL C 372 9.66 -21.28 -5.23
C VAL C 372 9.19 -22.73 -5.02
N SER C 373 9.50 -23.33 -3.88
CA SER C 373 9.37 -24.79 -3.75
C SER C 373 7.94 -25.26 -3.54
N ASN D 2 -0.60 -1.42 5.81
CA ASN D 2 0.47 -2.26 5.31
C ASN D 2 1.61 -2.47 6.30
N TYR D 3 2.59 -1.55 6.34
CA TYR D 3 3.81 -1.80 7.12
C TYR D 3 3.89 -1.08 8.46
N ASN D 4 3.60 0.22 8.47
CA ASN D 4 3.66 0.97 9.71
C ASN D 4 2.65 0.47 10.76
N ALA D 5 2.94 0.73 12.02
CA ALA D 5 2.01 0.38 13.09
C ALA D 5 1.57 1.65 13.82
N PRO D 6 0.56 2.34 13.30
CA PRO D 6 0.07 3.60 13.88
C PRO D 6 -0.57 3.42 15.26
N HIS D 7 -1.02 2.21 15.59
CA HIS D 7 -1.68 1.96 16.86
C HIS D 7 -0.71 1.58 17.96
N ARG D 8 0.52 1.24 17.58
CA ARG D 8 1.59 1.01 18.54
C ARG D 8 2.24 2.34 18.85
N HIS D 9 2.46 2.61 20.13
CA HIS D 9 3.06 3.86 20.55
C HIS D 9 4.58 3.80 20.50
N ALA D 10 5.10 3.62 19.29
CA ALA D 10 6.53 3.66 19.03
C ALA D 10 6.74 4.49 17.76
N VAL D 11 7.56 5.53 17.84
CA VAL D 11 7.67 6.45 16.71
C VAL D 11 9.09 6.88 16.35
N ILE D 12 9.27 7.10 15.05
CA ILE D 12 10.37 7.91 14.55
C ILE D 12 9.87 9.33 14.35
N GLU D 13 10.46 10.28 15.07
CA GLU D 13 10.19 11.69 14.83
C GLU D 13 11.27 12.26 13.90
N LEU D 14 10.85 13.01 12.89
CA LEU D 14 11.80 13.67 11.98
C LEU D 14 11.63 15.18 12.06
N SER D 15 12.71 15.88 12.35
CA SER D 15 12.65 17.32 12.60
C SER D 15 12.83 18.17 11.35
N GLN D 16 11.79 18.91 11.00
CA GLN D 16 11.84 19.80 9.84
C GLN D 16 12.94 20.85 9.97
N SER D 17 12.93 21.58 11.07
CA SER D 17 13.91 22.63 11.29
C SER D 17 15.34 22.09 11.15
N ALA D 18 15.53 20.84 11.52
CA ALA D 18 16.80 20.14 11.35
C ALA D 18 17.20 20.03 9.88
N VAL D 19 16.34 19.39 9.10
CA VAL D 19 16.60 19.21 7.68
C VAL D 19 16.77 20.56 6.99
N VAL D 20 15.94 21.53 7.35
CA VAL D 20 16.07 22.87 6.79
C VAL D 20 17.47 23.41 7.07
N HIS D 21 17.94 23.22 8.29
CA HIS D 21 19.27 23.69 8.68
C HIS D 21 20.39 22.96 7.95
N ASN D 22 20.24 21.64 7.85
CA ASN D 22 21.29 20.83 7.24
C ASN D 22 21.50 21.22 5.78
N LEU D 23 20.41 21.42 5.03
CA LEU D 23 20.53 21.80 3.62
C LEU D 23 21.12 23.20 3.50
N LYS D 24 20.61 24.14 4.27
CA LYS D 24 21.11 25.51 4.17
C LYS D 24 22.62 25.51 4.34
N VAL D 25 23.05 24.80 5.36
CA VAL D 25 24.43 24.86 5.82
C VAL D 25 25.37 24.15 4.84
N ILE D 26 24.86 23.13 4.14
CA ILE D 26 25.64 22.46 3.11
C ILE D 26 25.76 23.32 1.86
N LYS D 27 24.66 23.99 1.52
CA LYS D 27 24.59 24.75 0.29
C LYS D 27 25.36 26.06 0.42
N GLU D 28 25.41 26.60 1.63
CA GLU D 28 26.22 27.78 1.90
C GLU D 28 27.69 27.42 1.79
N ASN D 29 28.05 26.23 2.29
CA ASN D 29 29.45 25.81 2.31
C ASN D 29 30.00 25.57 0.91
N THR D 30 29.11 25.42 -0.06
CA THR D 30 29.55 25.01 -1.38
C THR D 30 29.01 25.93 -2.48
N HIS D 31 28.16 26.87 -2.11
CA HIS D 31 27.59 27.82 -3.07
C HIS D 31 26.87 27.10 -4.21
N ALA D 32 26.20 26.00 -3.89
CA ALA D 32 25.46 25.25 -4.89
C ALA D 32 24.31 26.06 -5.47
N LYS D 33 23.92 25.73 -6.70
CA LYS D 33 22.75 26.33 -7.32
C LYS D 33 21.53 25.42 -7.12
N GLU D 34 21.77 24.12 -7.16
CA GLU D 34 20.73 23.11 -6.96
C GLU D 34 21.15 22.08 -5.93
N ILE D 35 20.23 21.70 -5.06
CA ILE D 35 20.43 20.55 -4.19
C ILE D 35 19.54 19.39 -4.66
N MET D 36 20.16 18.26 -4.96
CA MET D 36 19.43 17.04 -5.28
C MET D 36 19.26 16.18 -4.04
N ALA D 37 18.07 16.19 -3.46
CA ALA D 37 17.79 15.32 -2.32
C ALA D 37 17.92 13.87 -2.74
N VAL D 38 18.98 13.21 -2.26
CA VAL D 38 19.18 11.79 -2.55
C VAL D 38 18.52 10.97 -1.46
N LEU D 39 17.41 10.32 -1.79
CA LEU D 39 16.60 9.66 -0.79
C LEU D 39 16.43 8.17 -1.05
N LYS D 40 17.44 7.55 -1.66
CA LYS D 40 17.39 6.12 -1.91
C LYS D 40 17.15 5.38 -0.60
N ALA D 41 16.65 4.15 -0.70
CA ALA D 41 16.58 3.26 0.46
C ALA D 41 15.64 3.81 1.52
N ASN D 42 14.43 4.15 1.12
CA ASN D 42 13.46 4.75 2.03
C ASN D 42 14.09 5.94 2.75
N ALA D 43 14.74 6.80 1.98
CA ALA D 43 15.46 7.93 2.54
C ALA D 43 16.32 7.47 3.71
N PHE D 44 17.26 6.59 3.42
CA PHE D 44 18.19 6.10 4.43
C PHE D 44 17.43 5.54 5.63
N SER D 45 16.36 4.82 5.33
CA SER D 45 15.52 4.16 6.33
C SER D 45 14.76 5.14 7.22
N HIS D 46 14.88 6.44 6.95
CA HIS D 46 14.19 7.44 7.77
C HIS D 46 12.71 7.54 7.44
N GLY D 47 12.34 7.26 6.20
CA GLY D 47 10.95 7.34 5.77
C GLY D 47 10.76 8.30 4.61
N LEU D 48 10.55 7.76 3.42
CA LEU D 48 10.49 8.57 2.20
C LEU D 48 9.42 9.69 2.19
N PRO D 49 8.14 9.35 2.43
CA PRO D 49 7.17 10.42 2.29
C PRO D 49 7.53 11.65 3.11
N GLU D 50 7.89 11.43 4.36
CA GLU D 50 8.25 12.51 5.25
C GLU D 50 9.52 13.20 4.77
N MET D 51 10.57 12.41 4.54
CA MET D 51 11.85 12.99 4.15
C MET D 51 11.79 13.71 2.80
N ALA D 52 10.94 13.23 1.89
CA ALA D 52 10.78 13.91 0.61
C ALA D 52 10.14 15.27 0.82
N SER D 53 9.22 15.34 1.78
CA SER D 53 8.50 16.58 2.05
C SER D 53 9.38 17.66 2.68
N LEU D 54 10.21 17.29 3.65
CA LEU D 54 11.08 18.30 4.26
C LEU D 54 12.21 18.69 3.32
N SER D 55 12.60 17.76 2.44
CA SER D 55 13.62 18.06 1.43
C SER D 55 13.19 19.23 0.56
N ILE D 56 11.97 19.15 0.02
CA ILE D 56 11.42 20.26 -0.76
C ILE D 56 11.30 21.48 0.12
N THR D 57 10.70 21.31 1.30
CA THR D 57 10.57 22.40 2.26
C THR D 57 11.92 23.04 2.54
N ALA D 58 12.93 22.19 2.73
CA ALA D 58 14.28 22.65 3.05
C ALA D 58 14.95 23.36 1.86
N GLY D 59 14.44 23.14 0.66
CA GLY D 59 14.96 23.85 -0.49
C GLY D 59 15.54 22.96 -1.59
N ALA D 60 15.42 21.65 -1.44
CA ALA D 60 15.81 20.75 -2.52
C ALA D 60 14.87 21.00 -3.69
N THR D 61 15.36 20.83 -4.91
CA THR D 61 14.53 21.11 -6.07
C THR D 61 14.41 19.91 -6.99
N ARG D 62 15.00 18.80 -6.58
CA ARG D 62 14.96 17.58 -7.36
C ARG D 62 15.48 16.41 -6.53
N PHE D 63 15.30 15.20 -7.04
CA PHE D 63 15.63 14.01 -6.28
C PHE D 63 16.59 13.09 -6.99
N GLY D 64 17.30 12.29 -6.20
CA GLY D 64 18.11 11.20 -6.73
C GLY D 64 17.80 9.94 -5.97
N MET D 65 17.55 8.85 -6.70
CA MET D 65 17.22 7.57 -6.10
C MET D 65 18.14 6.48 -6.64
N ALA D 66 18.09 5.28 -6.08
CA ALA D 66 18.99 4.21 -6.47
C ALA D 66 18.43 3.33 -7.58
N MET D 67 17.13 3.42 -7.83
CA MET D 67 16.49 2.52 -8.77
C MET D 67 15.14 3.01 -9.26
N LEU D 68 14.75 2.48 -10.42
CA LEU D 68 13.51 2.86 -11.07
C LEU D 68 12.31 2.83 -10.14
N ASP D 69 12.14 1.73 -9.40
CA ASP D 69 10.98 1.58 -8.54
C ASP D 69 10.89 2.62 -7.43
N GLU D 70 12.03 3.14 -6.99
CA GLU D 70 12.03 4.19 -5.98
C GLU D 70 11.56 5.50 -6.60
N ALA D 71 11.95 5.73 -7.84
CA ALA D 71 11.57 6.95 -8.54
C ALA D 71 10.08 6.95 -8.84
N LEU D 72 9.57 5.80 -9.24
CA LEU D 72 8.14 5.64 -9.48
C LEU D 72 7.33 5.95 -8.21
N THR D 73 7.88 5.58 -7.06
CA THR D 73 7.21 5.83 -5.79
C THR D 73 7.18 7.32 -5.48
N LEU D 74 8.28 8.02 -5.83
CA LEU D 74 8.28 9.48 -5.74
C LEU D 74 7.16 10.06 -6.58
N ARG D 75 7.12 9.69 -7.86
CA ARG D 75 6.08 10.20 -8.74
C ARG D 75 4.67 9.96 -8.16
N ASP D 76 4.48 8.78 -7.56
CA ASP D 76 3.18 8.40 -7.01
C ASP D 76 2.85 9.13 -5.70
N LEU D 77 3.85 9.74 -5.08
CA LEU D 77 3.59 10.59 -3.91
C LEU D 77 3.17 11.99 -4.36
N GLY D 78 3.09 12.20 -5.66
CA GLY D 78 2.62 13.46 -6.21
C GLY D 78 3.72 14.46 -6.55
N TYR D 79 4.98 14.01 -6.51
CA TYR D 79 6.10 14.89 -6.78
C TYR D 79 6.35 15.09 -8.28
N ILE D 80 6.71 16.31 -8.65
CA ILE D 80 6.81 16.70 -10.05
C ILE D 80 8.24 17.04 -10.45
N GLN D 81 9.10 17.21 -9.44
CA GLN D 81 10.49 17.63 -9.65
C GLN D 81 11.34 16.60 -10.42
N PRO D 82 12.46 17.04 -11.00
CA PRO D 82 13.30 16.05 -11.68
C PRO D 82 13.67 14.89 -10.74
N ILE D 83 13.78 13.69 -11.30
CA ILE D 83 14.28 12.56 -10.54
C ILE D 83 15.39 11.85 -11.34
N ASP D 84 16.50 11.58 -10.67
CA ASP D 84 17.58 10.81 -11.24
C ASP D 84 17.69 9.45 -10.58
N VAL D 85 17.56 8.40 -11.38
CA VAL D 85 17.95 7.07 -10.94
C VAL D 85 19.46 6.96 -11.11
N LEU D 86 20.16 6.62 -10.04
CA LEU D 86 21.61 6.64 -10.03
C LEU D 86 22.22 5.24 -10.10
N GLY D 87 21.37 4.22 -10.04
CA GLY D 87 21.76 2.85 -10.30
C GLY D 87 21.31 2.51 -11.72
N LEU D 88 21.54 1.28 -12.15
CA LEU D 88 21.25 0.89 -13.52
C LEU D 88 19.86 0.27 -13.65
N THR D 89 19.29 0.36 -14.84
CA THR D 89 17.93 -0.09 -15.10
C THR D 89 17.86 -1.03 -16.32
N ASP D 90 17.13 -2.12 -16.17
CA ASP D 90 16.84 -3.03 -17.29
C ASP D 90 16.12 -2.25 -18.40
N PRO D 91 16.73 -2.19 -19.58
CA PRO D 91 16.24 -1.35 -20.70
C PRO D 91 14.77 -1.56 -21.03
N ARG D 92 14.23 -2.76 -20.79
CA ARG D 92 12.87 -3.01 -21.24
C ARG D 92 11.82 -2.43 -20.28
N TYR D 93 12.30 -1.90 -19.15
CA TYR D 93 11.43 -1.15 -18.23
C TYR D 93 11.68 0.34 -18.37
N ALA D 94 12.37 0.73 -19.44
CA ALA D 94 12.69 2.15 -19.65
C ALA D 94 11.45 2.94 -20.03
N ARG D 95 10.47 2.28 -20.64
CA ARG D 95 9.22 2.94 -21.03
C ARG D 95 8.56 3.56 -19.81
N LEU D 96 8.59 2.86 -18.68
CA LEU D 96 8.02 3.38 -17.45
C LEU D 96 8.68 4.71 -17.07
N ALA D 97 10.00 4.77 -17.20
CA ALA D 97 10.71 6.00 -16.84
C ALA D 97 10.39 7.13 -17.80
N ALA D 98 10.35 6.81 -19.10
CA ALA D 98 10.08 7.81 -20.12
C ALA D 98 8.70 8.41 -19.92
N GLU D 99 7.73 7.55 -19.66
CA GLU D 99 6.36 7.99 -19.40
C GLU D 99 6.26 8.93 -18.21
N ARG D 100 7.10 8.70 -17.20
CA ARG D 100 6.97 9.44 -15.94
C ARG D 100 8.07 10.46 -15.71
N ASN D 101 8.74 10.87 -16.79
CA ASN D 101 9.76 11.90 -16.69
C ASN D 101 10.85 11.55 -15.68
N ILE D 102 11.35 10.32 -15.77
CA ILE D 102 12.44 9.86 -14.90
C ILE D 102 13.72 9.65 -15.69
N THR D 103 14.80 10.28 -15.22
CA THR D 103 16.10 10.16 -15.87
C THR D 103 16.82 8.89 -15.44
N LEU D 104 17.22 8.08 -16.42
CA LEU D 104 17.88 6.80 -16.13
C LEU D 104 19.37 6.81 -16.46
N ALA D 105 20.16 6.14 -15.63
CA ALA D 105 21.59 5.97 -15.91
C ALA D 105 21.87 4.69 -16.68
N PHE D 106 22.88 4.75 -17.53
CA PHE D 106 23.36 3.60 -18.31
C PHE D 106 24.88 3.62 -18.28
N SER D 107 25.51 2.46 -18.25
CA SER D 107 26.97 2.42 -18.17
C SER D 107 27.54 1.69 -19.36
N THR D 108 26.79 1.68 -20.45
CA THR D 108 27.08 0.76 -21.52
C THR D 108 26.40 1.19 -22.81
N LYS D 109 27.13 1.14 -23.93
CA LYS D 109 26.56 1.55 -25.22
C LYS D 109 25.41 0.64 -25.62
N GLU D 110 25.57 -0.66 -25.40
CA GLU D 110 24.58 -1.61 -25.88
C GLU D 110 23.25 -1.56 -25.11
N SER D 111 23.27 -1.06 -23.86
CA SER D 111 22.03 -0.93 -23.10
C SER D 111 21.32 0.37 -23.45
N ILE D 112 22.11 1.36 -23.84
CA ILE D 112 21.56 2.62 -24.35
C ILE D 112 20.86 2.42 -25.68
N LYS D 113 21.40 1.53 -26.50
CA LYS D 113 20.79 1.21 -27.78
C LYS D 113 19.56 0.37 -27.54
N ALA D 114 19.66 -0.56 -26.59
CA ALA D 114 18.53 -1.42 -26.22
C ALA D 114 17.38 -0.58 -25.70
N ALA D 115 17.70 0.40 -24.88
CA ALA D 115 16.68 1.28 -24.32
C ALA D 115 15.99 2.05 -25.44
N ALA D 116 16.80 2.64 -26.33
CA ALA D 116 16.26 3.42 -27.44
C ALA D 116 15.35 2.56 -28.32
N GLU D 117 15.73 1.30 -28.53
CA GLU D 117 14.93 0.39 -29.36
C GLU D 117 13.62 0.04 -28.68
N GLN D 118 13.58 0.14 -27.35
CA GLN D 118 12.34 -0.09 -26.62
C GLN D 118 11.34 1.03 -26.85
N LEU D 119 11.86 2.24 -27.05
CA LEU D 119 11.01 3.42 -27.21
C LEU D 119 10.68 3.69 -28.67
N ALA D 120 11.51 3.16 -29.57
CA ALA D 120 11.28 3.35 -31.00
C ALA D 120 9.81 3.08 -31.35
N GLY D 121 9.18 4.06 -31.98
CA GLY D 121 7.82 3.93 -32.43
C GLY D 121 6.74 4.30 -31.43
N THR D 122 7.11 4.65 -30.19
CA THR D 122 6.14 4.78 -29.11
C THR D 122 5.63 6.19 -28.84
N GLY D 123 6.30 7.20 -29.36
CA GLY D 123 5.97 8.58 -29.03
C GLY D 123 6.82 9.09 -27.88
N LEU D 124 7.38 8.18 -27.10
CA LEU D 124 8.05 8.53 -25.86
C LEU D 124 9.50 8.97 -26.02
N THR D 125 9.97 9.74 -25.04
CA THR D 125 11.31 10.30 -25.00
C THR D 125 11.92 10.03 -23.62
N LEU D 126 13.19 9.62 -23.56
CA LEU D 126 13.83 9.26 -22.29
C LEU D 126 15.13 10.03 -22.01
N LYS D 127 15.16 10.72 -20.88
CA LYS D 127 16.36 11.40 -20.41
C LYS D 127 17.36 10.41 -19.83
N VAL D 128 18.60 10.56 -20.27
CA VAL D 128 19.66 9.58 -20.01
C VAL D 128 20.89 10.22 -19.37
N SER D 129 21.39 9.59 -18.31
CA SER D 129 22.66 10.02 -17.72
C SER D 129 23.71 8.92 -17.92
N LEU D 130 24.97 9.36 -18.03
CA LEU D 130 26.09 8.46 -18.26
C LEU D 130 27.09 8.56 -17.12
N PRO D 131 26.98 7.67 -16.12
CA PRO D 131 27.98 7.74 -15.05
C PRO D 131 29.36 7.42 -15.61
N VAL D 132 30.34 8.20 -15.18
CA VAL D 132 31.74 7.95 -15.52
C VAL D 132 32.45 7.40 -14.29
N ASP D 133 32.95 6.18 -14.39
CA ASP D 133 33.66 5.56 -13.28
C ASP D 133 35.09 6.06 -13.18
N THR D 134 35.34 6.94 -12.22
CA THR D 134 36.64 7.59 -12.09
C THR D 134 37.52 6.97 -10.98
N GLY D 135 37.05 5.90 -10.35
CA GLY D 135 37.85 5.22 -9.35
C GLY D 135 37.12 4.51 -8.23
N LEU D 136 35.82 4.79 -8.07
CA LEU D 136 35.00 4.06 -7.13
C LEU D 136 34.90 2.61 -7.59
N ASN D 137 34.83 2.43 -8.91
CA ASN D 137 34.72 1.14 -9.56
C ASN D 137 33.46 0.37 -9.16
N ARG D 138 32.39 1.11 -8.93
CA ARG D 138 31.08 0.54 -8.67
C ARG D 138 30.37 0.31 -10.01
N ILE D 139 29.95 1.39 -10.65
CA ILE D 139 29.41 1.32 -12.01
C ILE D 139 29.91 2.52 -12.80
N GLY D 140 29.81 2.45 -14.13
CA GLY D 140 30.18 3.58 -14.96
C GLY D 140 31.15 3.23 -16.08
N PHE D 141 31.33 4.16 -17.01
CA PHE D 141 32.26 3.96 -18.12
C PHE D 141 33.70 3.99 -17.63
N LYS D 142 34.55 3.17 -18.26
CA LYS D 142 35.92 3.00 -17.81
C LYS D 142 36.96 3.47 -18.83
N SER D 143 36.50 3.84 -20.02
CA SER D 143 37.41 4.37 -21.03
C SER D 143 36.77 5.53 -21.77
N ARG D 144 37.58 6.47 -22.22
CA ARG D 144 37.09 7.58 -23.01
C ARG D 144 36.46 7.08 -24.29
N GLU D 145 37.10 6.08 -24.89
CA GLU D 145 36.60 5.51 -26.13
C GLU D 145 35.19 4.97 -25.95
N ASP D 146 34.98 4.21 -24.88
CA ASP D 146 33.66 3.68 -24.54
C ASP D 146 32.67 4.81 -24.30
N LEU D 147 33.08 5.80 -23.51
CA LEU D 147 32.21 6.93 -23.21
C LEU D 147 31.79 7.63 -24.49
N VAL D 148 32.77 8.00 -25.29
CA VAL D 148 32.50 8.72 -26.54
C VAL D 148 31.59 7.94 -27.48
N ALA D 149 31.76 6.63 -27.53
CA ALA D 149 30.92 5.80 -28.39
C ALA D 149 29.46 5.84 -27.92
N ALA D 150 29.27 5.84 -26.61
CA ALA D 150 27.92 5.85 -26.02
C ALA D 150 27.23 7.20 -26.19
N ILE D 151 28.01 8.27 -26.10
CA ILE D 151 27.47 9.60 -26.35
C ILE D 151 26.96 9.70 -27.78
N GLN D 152 27.71 9.09 -28.69
CA GLN D 152 27.35 9.08 -30.10
C GLN D 152 26.08 8.27 -30.31
N GLU D 153 25.96 7.16 -29.57
CA GLU D 153 24.75 6.36 -29.65
C GLU D 153 23.52 7.17 -29.22
N VAL D 154 23.51 7.70 -27.99
CA VAL D 154 22.35 8.48 -27.56
C VAL D 154 22.10 9.59 -28.59
N SER D 155 23.17 10.18 -29.10
CA SER D 155 23.07 11.18 -30.15
C SER D 155 22.29 10.67 -31.36
N ALA D 156 22.58 9.44 -31.77
CA ALA D 156 21.95 8.85 -32.94
C ALA D 156 20.49 8.49 -32.67
N GLN D 157 20.12 8.44 -31.41
CA GLN D 157 18.81 7.96 -31.00
C GLN D 157 17.91 9.12 -30.58
N ASP D 158 16.95 9.49 -31.42
CA ASP D 158 16.19 10.70 -31.08
C ASP D 158 15.05 10.44 -30.08
N THR D 159 14.92 9.21 -29.59
CA THR D 159 14.06 8.94 -28.44
C THR D 159 14.81 9.22 -27.14
N LEU D 160 16.04 9.71 -27.25
CA LEU D 160 16.90 9.92 -26.07
C LEU D 160 17.37 11.35 -25.90
N ILE D 161 17.44 11.80 -24.65
CA ILE D 161 18.03 13.08 -24.30
C ILE D 161 19.34 12.82 -23.54
N PHE D 162 20.42 13.44 -24.00
CA PHE D 162 21.71 13.38 -23.30
C PHE D 162 21.65 14.32 -22.11
N GLN D 163 21.02 13.87 -21.03
CA GLN D 163 20.73 14.75 -19.91
C GLN D 163 21.98 15.10 -19.11
N SER D 164 22.79 14.10 -18.77
CA SER D 164 23.94 14.39 -17.94
C SER D 164 25.06 13.36 -17.99
N MET D 165 26.22 13.80 -17.51
CA MET D 165 27.30 12.92 -17.12
C MET D 165 27.64 13.22 -15.66
N TRP D 166 28.11 12.21 -14.94
CA TRP D 166 28.47 12.42 -13.56
C TRP D 166 29.44 11.35 -13.10
N THR D 167 30.04 11.57 -11.94
CA THR D 167 30.88 10.57 -11.33
C THR D 167 30.64 10.62 -9.82
N HIS D 168 31.13 9.61 -9.11
CA HIS D 168 30.91 9.50 -7.67
C HIS D 168 32.25 9.24 -6.98
N PHE D 169 32.51 9.97 -5.90
CA PHE D 169 33.80 9.88 -5.21
C PHE D 169 33.83 8.77 -4.18
N ALA D 170 35.02 8.23 -3.93
CA ALA D 170 35.18 7.11 -3.02
C ALA D 170 35.69 7.54 -1.64
N THR D 171 36.37 8.68 -1.58
CA THR D 171 37.06 9.08 -0.36
C THR D 171 36.80 10.54 0.07
N ALA D 172 35.67 11.09 -0.37
CA ALA D 172 35.36 12.50 -0.10
C ALA D 172 34.97 12.79 1.35
N ASP D 173 34.66 11.74 2.12
CA ASP D 173 34.30 11.89 3.53
C ASP D 173 35.39 11.25 4.38
N THR D 174 36.63 11.57 4.05
CA THR D 174 37.78 10.82 4.47
C THR D 174 38.97 11.76 4.30
N PRO D 175 40.08 11.56 5.03
CA PRO D 175 41.22 12.48 4.89
C PRO D 175 42.06 12.26 3.61
N ASN D 176 41.74 11.22 2.85
CA ASN D 176 42.49 10.83 1.66
C ASN D 176 42.23 11.76 0.47
N VAL D 177 42.81 12.96 0.54
CA VAL D 177 42.74 13.93 -0.55
C VAL D 177 43.31 13.35 -1.84
N ASP D 178 44.40 12.61 -1.69
CA ASP D 178 45.09 12.00 -2.83
C ASP D 178 44.12 11.31 -3.79
N TYR D 179 43.26 10.44 -3.26
CA TYR D 179 42.36 9.69 -4.12
C TYR D 179 41.22 10.54 -4.65
N VAL D 180 40.83 11.55 -3.89
CA VAL D 180 39.94 12.58 -4.42
C VAL D 180 40.61 13.21 -5.64
N ASP D 181 41.84 13.70 -5.45
CA ASP D 181 42.61 14.30 -6.53
C ASP D 181 42.73 13.34 -7.70
N PHE D 182 42.92 12.06 -7.41
CA PHE D 182 43.09 11.06 -8.44
C PHE D 182 41.85 10.94 -9.31
N GLN D 183 40.68 10.88 -8.67
CA GLN D 183 39.43 10.74 -9.40
C GLN D 183 39.18 11.96 -10.29
N ILE D 184 39.56 13.14 -9.80
CA ILE D 184 39.39 14.37 -10.56
C ILE D 184 40.29 14.33 -11.79
N SER D 185 41.50 13.83 -11.62
CA SER D 185 42.40 13.59 -12.73
C SER D 185 41.81 12.57 -13.69
N GLU D 186 41.20 11.53 -13.13
CA GLU D 186 40.62 10.47 -13.94
C GLU D 186 39.43 10.96 -14.73
N TRP D 187 38.79 12.01 -14.23
CA TRP D 187 37.68 12.64 -14.95
C TRP D 187 38.18 13.35 -16.20
N GLN D 188 39.22 14.17 -16.03
CA GLN D 188 39.85 14.85 -17.15
C GLN D 188 40.22 13.82 -18.21
N ARG D 189 40.84 12.73 -17.77
CA ARG D 189 41.35 11.71 -18.66
C ARG D 189 40.27 11.02 -19.47
N LEU D 190 39.18 10.68 -18.81
CA LEU D 190 38.11 9.91 -19.45
C LEU D 190 37.08 10.79 -20.18
N THR D 191 37.26 12.10 -20.10
CA THR D 191 36.16 13.03 -20.33
C THR D 191 36.44 14.19 -21.29
N HIS D 192 37.69 14.43 -21.65
CA HIS D 192 38.05 15.61 -22.43
C HIS D 192 37.51 15.55 -23.87
N ASP D 193 37.29 16.73 -24.45
CA ASP D 193 36.89 16.85 -25.86
C ASP D 193 35.75 15.91 -26.23
N LEU D 194 34.56 16.20 -25.71
CA LEU D 194 33.35 15.47 -26.08
C LEU D 194 32.81 15.95 -27.42
N PRO D 195 32.22 15.04 -28.20
CA PRO D 195 31.62 15.51 -29.47
C PRO D 195 30.41 16.41 -29.22
N VAL D 196 29.66 16.15 -28.15
CA VAL D 196 28.59 17.06 -27.71
C VAL D 196 28.52 17.09 -26.19
N GLU D 197 28.11 18.23 -25.64
CA GLU D 197 27.92 18.36 -24.21
C GLU D 197 26.55 17.86 -23.80
N PRO D 198 26.44 17.27 -22.60
CA PRO D 198 25.13 16.93 -22.06
C PRO D 198 24.50 18.17 -21.47
N ASN D 199 23.25 18.08 -21.03
CA ASN D 199 22.58 19.22 -20.43
C ASN D 199 23.24 19.68 -19.13
N GLU D 200 23.85 18.75 -18.41
CA GLU D 200 24.43 19.08 -17.11
C GLU D 200 25.45 18.05 -16.65
N LYS D 201 26.23 18.42 -15.64
CA LYS D 201 27.21 17.54 -15.04
C LYS D 201 27.17 17.72 -13.53
N HIS D 202 27.26 16.64 -12.77
CA HIS D 202 27.36 16.75 -11.32
C HIS D 202 28.30 15.69 -10.74
N PHE D 203 28.91 16.01 -9.60
CA PHE D 203 29.98 15.22 -9.03
C PHE D 203 29.89 15.08 -7.51
N ALA D 204 29.24 16.06 -6.88
CA ALA D 204 29.38 16.26 -5.43
C ALA D 204 28.37 15.48 -4.59
N ASN D 205 28.90 14.75 -3.60
CA ASN D 205 28.09 14.16 -2.56
C ASN D 205 28.27 14.96 -1.28
N THR D 206 27.67 14.53 -0.16
CA THR D 206 27.87 15.22 1.10
C THR D 206 29.37 15.41 1.37
N GLY D 207 30.14 14.35 1.23
CA GLY D 207 31.58 14.42 1.44
C GLY D 207 32.26 15.56 0.71
N ILE D 208 32.07 15.62 -0.60
CA ILE D 208 32.65 16.68 -1.40
C ILE D 208 32.18 18.05 -0.91
N ALA D 209 30.88 18.17 -0.65
CA ALA D 209 30.29 19.43 -0.21
C ALA D 209 30.76 19.85 1.18
N THR D 210 31.13 18.89 2.02
CA THR D 210 31.52 19.19 3.39
C THR D 210 33.01 19.47 3.54
N TRP D 211 33.85 18.59 3.01
CA TRP D 211 35.28 18.65 3.27
C TRP D 211 36.12 18.98 2.04
N TYR D 212 35.51 19.10 0.88
CA TYR D 212 36.26 19.44 -0.32
C TYR D 212 35.50 20.33 -1.33
N PRO D 213 34.92 21.44 -0.86
CA PRO D 213 34.08 22.20 -1.79
C PRO D 213 34.86 22.91 -2.90
N GLU D 214 36.17 23.08 -2.74
CA GLU D 214 36.97 23.80 -3.72
C GLU D 214 37.41 22.91 -4.88
N LYS D 215 37.34 21.60 -4.67
CA LYS D 215 38.03 20.64 -5.52
C LYS D 215 37.40 20.42 -6.91
N ILE D 216 36.10 20.65 -7.03
CA ILE D 216 35.39 20.36 -8.26
C ILE D 216 34.10 21.19 -8.29
N ASN D 217 33.51 21.34 -9.47
CA ASN D 217 32.26 22.09 -9.58
C ASN D 217 31.20 21.53 -8.63
N THR D 218 30.51 22.42 -7.93
CA THR D 218 29.49 22.02 -6.97
C THR D 218 28.17 22.74 -7.21
N ASP D 219 27.94 23.20 -8.44
CA ASP D 219 26.68 23.84 -8.77
C ASP D 219 25.53 22.92 -8.40
N ILE D 220 25.68 21.65 -8.71
CA ILE D 220 24.71 20.63 -8.34
C ILE D 220 25.31 19.70 -7.30
N VAL D 221 24.63 19.55 -6.16
CA VAL D 221 25.10 18.64 -5.13
C VAL D 221 24.11 17.51 -4.98
N ARG D 222 24.61 16.27 -5.03
CA ARG D 222 23.79 15.11 -4.76
C ARG D 222 23.88 14.83 -3.26
N LEU D 223 22.90 15.31 -2.52
CA LEU D 223 22.96 15.35 -1.06
C LEU D 223 22.22 14.18 -0.41
N GLY D 224 22.99 13.29 0.22
CA GLY D 224 22.43 12.14 0.92
C GLY D 224 22.52 12.26 2.43
N ILE D 225 23.57 11.68 2.99
CA ILE D 225 23.72 11.53 4.43
C ILE D 225 23.72 12.87 5.20
N GLY D 226 24.21 13.93 4.58
CA GLY D 226 24.23 15.23 5.23
C GLY D 226 22.85 15.76 5.59
N LEU D 227 21.89 15.56 4.70
CA LEU D 227 20.52 16.00 4.91
C LEU D 227 19.98 15.49 6.26
N PHE D 228 20.36 14.27 6.61
CA PHE D 228 19.87 13.60 7.81
C PHE D 228 20.63 14.04 9.06
N GLY D 229 21.60 14.92 8.86
CA GLY D 229 22.29 15.57 9.96
C GLY D 229 23.29 14.70 10.69
N ILE D 230 23.79 13.67 10.01
CA ILE D 230 24.74 12.78 10.64
C ILE D 230 26.08 12.81 9.91
N ASN D 231 27.15 12.79 10.70
CA ASN D 231 28.52 12.82 10.18
C ASN D 231 29.06 11.40 9.98
N GLY D 232 29.23 11.00 8.73
CA GLY D 232 29.60 9.63 8.41
C GLY D 232 31.07 9.42 8.11
N SER D 233 31.86 10.47 8.26
CA SER D 233 33.28 10.37 7.98
C SER D 233 33.92 9.25 8.79
N VAL D 234 34.60 8.34 8.11
CA VAL D 234 35.54 7.47 8.82
C VAL D 234 36.59 8.50 9.24
N PRO D 235 37.70 8.09 9.86
CA PRO D 235 38.00 9.01 10.96
C PRO D 235 36.98 10.15 11.05
N ILE D 236 36.26 10.25 12.16
CA ILE D 236 35.35 11.38 12.31
C ILE D 236 36.11 12.67 12.12
N MET D 237 35.85 13.35 11.01
CA MET D 237 36.48 14.63 10.76
C MET D 237 35.56 15.76 11.19
N SER D 238 36.15 16.82 11.73
CA SER D 238 35.39 18.00 12.09
C SER D 238 34.89 18.69 10.83
N MET D 239 33.80 19.43 10.97
CA MET D 239 33.14 20.05 9.83
C MET D 239 33.10 21.57 9.96
N PRO D 240 33.09 22.28 8.83
CA PRO D 240 33.02 23.75 8.83
C PRO D 240 31.64 24.29 9.17
N PHE D 241 30.77 23.42 9.68
CA PHE D 241 29.46 23.82 10.14
C PHE D 241 28.91 22.78 11.09
N GLU D 242 27.75 23.08 11.66
CA GLU D 242 27.09 22.19 12.57
C GLU D 242 25.97 21.44 11.86
N LEU D 243 26.00 20.12 11.99
CA LEU D 243 24.89 19.28 11.54
C LEU D 243 23.99 18.99 12.73
N ILE D 244 22.68 18.95 12.51
CA ILE D 244 21.77 18.56 13.59
C ILE D 244 20.91 17.40 13.11
N PRO D 245 20.92 16.29 13.86
CA PRO D 245 20.24 15.07 13.43
C PRO D 245 18.74 15.26 13.26
N ALA D 246 18.19 14.56 12.28
CA ALA D 246 16.78 14.70 11.95
C ALA D 246 15.92 13.68 12.68
N LEU D 247 16.50 12.51 12.96
CA LEU D 247 15.78 11.37 13.52
C LEU D 247 15.82 11.35 15.05
N SER D 248 14.63 11.24 15.65
CA SER D 248 14.51 10.87 17.06
C SER D 248 13.75 9.54 17.13
N LEU D 249 13.98 8.80 18.20
CA LEU D 249 13.34 7.50 18.38
C LEU D 249 12.74 7.38 19.77
N LYS D 250 11.41 7.26 19.85
CA LYS D 250 10.72 7.15 21.14
C LYS D 250 9.64 6.08 21.15
N ALA D 251 9.27 5.64 22.35
CA ALA D 251 8.15 4.74 22.55
C ALA D 251 7.62 4.85 23.98
N LYS D 252 6.35 4.51 24.16
CA LYS D 252 5.72 4.57 25.48
C LYS D 252 5.73 3.22 26.19
N VAL D 253 6.11 3.26 27.47
CA VAL D 253 6.14 2.07 28.31
C VAL D 253 4.81 1.32 28.22
N VAL D 254 4.88 0.01 27.98
CA VAL D 254 3.68 -0.83 27.86
C VAL D 254 3.51 -1.74 29.08
N ASN D 255 4.61 -2.01 29.77
CA ASN D 255 4.60 -2.88 30.95
C ASN D 255 5.62 -2.37 31.96
N SER D 256 5.21 -2.28 33.22
CA SER D 256 6.06 -1.70 34.26
C SER D 256 5.94 -2.49 35.57
N LYS D 257 7.07 -2.87 36.13
CA LYS D 257 7.08 -3.76 37.28
C LYS D 257 8.30 -3.57 38.18
N PRO D 258 8.15 -3.84 39.48
CA PRO D 258 9.35 -3.89 40.32
C PRO D 258 10.20 -5.07 39.91
N LEU D 259 11.48 -5.03 40.26
CA LEU D 259 12.40 -6.10 39.92
C LEU D 259 13.34 -6.29 41.12
N LYS D 260 13.44 -7.51 41.62
CA LYS D 260 14.29 -7.80 42.77
C LYS D 260 15.74 -7.95 42.37
N LYS D 261 16.64 -7.60 43.29
CA LYS D 261 18.05 -7.86 43.10
C LYS D 261 18.26 -9.31 42.72
N GLY D 262 19.02 -9.54 41.65
CA GLY D 262 19.31 -10.90 41.21
C GLY D 262 18.39 -11.49 40.16
N ASP D 263 17.23 -10.88 39.93
CA ASP D 263 16.30 -11.36 38.90
C ASP D 263 16.94 -11.30 37.51
N ALA D 264 16.80 -12.39 36.74
CA ALA D 264 17.31 -12.41 35.38
C ALA D 264 16.29 -11.83 34.39
N VAL D 265 16.79 -11.07 33.42
CA VAL D 265 15.93 -10.48 32.39
C VAL D 265 16.43 -10.86 31.01
N GLY D 266 15.51 -11.28 30.14
CA GLY D 266 15.81 -11.42 28.73
C GLY D 266 16.20 -12.82 28.31
N TYR D 267 16.19 -13.05 27.00
CA TYR D 267 16.62 -14.32 26.43
C TYR D 267 18.02 -14.66 26.92
N GLY D 268 18.20 -15.89 27.38
CA GLY D 268 19.46 -16.33 27.94
C GLY D 268 19.59 -16.15 29.45
N ALA D 269 18.65 -15.43 30.05
CA ALA D 269 18.67 -15.18 31.50
C ALA D 269 20.06 -14.77 31.97
N GLU D 270 20.69 -13.85 31.24
CA GLU D 270 22.07 -13.50 31.50
C GLU D 270 22.22 -12.23 32.32
N TYR D 271 21.26 -11.31 32.18
CA TYR D 271 21.26 -10.13 33.02
C TYR D 271 20.63 -10.44 34.39
N HIS D 272 21.30 -9.99 35.44
CA HIS D 272 20.74 -9.99 36.79
C HIS D 272 20.69 -8.56 37.28
N ALA D 273 19.58 -8.19 37.92
CA ALA D 273 19.44 -6.87 38.51
C ALA D 273 20.42 -6.69 39.66
N PRO D 274 21.24 -5.64 39.61
CA PRO D 274 22.24 -5.31 40.64
C PRO D 274 21.61 -4.95 41.99
N ASN D 275 20.37 -4.49 41.95
CA ASN D 275 19.66 -4.10 43.16
C ASN D 275 18.15 -4.13 42.96
N ASP D 276 17.40 -3.95 44.04
CA ASP D 276 15.96 -3.74 43.90
C ASP D 276 15.76 -2.53 43.01
N GLY D 277 14.89 -2.65 42.02
CA GLY D 277 14.63 -1.56 41.12
C GLY D 277 13.32 -1.74 40.39
N TYR D 278 13.24 -1.16 39.19
CA TYR D 278 12.03 -1.26 38.39
C TYR D 278 12.38 -1.49 36.94
N LEU D 279 11.55 -2.28 36.25
CA LEU D 279 11.80 -2.63 34.87
C LEU D 279 10.65 -2.16 34.01
N ILE D 280 10.97 -1.37 32.99
CA ILE D 280 9.96 -0.90 32.07
C ILE D 280 10.21 -1.48 30.69
N THR D 281 9.15 -2.00 30.10
CA THR D 281 9.20 -2.61 28.80
C THR D 281 8.59 -1.64 27.79
N ILE D 282 9.30 -1.42 26.69
CA ILE D 282 8.82 -0.56 25.62
C ILE D 282 8.67 -1.37 24.34
N PRO D 283 7.72 -0.97 23.48
CA PRO D 283 7.45 -1.80 22.30
C PRO D 283 8.33 -1.47 21.10
N ILE D 284 9.64 -1.47 21.27
CA ILE D 284 10.53 -1.50 20.11
C ILE D 284 11.68 -2.46 20.36
N GLY D 285 12.11 -3.16 19.31
CA GLY D 285 13.18 -4.13 19.38
C GLY D 285 14.01 -4.04 18.11
N HIS D 286 14.93 -4.98 17.92
CA HIS D 286 15.86 -4.87 16.79
C HIS D 286 15.16 -5.05 15.44
N SER D 287 13.98 -5.68 15.43
CA SER D 287 13.19 -5.77 14.20
C SER D 287 12.70 -4.41 13.72
N ASP D 288 12.80 -3.41 14.59
CA ASP D 288 12.42 -2.05 14.22
C ASP D 288 13.62 -1.24 13.75
N GLY D 289 14.82 -1.67 14.10
CA GLY D 289 16.02 -0.96 13.73
C GLY D 289 16.91 -0.54 14.88
N TYR D 290 16.47 -0.76 16.12
CA TYR D 290 17.37 -0.55 17.25
C TYR D 290 18.39 -1.68 17.28
N PRO D 291 19.66 -1.32 17.52
CA PRO D 291 20.77 -2.28 17.45
C PRO D 291 20.49 -3.56 18.22
N PHE D 292 20.83 -4.69 17.60
CA PHE D 292 20.63 -5.98 18.24
C PHE D 292 21.40 -6.08 19.56
N ASN D 293 22.52 -5.37 19.67
CA ASN D 293 23.24 -5.34 20.94
C ASN D 293 23.25 -3.95 21.56
N GLY D 294 22.09 -3.31 21.56
CA GLY D 294 21.93 -2.02 22.21
C GLY D 294 21.90 -2.19 23.73
N SER D 295 21.87 -3.44 24.18
CA SER D 295 21.85 -3.73 25.61
C SER D 295 23.05 -3.10 26.31
N GLY D 296 22.78 -2.41 27.41
CA GLY D 296 23.80 -1.66 28.14
C GLY D 296 23.68 -0.17 27.82
N MET D 297 22.88 0.12 26.80
CA MET D 297 22.69 1.49 26.33
C MET D 297 21.85 2.33 27.29
N ARG D 298 22.11 3.64 27.31
CA ARG D 298 21.25 4.58 28.02
C ARG D 298 19.87 4.67 27.39
N ALA D 299 18.89 5.12 28.17
CA ALA D 299 17.55 5.41 27.67
C ALA D 299 16.95 6.56 28.49
N LEU D 300 16.41 7.56 27.80
CA LEU D 300 15.96 8.77 28.48
C LEU D 300 14.45 8.76 28.76
N VAL D 301 14.09 8.48 30.01
CA VAL D 301 12.69 8.48 30.40
C VAL D 301 12.21 9.92 30.53
N ALA D 302 10.94 10.14 30.21
CA ALA D 302 10.37 11.49 30.20
C ALA D 302 10.30 12.11 31.59
N ASP D 303 10.42 11.29 32.63
CA ASP D 303 10.38 11.78 34.00
C ASP D 303 11.76 12.26 34.48
N GLY D 304 12.74 12.19 33.57
CA GLY D 304 14.07 12.69 33.85
C GLY D 304 15.07 11.63 34.23
N GLN D 305 14.59 10.42 34.50
CA GLN D 305 15.46 9.32 34.85
C GLN D 305 16.28 8.85 33.65
N ILE D 306 17.46 8.31 33.94
CA ILE D 306 18.27 7.68 32.91
C ILE D 306 18.30 6.19 33.16
N GLY D 307 17.58 5.45 32.31
CA GLY D 307 17.57 4.01 32.42
C GLY D 307 18.60 3.36 31.52
N HIS D 308 18.70 2.04 31.61
CA HIS D 308 19.56 1.29 30.70
C HIS D 308 18.83 0.08 30.13
N ILE D 309 19.01 -0.14 28.83
CA ILE D 309 18.55 -1.36 28.19
C ILE D 309 19.27 -2.52 28.86
N VAL D 310 18.51 -3.53 29.27
CA VAL D 310 19.08 -4.68 29.98
C VAL D 310 18.50 -5.98 29.44
N GLY D 311 19.24 -7.08 29.63
CA GLY D 311 18.87 -8.33 29.01
C GLY D 311 19.06 -8.10 27.52
N GLY D 312 18.59 -9.02 26.69
CA GLY D 312 18.75 -8.83 25.26
C GLY D 312 17.81 -7.78 24.70
N VAL D 313 18.17 -7.18 23.57
CA VAL D 313 17.20 -6.42 22.79
C VAL D 313 16.42 -7.45 21.98
N ALA D 314 15.13 -7.56 22.26
CA ALA D 314 14.30 -8.54 21.54
C ALA D 314 13.87 -7.99 20.18
N MET D 315 13.15 -8.80 19.41
CA MET D 315 12.70 -8.38 18.09
C MET D 315 11.82 -7.14 18.15
N ASP D 316 10.81 -7.15 19.03
CA ASP D 316 9.80 -6.10 19.04
C ASP D 316 9.71 -5.33 20.35
N GLN D 317 10.46 -5.80 21.36
CA GLN D 317 10.37 -5.22 22.69
C GLN D 317 11.75 -5.07 23.32
N SER D 318 11.84 -4.13 24.26
CA SER D 318 13.07 -3.93 24.99
C SER D 318 12.77 -3.57 26.44
N MET D 319 13.69 -3.98 27.33
CA MET D 319 13.54 -3.78 28.75
C MET D 319 14.53 -2.76 29.29
N ILE D 320 14.04 -1.87 30.13
CA ILE D 320 14.86 -0.80 30.66
C ILE D 320 14.81 -0.79 32.18
N PHE D 321 15.97 -0.91 32.81
CA PHE D 321 16.06 -0.91 34.27
C PHE D 321 16.25 0.51 34.78
N VAL D 322 15.42 0.92 35.73
CA VAL D 322 15.47 2.24 36.32
C VAL D 322 15.42 2.16 37.85
N THR D 323 16.01 3.15 38.51
CA THR D 323 16.12 3.17 39.96
C THR D 323 14.78 3.25 40.67
N ASN D 324 13.87 4.07 40.15
CA ASN D 324 12.55 4.18 40.78
C ASN D 324 11.39 4.05 39.75
N PRO D 325 10.14 3.97 40.24
CA PRO D 325 9.12 3.46 39.31
C PRO D 325 8.68 4.43 38.22
N VAL D 326 8.02 3.86 37.22
CA VAL D 326 7.59 4.58 36.04
C VAL D 326 6.21 4.08 35.63
N ALA D 327 5.31 5.02 35.39
CA ALA D 327 3.96 4.70 34.95
C ALA D 327 3.92 4.15 33.53
N VAL D 328 3.09 3.14 33.32
CA VAL D 328 2.72 2.73 31.97
C VAL D 328 2.31 3.98 31.21
N GLY D 329 2.73 4.07 29.95
CA GLY D 329 2.33 5.19 29.10
C GLY D 329 3.36 6.31 29.08
N THR D 330 4.37 6.21 29.95
CA THR D 330 5.45 7.18 29.97
C THR D 330 6.34 6.97 28.75
N THR D 331 6.68 8.05 28.05
CA THR D 331 7.49 7.91 26.85
C THR D 331 8.97 7.79 27.20
N VAL D 332 9.68 6.93 26.47
CA VAL D 332 11.12 6.76 26.63
C VAL D 332 11.80 7.20 25.34
N THR D 333 12.86 7.98 25.46
CA THR D 333 13.59 8.39 24.28
C THR D 333 14.86 7.55 24.14
N LEU D 334 14.97 6.85 23.02
CA LEU D 334 16.13 6.00 22.73
C LEU D 334 17.17 6.79 21.94
N ILE D 335 16.69 7.65 21.04
CA ILE D 335 17.53 8.58 20.29
C ILE D 335 16.89 9.95 20.39
N GLY D 336 17.64 10.94 20.85
CA GLY D 336 17.12 12.29 20.94
C GLY D 336 17.45 12.98 22.25
N ARG D 337 16.72 14.06 22.55
CA ARG D 337 16.98 14.85 23.73
C ARG D 337 15.88 14.72 24.77
N VAL D 338 16.28 14.79 26.03
CA VAL D 338 15.34 14.97 27.14
C VAL D 338 16.03 15.86 28.16
N GLY D 339 15.45 17.02 28.42
CA GLY D 339 16.12 18.00 29.26
C GLY D 339 17.52 18.20 28.71
N ASP D 340 18.51 18.17 29.58
CA ASP D 340 19.88 18.41 29.18
C ASP D 340 20.61 17.11 28.82
N GLN D 341 19.86 16.02 28.73
CA GLN D 341 20.45 14.73 28.38
C GLN D 341 20.21 14.43 26.90
N SER D 342 21.14 13.70 26.30
CA SER D 342 21.11 13.46 24.85
C SER D 342 21.58 12.07 24.49
N ILE D 343 20.86 11.42 23.57
CA ILE D 343 21.36 10.19 22.94
C ILE D 343 21.37 10.37 21.44
N THR D 344 22.56 10.25 20.85
CA THR D 344 22.72 10.45 19.41
C THR D 344 23.09 9.14 18.72
N MET D 345 22.93 9.12 17.40
CA MET D 345 23.29 7.92 16.63
C MET D 345 24.77 7.60 16.78
N GLN D 346 25.58 8.63 17.00
CA GLN D 346 27.00 8.42 17.26
C GLN D 346 27.18 7.66 18.56
N ASP D 347 26.48 8.09 19.61
CA ASP D 347 26.50 7.38 20.89
C ASP D 347 26.26 5.91 20.64
N LEU D 348 25.22 5.63 19.85
CA LEU D 348 24.82 4.26 19.54
C LEU D 348 25.90 3.55 18.74
N ALA D 349 26.64 4.31 17.93
CA ALA D 349 27.73 3.75 17.13
C ALA D 349 28.92 3.37 18.01
N GLU D 350 29.29 4.24 18.93
CA GLU D 350 30.36 3.91 19.87
C GLU D 350 30.00 2.66 20.64
N HIS D 351 28.82 2.67 21.25
CA HIS D 351 28.41 1.56 22.10
C HIS D 351 28.43 0.22 21.37
N THR D 352 27.80 0.18 20.20
CA THR D 352 27.59 -1.10 19.52
C THR D 352 28.83 -1.50 18.74
N GLN D 353 29.75 -0.55 18.56
CA GLN D 353 30.92 -0.78 17.72
C GLN D 353 30.47 -1.09 16.31
N SER D 354 29.50 -0.29 15.86
CA SER D 354 28.84 -0.49 14.59
C SER D 354 29.01 0.77 13.75
N SER D 355 29.16 0.62 12.45
CA SER D 355 29.21 1.80 11.59
C SER D 355 27.95 2.62 11.74
N ILE D 356 28.11 3.92 11.91
CA ILE D 356 26.98 4.82 12.04
C ILE D 356 26.21 4.92 10.71
N VAL D 357 26.88 4.62 9.60
CA VAL D 357 26.26 4.65 8.30
C VAL D 357 25.32 3.46 8.18
N ALA D 358 25.74 2.34 8.76
CA ALA D 358 24.91 1.16 8.86
C ALA D 358 23.70 1.41 9.76
N LEU D 359 23.97 1.92 10.97
CA LEU D 359 22.93 2.08 11.98
C LEU D 359 21.80 3.02 11.56
N MET D 360 22.16 4.14 10.94
CA MET D 360 21.16 5.11 10.50
C MET D 360 20.25 4.50 9.43
N ASN D 361 20.78 3.51 8.72
CA ASN D 361 20.06 2.85 7.63
C ASN D 361 19.30 1.61 8.08
N ASP D 362 19.17 1.42 9.40
CA ASP D 362 18.61 0.17 9.92
C ASP D 362 17.12 0.21 10.25
N PHE D 363 16.51 1.39 10.22
CA PHE D 363 15.14 1.54 10.70
C PHE D 363 14.08 0.99 9.74
N ALA D 364 13.17 0.18 10.28
CA ALA D 364 12.13 -0.50 9.51
C ALA D 364 10.91 0.39 9.29
N PRO D 365 10.10 0.08 8.26
CA PRO D 365 8.86 0.84 8.01
C PRO D 365 7.80 0.65 9.09
N ARG D 366 8.04 -0.29 10.00
CA ARG D 366 7.06 -0.64 11.00
C ARG D 366 6.87 0.49 12.01
N LEU D 367 7.94 1.22 12.30
CA LEU D 367 7.84 2.39 13.16
C LEU D 367 7.00 3.48 12.51
N GLN D 368 6.05 4.02 13.24
CA GLN D 368 5.24 5.12 12.72
C GLN D 368 6.05 6.42 12.65
N ARG D 369 6.11 7.02 11.47
CA ARG D 369 6.80 8.29 11.29
C ARG D 369 5.90 9.48 11.62
N ILE D 370 6.47 10.45 12.33
CA ILE D 370 5.79 11.71 12.62
C ILE D 370 6.76 12.87 12.37
N ILE D 371 6.30 13.93 11.71
CA ILE D 371 7.11 15.12 11.48
C ILE D 371 6.95 16.14 12.61
N VAL D 372 8.08 16.60 13.16
CA VAL D 372 8.04 17.63 14.20
C VAL D 372 8.82 18.87 13.78
N SER D 373 8.57 19.99 14.46
CA SER D 373 9.10 21.30 14.06
C SER D 373 8.08 22.07 13.24
N1 PLP E . -13.59 -14.87 -19.48
C2 PLP E . -13.15 -13.50 -19.96
C2A PLP E . -12.25 -13.38 -21.20
C3 PLP E . -13.61 -12.23 -19.21
O3 PLP E . -13.22 -10.96 -19.66
C4 PLP E . -14.50 -12.36 -18.00
C4A PLP E . -14.94 -11.10 -17.24
C5 PLP E . -14.93 -13.73 -17.52
C6 PLP E . -14.49 -15.00 -18.26
C5A PLP E . -15.92 -13.87 -16.36
O4P PLP E . -17.15 -13.83 -17.04
P PLP E . -18.56 -13.84 -16.17
O1P PLP E . -19.69 -13.58 -17.06
O2P PLP E . -18.72 -15.34 -15.50
O3P PLP E . -18.47 -12.67 -15.02
N1 PLP F . -17.67 21.61 3.27
C2 PLP F . -18.20 20.27 3.72
C2A PLP F . -18.68 20.09 5.17
C3 PLP F . -18.25 19.08 2.72
O3 PLP F . -18.75 17.84 3.13
C4 PLP F . -17.77 19.29 1.30
C4A PLP F . -17.79 18.14 0.29
C5 PLP F . -17.22 20.65 0.86
C6 PLP F . -17.18 21.83 1.85
C5A PLP F . -16.82 20.87 -0.58
O4P PLP F . -18.03 21.26 -1.15
P PLP F . -18.04 21.69 -2.73
O1P PLP F . -19.41 21.99 -3.16
O2P PLP F . -17.11 23.04 -2.87
O3P PLP F . -17.46 20.41 -3.60
N1 PLP G . -27.29 0.97 -39.88
C2 PLP G . -27.08 1.75 -41.17
C2A PLP G . -27.27 3.27 -41.16
C3 PLP G . -26.65 1.03 -42.48
O3 PLP G . -26.45 1.77 -43.64
C4 PLP G . -26.43 -0.47 -42.51
C4A PLP G . -26.00 -1.13 -43.84
C5 PLP G . -26.64 -1.23 -41.21
C6 PLP G . -27.07 -0.53 -39.91
C5A PLP G . -26.40 -2.71 -41.06
O4P PLP G . -26.65 -2.92 -39.72
P PLP G . -27.52 -4.28 -39.51
O1P PLP G . -28.68 -4.29 -40.68
O2P PLP G . -28.21 -4.36 -38.22
O3P PLP G . -26.59 -5.62 -39.80
N1 PLP H . 5.74 -16.77 21.80
C2 PLP H . 6.01 -15.30 22.02
C2A PLP H . 5.31 -14.56 23.18
C3 PLP H . 6.99 -14.55 21.10
O3 PLP H . 7.25 -13.20 21.31
C4 PLP H . 7.67 -15.30 19.95
C4A PLP H . 8.60 -14.56 19.00
C5 PLP H . 7.37 -16.77 19.74
C6 PLP H . 6.42 -17.52 20.68
C5A PLP H . 8.12 -17.57 18.66
O4P PLP H . 9.29 -17.99 19.31
P PLP H . 10.53 -18.67 18.47
O1P PLP H . 10.97 -17.66 17.25
O2P PLP H . 11.66 -18.88 19.39
O3P PLP H . 10.02 -20.12 17.85
N1 PLP I . 25.47 10.07 -5.73
C2 PLP I . 25.32 8.57 -5.87
C2A PLP I . 25.58 7.91 -7.23
C3 PLP I . 24.92 7.71 -4.64
O3 PLP I . 24.78 6.32 -4.73
C4 PLP I . 24.66 8.39 -3.31
C4A PLP I . 24.20 7.52 -2.14
C5 PLP I . 24.80 9.91 -3.18
C6 PLP I . 25.22 10.75 -4.39
C5A PLP I . 24.62 10.57 -1.82
O4P PLP I . 25.88 10.40 -1.24
P PLP I . 26.15 10.90 0.30
O1P PLP I . 25.95 12.54 0.34
O2P PLP I . 27.51 10.54 0.70
O3P PLP I . 25.06 10.14 1.28
N1 PLP J . 25.92 -6.57 40.22
C2 PLP J . 26.06 -5.60 41.37
C2A PLP J . 26.86 -4.31 41.19
C3 PLP J . 25.38 -5.90 42.73
O3 PLP J . 25.49 -4.99 43.78
C4 PLP J . 24.58 -7.17 42.94
C4A PLP J . 23.95 -7.37 44.32
C5 PLP J . 24.45 -8.16 41.77
C6 PLP J . 25.13 -7.86 40.42
C5A PLP J . 23.70 -9.49 41.83
O4P PLP J . 24.23 -10.26 40.79
P PLP J . 24.23 -11.89 40.90
O1P PLP J . 22.71 -12.43 41.26
O2P PLP J . 24.68 -12.46 39.61
O3P PLP J . 25.26 -12.38 42.10
#